data_5TEB
#
_entry.id   5TEB
#
_cell.length_a   81.890
_cell.length_b   84.330
_cell.length_c   122.750
_cell.angle_alpha   90.00
_cell.angle_beta   90.10
_cell.angle_gamma   90.00
#
_symmetry.space_group_name_H-M   'P 1 21 1'
#
_entity_poly.entity_id   1
_entity_poly.type   'polypeptide(L)'
_entity_poly.pdbx_seq_one_letter_code
;SNAKHDVFPSFHGADVRRTFLSHILESFRRKGIDTFIDNNIERSKSIGPELKEAIKGSKIAIVLLSRKYASSSWCLDELA
EIMICREVLGQIVMTIFYEVDPTDIKKQTGEFGKAFTKTCRGKPKEQVERWRKALEDVATIAGYHSHKWCDEAEMIEKIS
TDVSNMLD
;
_entity_poly.pdbx_strand_id   A,B,C,D,E,F,G,H
#
# COMPACT_ATOMS: atom_id res chain seq x y z
N ALA A 3 -9.18 2.58 -17.73
CA ALA A 3 -7.99 3.43 -17.79
C ALA A 3 -8.34 4.88 -17.44
N LYS A 4 -7.29 5.67 -17.11
CA LYS A 4 -7.47 7.05 -16.69
C LYS A 4 -6.41 7.99 -17.26
N HIS A 5 -5.33 7.47 -17.86
CA HIS A 5 -4.38 8.27 -18.60
C HIS A 5 -3.96 7.52 -19.86
N ASP A 6 -3.40 8.25 -20.82
CA ASP A 6 -2.83 7.60 -21.99
C ASP A 6 -1.40 7.16 -21.71
N VAL A 7 -0.57 8.08 -21.22
CA VAL A 7 0.86 7.86 -21.05
C VAL A 7 1.25 8.13 -19.61
N PHE A 8 1.89 7.14 -18.98
CA PHE A 8 2.69 7.36 -17.78
C PHE A 8 4.15 7.51 -18.16
N PRO A 9 4.77 8.65 -17.91
CA PRO A 9 6.20 8.83 -18.19
C PRO A 9 7.05 8.42 -17.00
N SER A 10 8.01 7.53 -17.22
CA SER A 10 8.98 7.17 -16.19
C SER A 10 10.36 7.64 -16.58
N PHE A 11 10.95 8.45 -15.72
CA PHE A 11 12.12 9.22 -16.09
C PHE A 11 12.81 9.64 -14.82
N HIS A 12 14.10 9.95 -14.93
CA HIS A 12 14.83 10.51 -13.81
C HIS A 12 15.00 12.00 -14.10
N GLY A 13 14.41 12.82 -13.24
CA GLY A 13 14.27 14.25 -13.51
C GLY A 13 15.56 14.99 -13.79
N ALA A 14 16.62 14.68 -13.02
CA ALA A 14 17.90 15.39 -13.15
C ALA A 14 18.47 15.29 -14.56
N ASP A 15 18.36 14.12 -15.17
CA ASP A 15 18.81 13.92 -16.55
C ASP A 15 17.99 14.69 -17.58
N VAL A 16 16.66 14.70 -17.44
CA VAL A 16 15.88 15.09 -18.63
C VAL A 16 14.77 16.11 -18.39
N ARG A 17 14.44 16.39 -17.13
CA ARG A 17 13.19 17.13 -16.88
C ARG A 17 13.24 18.56 -17.43
N ARG A 18 14.33 19.28 -17.20
CA ARG A 18 14.46 20.62 -17.78
C ARG A 18 14.45 20.58 -19.30
N THR A 19 15.18 19.65 -19.90
CA THR A 19 15.40 19.70 -21.33
C THR A 19 14.50 18.75 -22.13
N PHE A 20 14.96 17.52 -22.30
CA PHE A 20 14.35 16.58 -23.24
C PHE A 20 12.90 16.28 -22.92
N LEU A 21 12.58 16.02 -21.65
CA LEU A 21 11.20 15.73 -21.25
C LEU A 21 10.25 16.89 -21.50
N SER A 22 10.71 18.11 -21.22
CA SER A 22 9.91 19.29 -21.49
C SER A 22 9.44 19.39 -22.94
N HIS A 23 10.33 19.15 -23.91
CA HIS A 23 9.95 19.06 -25.31
C HIS A 23 9.02 17.89 -25.64
N ILE A 24 9.25 16.71 -25.07
CA ILE A 24 8.30 15.61 -25.26
C ILE A 24 6.90 15.98 -24.79
N LEU A 25 6.79 16.54 -23.57
CA LEU A 25 5.49 16.96 -23.06
C LEU A 25 4.82 18.03 -23.93
N GLU A 26 5.58 19.01 -24.41
CA GLU A 26 5.03 20.00 -25.33
C GLU A 26 4.46 19.35 -26.59
N SER A 27 5.21 18.44 -27.20
CA SER A 27 4.72 17.70 -28.36
C SER A 27 3.50 16.82 -28.05
N PHE A 28 3.49 16.14 -26.89
CA PHE A 28 2.31 15.35 -26.51
C PHE A 28 1.03 16.17 -26.35
N ARG A 29 1.10 17.31 -25.65
CA ARG A 29 -0.11 18.13 -25.53
C ARG A 29 -0.55 18.70 -26.88
N ARG A 30 0.41 19.04 -27.73
CA ARG A 30 0.12 19.45 -29.10
C ARG A 30 -0.66 18.37 -29.86
N LYS A 31 -0.35 17.10 -29.65
CA LYS A 31 -1.13 16.00 -30.25
C LYS A 31 -2.23 15.47 -29.34
N GLY A 32 -2.51 16.14 -28.24
CA GLY A 32 -3.60 15.75 -27.34
C GLY A 32 -3.42 14.43 -26.64
N ILE A 33 -2.20 14.10 -26.25
CA ILE A 33 -1.90 12.87 -25.55
C ILE A 33 -1.96 13.16 -24.05
N ASP A 34 -2.90 12.51 -23.36
CA ASP A 34 -3.13 12.75 -21.94
C ASP A 34 -2.03 12.09 -21.11
N THR A 35 -1.16 12.90 -20.50
CA THR A 35 0.08 12.43 -19.90
C THR A 35 0.10 12.77 -18.41
N PHE A 36 0.34 11.75 -17.58
CA PHE A 36 0.43 11.95 -16.14
C PHE A 36 1.65 12.81 -15.76
N ILE A 37 1.45 13.77 -14.85
CA ILE A 37 2.52 14.64 -14.38
C ILE A 37 2.60 14.58 -12.85
N ASP A 38 3.81 14.64 -12.30
CA ASP A 38 4.02 14.57 -10.86
C ASP A 38 5.16 15.46 -10.41
N ASN A 39 4.91 16.24 -9.34
CA ASN A 39 5.86 17.23 -8.84
C ASN A 39 7.09 16.60 -8.17
N ASN A 40 8.25 17.20 -8.44
CA ASN A 40 9.54 16.67 -8.00
C ASN A 40 9.69 16.65 -6.48
N ILE A 41 9.26 17.72 -5.79
CA ILE A 41 9.42 17.84 -4.34
C ILE A 41 8.62 16.80 -3.55
N GLU A 42 7.38 16.52 -3.96
CA GLU A 42 6.43 15.82 -3.09
C GLU A 42 6.87 14.40 -2.68
N ARG A 43 7.39 13.61 -3.62
CA ARG A 43 7.70 12.18 -3.41
C ARG A 43 8.22 11.78 -2.02
N SER A 44 7.62 10.71 -1.50
CA SER A 44 8.00 10.01 -0.28
C SER A 44 9.11 8.98 -0.55
N LYS A 45 9.58 8.32 0.51
CA LYS A 45 10.66 7.35 0.38
C LYS A 45 10.28 6.21 -0.57
N SER A 46 9.05 5.69 -0.46
CA SER A 46 8.52 4.70 -1.38
C SER A 46 7.52 5.36 -2.32
N ILE A 47 7.23 4.68 -3.43
CA ILE A 47 6.23 5.21 -4.36
C ILE A 47 4.86 5.38 -3.72
N GLY A 48 4.41 4.40 -2.94
CA GLY A 48 3.08 4.49 -2.33
C GLY A 48 1.91 4.37 -3.29
N PRO A 49 0.69 4.37 -2.74
CA PRO A 49 -0.47 3.81 -3.47
C PRO A 49 -0.96 4.68 -4.61
N GLU A 50 -0.96 6.00 -4.43
CA GLU A 50 -1.46 6.91 -5.46
C GLU A 50 -0.71 6.73 -6.76
N LEU A 51 0.62 6.63 -6.68
CA LEU A 51 1.45 6.49 -7.86
C LEU A 51 1.18 5.18 -8.61
N LYS A 52 1.10 4.08 -7.88
CA LYS A 52 0.82 2.78 -8.46
C LYS A 52 -0.52 2.74 -9.22
N GLU A 53 -1.57 3.35 -8.66
CA GLU A 53 -2.83 3.47 -9.40
C GLU A 53 -2.70 4.22 -10.73
N ALA A 54 -1.92 5.31 -10.76
CA ALA A 54 -1.63 5.99 -12.03
C ALA A 54 -0.89 5.10 -13.05
N ILE A 55 0.13 4.35 -12.62
CA ILE A 55 0.75 3.38 -13.52
C ILE A 55 -0.24 2.33 -14.01
N LYS A 56 -1.07 1.79 -13.11
CA LYS A 56 -2.14 0.88 -13.52
C LYS A 56 -3.10 1.54 -14.51
N GLY A 57 -3.44 2.79 -14.28
CA GLY A 57 -4.43 3.49 -15.08
C GLY A 57 -3.99 3.99 -16.44
N SER A 58 -2.77 3.68 -16.88
CA SER A 58 -2.23 4.22 -18.12
C SER A 58 -2.14 3.14 -19.18
N LYS A 59 -2.69 3.43 -20.36
CA LYS A 59 -2.62 2.47 -21.46
C LYS A 59 -1.17 2.25 -21.92
N ILE A 60 -0.39 3.31 -22.01
CA ILE A 60 1.01 3.21 -22.39
C ILE A 60 1.88 3.68 -21.23
N ALA A 61 2.97 2.98 -20.98
CA ALA A 61 4.03 3.47 -20.11
C ALA A 61 5.26 3.74 -20.98
N ILE A 62 5.83 4.94 -20.85
CA ILE A 62 7.02 5.35 -21.59
C ILE A 62 8.17 5.40 -20.61
N VAL A 63 9.11 4.47 -20.75
CA VAL A 63 10.30 4.45 -19.90
C VAL A 63 11.37 5.25 -20.61
N LEU A 64 11.71 6.41 -20.04
CA LEU A 64 12.78 7.25 -20.56
C LEU A 64 14.05 6.88 -19.79
N LEU A 65 14.90 6.06 -20.42
CA LEU A 65 16.10 5.54 -19.80
C LEU A 65 17.25 6.51 -20.05
N SER A 66 17.90 6.95 -18.98
CA SER A 66 18.94 7.95 -19.04
C SER A 66 20.06 7.48 -18.13
N ARG A 67 21.21 8.15 -18.23
CA ARG A 67 22.44 7.67 -17.61
C ARG A 67 22.31 7.40 -16.10
N LYS A 68 21.65 8.30 -15.37
CA LYS A 68 21.53 8.14 -13.92
C LYS A 68 20.13 7.70 -13.49
N TYR A 69 19.36 7.12 -14.41
CA TYR A 69 18.06 6.57 -14.08
C TYR A 69 18.16 5.49 -13.01
N ALA A 70 19.20 4.65 -13.07
CA ALA A 70 19.43 3.63 -12.06
C ALA A 70 19.87 4.20 -10.71
N SER A 71 20.21 5.48 -10.62
CA SER A 71 20.59 6.10 -9.35
C SER A 71 19.39 6.39 -8.45
N SER A 72 18.17 6.28 -8.97
CA SER A 72 16.94 6.55 -8.24
C SER A 72 16.24 5.25 -7.90
N SER A 73 16.09 4.97 -6.60
CA SER A 73 15.23 3.88 -6.16
C SER A 73 13.78 4.09 -6.59
N TRP A 74 13.32 5.34 -6.54
CA TRP A 74 11.99 5.71 -7.00
C TRP A 74 11.76 5.34 -8.47
N CYS A 75 12.71 5.64 -9.35
CA CYS A 75 12.59 5.22 -10.75
C CYS A 75 12.56 3.69 -10.90
N LEU A 76 13.46 2.99 -10.22
CA LEU A 76 13.48 1.53 -10.23
C LEU A 76 12.19 0.91 -9.69
N ASP A 77 11.63 1.46 -8.62
CA ASP A 77 10.30 1.04 -8.18
C ASP A 77 9.20 1.32 -9.21
N GLU A 78 9.24 2.48 -9.89
CA GLU A 78 8.32 2.70 -11.01
C GLU A 78 8.46 1.63 -12.08
N LEU A 79 9.69 1.33 -12.47
CA LEU A 79 9.92 0.34 -13.52
C LEU A 79 9.36 -1.03 -13.18
N ALA A 80 9.59 -1.50 -11.95
CA ALA A 80 9.04 -2.79 -11.54
C ALA A 80 7.51 -2.83 -11.62
N GLU A 81 6.85 -1.78 -11.15
CA GLU A 81 5.39 -1.68 -11.29
C GLU A 81 4.93 -1.66 -12.75
N ILE A 82 5.61 -0.91 -13.61
CA ILE A 82 5.31 -0.96 -15.05
C ILE A 82 5.46 -2.36 -15.64
N MET A 83 6.56 -3.05 -15.34
CA MET A 83 6.74 -4.40 -15.90
C MET A 83 5.72 -5.41 -15.39
N ILE A 84 5.37 -5.33 -14.11
CA ILE A 84 4.25 -6.11 -13.58
C ILE A 84 2.92 -5.76 -14.27
N CYS A 85 2.66 -4.47 -14.50
CA CYS A 85 1.51 -4.08 -15.31
C CYS A 85 1.54 -4.64 -16.74
N ARG A 86 2.71 -4.69 -17.37
CA ARG A 86 2.80 -5.31 -18.70
C ARG A 86 2.34 -6.78 -18.73
N GLU A 87 2.78 -7.60 -17.77
CA GLU A 87 2.28 -8.99 -17.72
C GLU A 87 0.80 -9.07 -17.37
N VAL A 88 0.34 -8.34 -16.37
CA VAL A 88 -1.01 -8.56 -15.83
C VAL A 88 -2.06 -7.78 -16.61
N LEU A 89 -1.84 -6.49 -16.82
CA LEU A 89 -2.75 -5.66 -17.59
C LEU A 89 -2.32 -5.70 -19.05
N GLY A 90 -3.06 -5.00 -19.91
CA GLY A 90 -2.68 -4.94 -21.31
C GLY A 90 -1.51 -4.01 -21.59
N GLN A 91 -1.22 -3.11 -20.64
CA GLN A 91 -0.27 -2.00 -20.71
C GLN A 91 0.91 -2.18 -21.66
N ILE A 92 1.06 -1.19 -22.54
CA ILE A 92 2.10 -1.14 -23.57
C ILE A 92 3.29 -0.38 -22.99
N VAL A 93 4.49 -0.91 -23.16
CA VAL A 93 5.72 -0.28 -22.67
C VAL A 93 6.57 0.16 -23.86
N MET A 94 6.90 1.45 -23.90
CA MET A 94 7.83 2.01 -24.87
C MET A 94 9.12 2.44 -24.18
N THR A 95 10.22 2.37 -24.91
CA THR A 95 11.52 2.67 -24.35
C THR A 95 12.18 3.80 -25.14
N ILE A 96 12.66 4.81 -24.44
CA ILE A 96 13.51 5.83 -25.05
C ILE A 96 14.86 5.67 -24.38
N PHE A 97 15.85 5.27 -25.17
CA PHE A 97 17.24 5.14 -24.73
C PHE A 97 17.90 6.47 -24.98
N TYR A 98 17.98 7.29 -23.94
CA TYR A 98 18.49 8.65 -24.05
C TYR A 98 19.95 8.66 -23.60
N GLU A 99 20.85 8.69 -24.58
CA GLU A 99 22.31 8.72 -24.36
C GLU A 99 22.81 7.54 -23.54
N VAL A 100 22.14 6.38 -23.64
CA VAL A 100 22.56 5.15 -22.98
C VAL A 100 22.37 4.00 -23.96
N ASP A 101 23.31 2.98 -23.90
CA ASP A 101 23.12 1.81 -24.75
C ASP A 101 22.28 0.75 -24.03
N PRO A 102 21.48 -0.03 -24.76
CA PRO A 102 20.66 -1.04 -24.09
C PRO A 102 21.48 -2.14 -23.40
N THR A 103 22.69 -2.43 -23.88
CA THR A 103 23.52 -3.46 -23.25
C THR A 103 23.86 -3.11 -21.80
N ASP A 104 24.18 -1.85 -21.53
CA ASP A 104 24.35 -1.39 -20.15
C ASP A 104 23.07 -1.54 -19.33
N ILE A 105 21.92 -1.20 -19.90
CA ILE A 105 20.65 -1.48 -19.23
C ILE A 105 20.46 -2.97 -19.01
N LYS A 106 20.67 -3.78 -20.07
CA LYS A 106 20.42 -5.21 -19.98
C LYS A 106 21.30 -5.89 -18.94
N LYS A 107 22.58 -5.56 -18.91
CA LYS A 107 23.54 -6.28 -18.08
C LYS A 107 23.95 -5.54 -16.81
N GLN A 108 23.45 -4.31 -16.61
CA GLN A 108 23.77 -3.51 -15.43
C GLN A 108 25.26 -3.13 -15.43
N THR A 109 25.79 -2.86 -16.63
CA THR A 109 27.19 -2.56 -16.83
C THR A 109 27.37 -1.06 -17.05
N GLY A 110 28.62 -0.63 -17.03
CA GLY A 110 29.02 0.76 -17.16
C GLY A 110 28.50 1.70 -16.08
N GLU A 111 28.48 2.98 -16.44
CA GLU A 111 28.05 4.03 -15.52
C GLU A 111 26.63 3.81 -15.02
N PHE A 112 25.75 3.31 -15.89
CA PHE A 112 24.42 2.88 -15.45
C PHE A 112 24.50 1.77 -14.40
N GLY A 113 25.34 0.77 -14.65
CA GLY A 113 25.64 -0.23 -13.63
C GLY A 113 26.23 0.32 -12.34
N LYS A 114 27.17 1.26 -12.44
CA LYS A 114 27.72 1.91 -11.25
C LYS A 114 26.64 2.63 -10.43
N ALA A 115 25.77 3.39 -11.09
CA ALA A 115 24.64 4.00 -10.40
C ALA A 115 23.72 2.95 -9.75
N PHE A 116 23.43 1.88 -10.48
CA PHE A 116 22.63 0.78 -9.93
C PHE A 116 23.28 0.15 -8.69
N THR A 117 24.59 -0.13 -8.76
CA THR A 117 25.30 -0.74 -7.63
C THR A 117 25.23 0.12 -6.36
N LYS A 118 25.44 1.43 -6.48
CA LYS A 118 25.28 2.33 -5.34
C LYS A 118 23.84 2.35 -4.78
N THR A 119 22.83 2.36 -5.66
CA THR A 119 21.45 2.29 -5.19
C THR A 119 21.13 0.99 -4.44
N CYS A 120 21.64 -0.15 -4.90
CA CYS A 120 21.35 -1.43 -4.24
C CYS A 120 22.03 -1.63 -2.89
N ARG A 121 23.09 -0.91 -2.60
CA ARG A 121 23.64 -0.91 -1.24
C ARG A 121 22.63 -0.51 -0.17
N GLY A 122 22.29 -1.47 0.69
CA GLY A 122 21.32 -1.29 1.75
C GLY A 122 19.92 -1.77 1.48
N LYS A 123 19.69 -2.48 0.36
CA LYS A 123 18.35 -2.84 -0.09
C LYS A 123 18.13 -4.35 0.01
N PRO A 124 16.94 -4.79 0.47
CA PRO A 124 16.56 -6.21 0.40
C PRO A 124 16.93 -6.95 -0.88
N LYS A 125 17.37 -8.20 -0.70
CA LYS A 125 17.77 -9.05 -1.83
C LYS A 125 16.63 -9.30 -2.84
N GLU A 126 15.42 -9.57 -2.35
CA GLU A 126 14.26 -9.73 -3.24
C GLU A 126 13.94 -8.47 -4.04
N GLN A 127 13.99 -7.30 -3.39
CA GLN A 127 13.79 -6.03 -4.10
C GLN A 127 14.87 -5.76 -5.16
N VAL A 128 16.14 -5.98 -4.81
CA VAL A 128 17.24 -5.85 -5.77
C VAL A 128 17.08 -6.78 -6.97
N GLU A 129 16.70 -8.03 -6.73
CA GLU A 129 16.40 -8.95 -7.84
C GLU A 129 15.22 -8.49 -8.70
N ARG A 130 14.14 -7.99 -8.08
CA ARG A 130 13.05 -7.41 -8.87
C ARG A 130 13.51 -6.25 -9.75
N TRP A 131 14.30 -5.31 -9.20
CA TRP A 131 14.85 -4.25 -10.04
C TRP A 131 15.76 -4.79 -11.15
N ARG A 132 16.67 -5.69 -10.79
CA ARG A 132 17.60 -6.25 -11.77
C ARG A 132 16.89 -6.99 -12.90
N LYS A 133 15.91 -7.82 -12.55
CA LYS A 133 15.09 -8.49 -13.56
C LYS A 133 14.31 -7.52 -14.46
N ALA A 134 13.68 -6.50 -13.86
CA ALA A 134 13.00 -5.49 -14.66
C ALA A 134 13.93 -4.75 -15.62
N LEU A 135 15.10 -4.32 -15.14
CA LEU A 135 16.07 -3.71 -16.04
C LEU A 135 16.49 -4.65 -17.18
N GLU A 136 16.77 -5.91 -16.86
CA GLU A 136 17.11 -6.90 -17.89
C GLU A 136 15.98 -7.08 -18.90
N ASP A 137 14.74 -7.19 -18.43
CA ASP A 137 13.60 -7.25 -19.35
C ASP A 137 13.44 -5.97 -20.18
N VAL A 138 13.53 -4.80 -19.54
CA VAL A 138 13.27 -3.51 -20.22
C VAL A 138 14.21 -3.28 -21.41
N ALA A 139 15.47 -3.67 -21.29
CA ALA A 139 16.40 -3.46 -22.41
C ALA A 139 16.06 -4.30 -23.64
N THR A 140 15.28 -5.39 -23.53
CA THR A 140 14.93 -6.18 -24.70
C THR A 140 13.83 -5.53 -25.50
N ILE A 141 13.09 -4.59 -24.90
CA ILE A 141 12.04 -3.82 -25.59
C ILE A 141 12.70 -2.88 -26.59
N ALA A 142 12.43 -3.11 -27.87
CA ALA A 142 12.96 -2.25 -28.93
C ALA A 142 12.36 -0.86 -28.84
N GLY A 143 13.21 0.16 -28.94
CA GLY A 143 12.78 1.53 -28.71
C GLY A 143 13.55 2.54 -29.55
N TYR A 144 13.58 3.80 -29.10
CA TYR A 144 14.16 4.93 -29.81
C TYR A 144 15.48 5.30 -29.16
N HIS A 145 16.48 5.66 -29.96
CA HIS A 145 17.83 5.89 -29.47
C HIS A 145 18.25 7.33 -29.82
N SER A 146 18.45 8.16 -28.78
CA SER A 146 18.73 9.57 -29.02
C SER A 146 20.03 9.76 -29.82
N HIS A 147 21.03 8.91 -29.55
CA HIS A 147 22.31 8.98 -30.24
C HIS A 147 22.15 8.79 -31.74
N LYS A 148 21.20 7.96 -32.17
CA LYS A 148 21.05 7.60 -33.58
C LYS A 148 20.10 8.53 -34.34
N TRP A 149 19.59 9.59 -33.73
CA TRP A 149 18.78 10.58 -34.42
C TRP A 149 19.51 11.92 -34.55
N CYS A 150 19.64 12.37 -35.79
CA CYS A 150 20.33 13.62 -36.09
C CYS A 150 19.60 14.83 -35.52
N ASP A 151 18.29 14.84 -35.61
CA ASP A 151 17.44 15.92 -35.14
C ASP A 151 16.58 15.42 -33.97
N GLU A 152 16.89 15.92 -32.78
CA GLU A 152 16.13 15.54 -31.59
C GLU A 152 14.67 15.98 -31.69
N ALA A 153 14.41 17.19 -32.19
CA ALA A 153 13.03 17.58 -32.44
C ALA A 153 12.30 16.65 -33.39
N GLU A 154 12.94 16.23 -34.48
CA GLU A 154 12.37 15.21 -35.36
C GLU A 154 12.14 13.88 -34.67
N MET A 155 13.08 13.43 -33.85
CA MET A 155 12.85 12.20 -33.07
C MET A 155 11.62 12.30 -32.17
N ILE A 156 11.50 13.39 -31.42
CA ILE A 156 10.33 13.57 -30.54
C ILE A 156 9.03 13.54 -31.33
N GLU A 157 9.00 14.19 -32.49
CA GLU A 157 7.80 14.17 -33.33
C GLU A 157 7.42 12.75 -33.77
N LYS A 158 8.41 11.93 -34.09
CA LYS A 158 8.16 10.50 -34.31
C LYS A 158 7.62 9.77 -33.08
N ILE A 159 8.17 10.07 -31.88
CA ILE A 159 7.60 9.48 -30.66
C ILE A 159 6.12 9.81 -30.54
N SER A 160 5.77 11.08 -30.68
CA SER A 160 4.37 11.49 -30.59
C SER A 160 3.50 10.82 -31.65
N THR A 161 3.98 10.74 -32.88
CA THR A 161 3.22 10.07 -33.94
C THR A 161 2.97 8.60 -33.62
N ASP A 162 4.01 7.87 -33.22
CA ASP A 162 3.81 6.50 -32.76
C ASP A 162 2.93 6.39 -31.52
N VAL A 163 3.12 7.25 -30.53
CA VAL A 163 2.25 7.23 -29.34
C VAL A 163 0.78 7.47 -29.70
N SER A 164 0.50 8.50 -30.49
CA SER A 164 -0.87 8.74 -30.94
C SER A 164 -1.47 7.57 -31.74
N ASN A 165 -0.69 6.96 -32.64
CA ASN A 165 -1.14 5.79 -33.38
C ASN A 165 -1.51 4.61 -32.48
N MET A 166 -0.78 4.39 -31.40
CA MET A 166 -1.14 3.28 -30.52
C MET A 166 -2.37 3.53 -29.66
N LEU A 167 -2.74 4.79 -29.41
CA LEU A 167 -3.91 5.03 -28.57
C LEU A 167 -5.18 5.38 -29.34
N ASP A 168 -5.11 5.55 -30.65
CA ASP A 168 -6.33 5.78 -31.43
C ASP A 168 -6.93 4.49 -32.04
N ALA B 3 13.05 43.22 -47.51
CA ALA B 3 13.73 42.14 -46.79
C ALA B 3 13.59 40.79 -47.48
N LYS B 4 14.53 39.87 -47.22
CA LYS B 4 14.52 38.53 -47.79
C LYS B 4 14.18 37.44 -46.79
N HIS B 5 14.35 37.70 -45.48
CA HIS B 5 14.09 36.71 -44.45
C HIS B 5 13.71 37.43 -43.17
N ASP B 6 13.09 36.69 -42.25
CA ASP B 6 12.70 37.28 -40.98
C ASP B 6 13.83 37.17 -39.96
N VAL B 7 14.33 35.96 -39.74
CA VAL B 7 15.32 35.67 -38.71
C VAL B 7 16.55 35.03 -39.36
N PHE B 8 17.72 35.60 -39.08
CA PHE B 8 18.99 34.92 -39.32
C PHE B 8 19.50 34.39 -38.00
N PRO B 9 19.57 33.08 -37.79
CA PRO B 9 20.19 32.58 -36.56
C PRO B 9 21.69 32.37 -36.76
N SER B 10 22.48 32.83 -35.79
CA SER B 10 23.91 32.56 -35.75
C SER B 10 24.21 31.65 -34.57
N PHE B 11 24.92 30.56 -34.84
CA PHE B 11 25.05 29.49 -33.86
C PHE B 11 26.27 28.66 -34.19
N HIS B 12 26.70 27.87 -33.21
CA HIS B 12 27.79 26.94 -33.41
C HIS B 12 27.18 25.55 -33.45
N GLY B 13 27.22 24.94 -34.64
CA GLY B 13 26.46 23.73 -34.90
C GLY B 13 26.72 22.60 -33.92
N ALA B 14 27.99 22.38 -33.57
CA ALA B 14 28.35 21.32 -32.64
C ALA B 14 27.68 21.50 -31.27
N ASP B 15 27.65 22.73 -30.78
CA ASP B 15 27.00 23.01 -29.50
C ASP B 15 25.48 22.77 -29.53
N VAL B 16 24.79 23.19 -30.58
CA VAL B 16 23.33 23.28 -30.45
C VAL B 16 22.48 22.68 -31.56
N ARG B 17 23.07 22.30 -32.71
CA ARG B 17 22.23 21.94 -33.85
C ARG B 17 21.40 20.70 -33.57
N ARG B 18 22.00 19.67 -32.98
CA ARG B 18 21.27 18.43 -32.71
C ARG B 18 20.08 18.68 -31.78
N THR B 19 20.28 19.47 -30.73
CA THR B 19 19.32 19.55 -29.63
C THR B 19 18.62 20.89 -29.61
N PHE B 20 19.17 21.90 -28.94
CA PHE B 20 18.46 23.15 -28.65
C PHE B 20 17.96 23.87 -29.91
N LEU B 21 18.80 23.98 -30.95
CA LEU B 21 18.36 24.69 -32.14
C LEU B 21 17.25 23.97 -32.92
N SER B 22 17.26 22.63 -32.93
CA SER B 22 16.20 21.90 -33.64
C SER B 22 14.82 22.23 -33.07
N HIS B 23 14.70 22.32 -31.75
CA HIS B 23 13.49 22.81 -31.09
C HIS B 23 13.16 24.26 -31.38
N ILE B 24 14.15 25.15 -31.39
CA ILE B 24 13.88 26.53 -31.79
C ILE B 24 13.32 26.61 -33.21
N LEU B 25 13.94 25.93 -34.16
CA LEU B 25 13.44 25.91 -35.53
C LEU B 25 12.03 25.31 -35.63
N GLU B 26 11.78 24.21 -34.93
CA GLU B 26 10.44 23.63 -34.88
C GLU B 26 9.40 24.59 -34.29
N SER B 27 9.73 25.28 -33.20
CA SER B 27 8.82 26.31 -32.69
C SER B 27 8.64 27.46 -33.65
N PHE B 28 9.72 27.95 -34.27
CA PHE B 28 9.60 29.01 -35.28
C PHE B 28 8.69 28.61 -36.44
N ARG B 29 8.78 27.36 -36.87
CA ARG B 29 7.89 26.88 -37.93
C ARG B 29 6.41 27.02 -37.57
N ARG B 30 6.02 26.65 -36.36
CA ARG B 30 4.65 26.85 -35.92
C ARG B 30 4.23 28.31 -35.86
N LYS B 31 5.13 29.19 -35.44
CA LYS B 31 4.80 30.61 -35.42
C LYS B 31 4.78 31.23 -36.82
N GLY B 32 5.43 30.60 -37.79
CA GLY B 32 5.49 31.12 -39.15
C GLY B 32 6.61 32.10 -39.35
N ILE B 33 7.71 31.89 -38.67
CA ILE B 33 8.87 32.78 -38.74
C ILE B 33 9.79 32.28 -39.85
N ASP B 34 10.02 33.13 -40.85
CA ASP B 34 10.84 32.75 -41.99
C ASP B 34 12.32 32.82 -41.63
N THR B 35 12.95 31.65 -41.44
CA THR B 35 14.26 31.55 -40.84
C THR B 35 15.27 31.07 -41.89
N PHE B 36 16.36 31.80 -42.04
CA PHE B 36 17.44 31.37 -42.93
C PHE B 36 18.08 30.08 -42.43
N ILE B 37 17.87 28.99 -43.15
CA ILE B 37 18.50 27.70 -42.83
C ILE B 37 19.80 27.58 -43.62
N ASP B 38 20.87 27.15 -42.94
CA ASP B 38 22.19 27.03 -43.56
C ASP B 38 22.32 25.69 -44.29
N ASN B 39 22.62 25.73 -45.59
CA ASN B 39 22.70 24.55 -46.44
C ASN B 39 24.13 24.04 -46.62
N ASN B 40 25.09 24.67 -45.97
CA ASN B 40 26.50 24.33 -46.12
C ASN B 40 26.96 23.34 -45.06
N ILE B 41 27.90 22.48 -45.45
CA ILE B 41 28.52 21.51 -44.54
C ILE B 41 29.97 21.95 -44.31
N GLU B 42 30.84 21.72 -45.31
CA GLU B 42 32.23 22.14 -45.23
C GLU B 42 32.37 23.62 -45.63
N ARG B 43 31.65 24.45 -44.87
CA ARG B 43 31.67 25.91 -44.91
C ARG B 43 33.01 26.56 -45.25
N SER B 44 34.10 26.08 -44.65
CA SER B 44 35.49 26.41 -44.97
C SER B 44 35.93 27.70 -44.30
N LYS B 45 35.17 28.22 -43.33
CA LYS B 45 35.64 29.09 -42.26
C LYS B 45 35.94 30.53 -42.69
N SER B 46 35.56 30.93 -43.91
CA SER B 46 35.50 32.35 -44.25
C SER B 46 34.15 32.65 -44.88
N ILE B 47 33.50 33.70 -44.35
CA ILE B 47 32.07 33.88 -44.52
C ILE B 47 31.65 34.01 -45.99
N GLY B 48 32.41 34.73 -46.80
CA GLY B 48 32.10 34.88 -48.20
C GLY B 48 30.79 35.63 -48.44
N PRO B 49 30.45 35.84 -49.74
CA PRO B 49 29.45 36.84 -50.11
C PRO B 49 28.00 36.46 -49.86
N GLU B 50 27.66 35.20 -50.11
CA GLU B 50 26.26 34.77 -50.07
C GLU B 50 25.63 34.93 -48.71
N LEU B 51 26.33 34.53 -47.64
CA LEU B 51 25.81 34.67 -46.27
C LEU B 51 25.57 36.11 -45.85
N LYS B 52 26.53 37.00 -46.11
CA LYS B 52 26.37 38.39 -45.70
C LYS B 52 25.17 39.07 -46.37
N GLU B 53 24.91 38.78 -47.65
CA GLU B 53 23.67 39.24 -48.27
C GLU B 53 22.41 38.70 -47.57
N ALA B 54 22.43 37.43 -47.15
CA ALA B 54 21.34 36.88 -46.34
C ALA B 54 21.17 37.57 -44.97
N ILE B 55 22.28 37.84 -44.28
CA ILE B 55 22.23 38.64 -43.06
C ILE B 55 21.65 40.03 -43.32
N LYS B 56 22.12 40.70 -44.39
CA LYS B 56 21.54 41.99 -44.75
C LYS B 56 20.04 41.93 -45.00
N GLY B 57 19.57 40.87 -45.63
CA GLY B 57 18.15 40.74 -45.90
C GLY B 57 17.28 40.34 -44.72
N SER B 58 17.86 40.00 -43.58
CA SER B 58 17.09 39.50 -42.44
C SER B 58 16.73 40.62 -41.47
N LYS B 59 15.43 40.72 -41.14
CA LYS B 59 14.97 41.75 -40.20
C LYS B 59 15.61 41.58 -38.83
N ILE B 60 15.64 40.34 -38.33
CA ILE B 60 16.12 40.00 -37.00
C ILE B 60 17.31 39.05 -37.13
N ALA B 61 18.33 39.27 -36.32
CA ALA B 61 19.43 38.32 -36.14
C ALA B 61 19.43 37.81 -34.71
N ILE B 62 19.49 36.49 -34.56
CA ILE B 62 19.48 35.86 -33.25
C ILE B 62 20.84 35.22 -33.05
N VAL B 63 21.62 35.78 -32.12
CA VAL B 63 22.96 35.29 -31.84
C VAL B 63 22.83 34.29 -30.70
N LEU B 64 22.99 33.02 -31.03
CA LEU B 64 22.91 31.92 -30.06
C LEU B 64 24.32 31.67 -29.55
N LEU B 65 24.66 32.33 -28.44
CA LEU B 65 26.00 32.25 -27.86
C LEU B 65 26.14 31.01 -27.00
N SER B 66 27.17 30.22 -27.27
CA SER B 66 27.32 28.92 -26.64
C SER B 66 28.77 28.69 -26.25
N ARG B 67 28.99 27.62 -25.47
CA ARG B 67 30.25 27.39 -24.77
C ARG B 67 31.47 27.42 -25.70
N LYS B 68 31.36 26.83 -26.88
CA LYS B 68 32.47 26.79 -27.83
C LYS B 68 32.18 27.60 -29.09
N TYR B 69 31.25 28.55 -29.00
CA TYR B 69 30.91 29.41 -30.12
C TYR B 69 32.13 30.16 -30.65
N ALA B 70 32.98 30.64 -29.76
CA ALA B 70 34.16 31.38 -30.22
C ALA B 70 35.34 30.47 -30.58
N SER B 71 35.12 29.16 -30.66
CA SER B 71 36.08 28.27 -31.31
C SER B 71 36.02 28.32 -32.83
N SER B 72 34.93 28.85 -33.39
CA SER B 72 34.72 28.90 -34.83
C SER B 72 34.88 30.32 -35.32
N SER B 73 35.87 30.53 -36.19
CA SER B 73 36.06 31.82 -36.85
C SER B 73 34.85 32.19 -37.69
N TRP B 74 34.23 31.19 -38.32
CA TRP B 74 33.00 31.41 -39.09
C TRP B 74 31.90 32.08 -38.26
N CYS B 75 31.67 31.57 -37.05
CA CYS B 75 30.66 32.18 -36.16
C CYS B 75 31.00 33.62 -35.80
N LEU B 76 32.26 33.88 -35.42
CA LEU B 76 32.71 35.24 -35.13
C LEU B 76 32.58 36.18 -36.33
N ASP B 77 32.94 35.73 -37.54
CA ASP B 77 32.68 36.51 -38.75
C ASP B 77 31.19 36.78 -38.98
N GLU B 78 30.33 35.79 -38.75
CA GLU B 78 28.89 36.08 -38.74
C GLU B 78 28.49 37.15 -37.73
N LEU B 79 28.99 37.03 -36.50
CA LEU B 79 28.69 38.03 -35.48
C LEU B 79 29.18 39.42 -35.85
N ALA B 80 30.41 39.54 -36.34
CA ALA B 80 30.90 40.85 -36.79
C ALA B 80 30.03 41.47 -37.88
N GLU B 81 29.66 40.69 -38.90
CA GLU B 81 28.74 41.16 -39.93
C GLU B 81 27.38 41.54 -39.39
N ILE B 82 26.83 40.73 -38.48
CA ILE B 82 25.58 41.08 -37.81
C ILE B 82 25.69 42.39 -37.02
N MET B 83 26.77 42.56 -36.26
CA MET B 83 26.98 43.81 -35.53
C MET B 83 27.22 45.01 -36.44
N ILE B 84 27.92 44.84 -37.55
CA ILE B 84 27.99 45.91 -38.55
C ILE B 84 26.60 46.25 -39.09
N CYS B 85 25.82 45.24 -39.46
CA CYS B 85 24.44 45.47 -39.88
C CYS B 85 23.59 46.13 -38.79
N ARG B 86 23.81 45.76 -37.54
CA ARG B 86 23.08 46.38 -36.44
C ARG B 86 23.27 47.89 -36.35
N GLU B 87 24.51 48.38 -36.49
CA GLU B 87 24.76 49.82 -36.44
C GLU B 87 24.17 50.59 -37.63
N VAL B 88 24.37 50.09 -38.85
CA VAL B 88 24.06 50.87 -40.05
C VAL B 88 22.73 50.51 -40.70
N LEU B 89 22.07 49.44 -40.26
CA LEU B 89 20.71 49.11 -40.70
C LEU B 89 19.84 48.98 -39.45
N GLY B 90 18.53 48.97 -39.66
CA GLY B 90 17.62 48.77 -38.54
C GLY B 90 17.50 47.33 -38.10
N GLN B 91 18.60 46.59 -38.06
CA GLN B 91 18.52 45.17 -37.76
C GLN B 91 18.41 44.94 -36.25
N ILE B 92 17.38 44.18 -35.86
CA ILE B 92 17.15 43.83 -34.46
C ILE B 92 18.03 42.63 -34.12
N VAL B 93 18.91 42.80 -33.15
CA VAL B 93 19.82 41.73 -32.74
C VAL B 93 19.36 41.18 -31.40
N MET B 94 19.03 39.90 -31.36
CA MET B 94 18.64 39.20 -30.15
C MET B 94 19.72 38.19 -29.73
N THR B 95 19.85 38.02 -28.43
CA THR B 95 20.88 37.15 -27.86
C THR B 95 20.25 36.01 -27.08
N ILE B 96 20.75 34.81 -27.29
CA ILE B 96 20.50 33.69 -26.41
C ILE B 96 21.85 33.31 -25.82
N PHE B 97 21.95 33.37 -24.49
CA PHE B 97 23.12 32.93 -23.75
C PHE B 97 22.88 31.49 -23.32
N TYR B 98 23.43 30.54 -24.08
CA TYR B 98 23.15 29.12 -23.86
C TYR B 98 24.30 28.52 -23.06
N GLU B 99 24.07 28.38 -21.75
CA GLU B 99 25.05 27.85 -20.79
C GLU B 99 26.26 28.74 -20.62
N VAL B 100 26.19 30.02 -21.01
CA VAL B 100 27.34 30.92 -20.97
C VAL B 100 27.00 32.17 -20.17
N ASP B 101 28.03 32.72 -19.50
CA ASP B 101 27.81 33.93 -18.73
C ASP B 101 28.14 35.16 -19.58
N PRO B 102 27.22 36.14 -19.71
CA PRO B 102 27.55 37.37 -20.45
C PRO B 102 28.90 38.01 -20.13
N THR B 103 29.29 38.04 -18.85
CA THR B 103 30.60 38.56 -18.46
C THR B 103 31.76 37.82 -19.13
N ASP B 104 31.68 36.49 -19.18
CA ASP B 104 32.67 35.71 -19.92
C ASP B 104 32.70 36.02 -21.41
N ILE B 105 31.52 36.23 -22.03
CA ILE B 105 31.49 36.73 -23.40
C ILE B 105 32.13 38.12 -23.50
N LYS B 106 31.74 39.02 -22.60
CA LYS B 106 32.13 40.43 -22.68
C LYS B 106 33.65 40.64 -22.62
N LYS B 107 34.35 39.96 -21.70
CA LYS B 107 35.80 40.13 -21.59
C LYS B 107 36.58 38.86 -21.91
N GLN B 108 35.94 37.89 -22.56
CA GLN B 108 36.59 36.71 -23.15
C GLN B 108 37.33 35.88 -22.09
N THR B 109 36.55 35.33 -21.16
CA THR B 109 37.10 34.66 -20.00
C THR B 109 36.41 33.31 -19.85
N GLY B 110 36.94 32.51 -18.93
CA GLY B 110 36.57 31.11 -18.78
C GLY B 110 36.86 30.24 -20.00
N GLU B 111 36.13 29.12 -20.06
CA GLU B 111 36.28 28.17 -21.16
C GLU B 111 35.99 28.82 -22.50
N PHE B 112 34.99 29.72 -22.55
CA PHE B 112 34.71 30.51 -23.74
C PHE B 112 35.91 31.36 -24.16
N GLY B 113 36.56 32.02 -23.19
CA GLY B 113 37.80 32.72 -23.47
C GLY B 113 38.94 31.84 -23.96
N LYS B 114 39.14 30.68 -23.31
CA LYS B 114 40.15 29.72 -23.77
C LYS B 114 39.92 29.25 -25.21
N ALA B 115 38.68 28.98 -25.58
CA ALA B 115 38.34 28.70 -26.98
C ALA B 115 38.64 29.87 -27.92
N PHE B 116 38.32 31.10 -27.50
CA PHE B 116 38.64 32.28 -28.29
C PHE B 116 40.14 32.48 -28.52
N THR B 117 40.95 32.45 -27.45
CA THR B 117 42.41 32.62 -27.58
C THR B 117 43.07 31.50 -28.38
N LYS B 118 42.65 30.25 -28.16
CA LYS B 118 43.13 29.14 -28.98
C LYS B 118 42.84 29.31 -30.46
N THR B 119 41.63 29.76 -30.79
CA THR B 119 41.25 29.96 -32.19
C THR B 119 41.88 31.20 -32.83
N CYS B 120 42.30 32.19 -32.04
CA CYS B 120 42.98 33.39 -32.55
C CYS B 120 44.43 33.18 -33.00
N ARG B 121 45.06 32.06 -32.67
CA ARG B 121 46.38 31.73 -33.20
C ARG B 121 46.45 31.79 -34.72
N GLY B 122 47.47 32.51 -35.23
CA GLY B 122 47.76 32.70 -36.64
C GLY B 122 46.94 33.76 -37.36
N LYS B 123 45.97 34.40 -36.71
CA LYS B 123 45.22 35.46 -37.38
C LYS B 123 45.86 36.83 -37.20
N PRO B 124 45.77 37.67 -38.24
CA PRO B 124 45.95 39.12 -38.07
C PRO B 124 45.34 39.72 -36.81
N LYS B 125 46.10 40.60 -36.16
CA LYS B 125 45.63 41.25 -34.94
C LYS B 125 44.38 42.09 -35.18
N GLU B 126 44.26 42.70 -36.37
CA GLU B 126 43.05 43.44 -36.73
C GLU B 126 41.81 42.54 -36.78
N GLN B 127 41.93 41.37 -37.37
CA GLN B 127 40.83 40.42 -37.37
C GLN B 127 40.46 39.94 -35.96
N VAL B 128 41.46 39.62 -35.15
CA VAL B 128 41.23 39.30 -33.74
C VAL B 128 40.53 40.44 -33.01
N GLU B 129 40.96 41.69 -33.24
CA GLU B 129 40.24 42.84 -32.70
C GLU B 129 38.80 42.95 -33.21
N ARG B 130 38.55 42.65 -34.50
CA ARG B 130 37.16 42.67 -34.99
C ARG B 130 36.26 41.73 -34.19
N TRP B 131 36.71 40.49 -34.00
CA TRP B 131 36.00 39.52 -33.18
C TRP B 131 35.86 39.95 -31.72
N ARG B 132 36.95 40.41 -31.12
CA ARG B 132 36.90 40.87 -29.73
C ARG B 132 35.92 42.02 -29.52
N LYS B 133 35.94 43.02 -30.39
CA LYS B 133 34.96 44.09 -30.31
C LYS B 133 33.53 43.62 -30.52
N ALA B 134 33.31 42.76 -31.51
CA ALA B 134 31.98 42.19 -31.72
C ALA B 134 31.47 41.39 -30.52
N LEU B 135 32.31 40.53 -29.93
CA LEU B 135 31.96 39.86 -28.68
C LEU B 135 31.68 40.84 -27.53
N GLU B 136 32.52 41.85 -27.36
CA GLU B 136 32.30 42.87 -26.34
C GLU B 136 30.99 43.63 -26.50
N ASP B 137 30.68 44.07 -27.73
CA ASP B 137 29.40 44.75 -27.96
C ASP B 137 28.18 43.84 -27.79
N VAL B 138 28.24 42.59 -28.25
CA VAL B 138 27.04 41.74 -28.25
C VAL B 138 26.67 41.30 -26.84
N ALA B 139 27.65 41.20 -25.94
CA ALA B 139 27.39 40.78 -24.57
C ALA B 139 26.56 41.78 -23.78
N THR B 140 26.40 43.01 -24.26
CA THR B 140 25.60 44.02 -23.58
C THR B 140 24.17 44.05 -24.09
N ILE B 141 23.82 43.20 -25.06
CA ILE B 141 22.44 43.11 -25.54
C ILE B 141 21.66 42.17 -24.62
N ALA B 142 20.61 42.70 -23.99
CA ALA B 142 19.78 41.93 -23.07
C ALA B 142 19.07 40.79 -23.80
N GLY B 143 19.15 39.59 -23.23
CA GLY B 143 18.69 38.39 -23.89
C GLY B 143 18.23 37.30 -22.94
N TYR B 144 18.06 36.08 -23.48
CA TYR B 144 17.55 34.92 -22.78
C TYR B 144 18.70 34.05 -22.29
N HIS B 145 18.57 33.52 -21.08
CA HIS B 145 19.62 32.70 -20.47
C HIS B 145 19.08 31.32 -20.18
N SER B 146 19.68 30.30 -20.80
CA SER B 146 19.16 28.94 -20.66
C SER B 146 19.22 28.46 -19.20
N HIS B 147 20.24 28.87 -18.44
CA HIS B 147 20.32 28.56 -17.01
C HIS B 147 19.14 29.09 -16.20
N LYS B 148 18.58 30.24 -16.60
CA LYS B 148 17.52 30.88 -15.82
C LYS B 148 16.17 30.18 -15.94
N TRP B 149 15.94 29.33 -16.93
CA TRP B 149 14.62 28.79 -17.19
C TRP B 149 14.67 27.28 -16.99
N CYS B 150 13.79 26.75 -16.13
CA CYS B 150 13.87 25.34 -15.74
C CYS B 150 12.94 24.46 -16.59
N ASP B 151 12.21 25.07 -17.51
CA ASP B 151 11.51 24.37 -18.59
C ASP B 151 12.04 25.00 -19.87
N GLU B 152 12.80 24.22 -20.63
CA GLU B 152 13.45 24.73 -21.83
C GLU B 152 12.45 25.04 -22.94
N ALA B 153 11.44 24.17 -23.11
CA ALA B 153 10.35 24.47 -24.02
C ALA B 153 9.65 25.76 -23.66
N GLU B 154 9.45 26.01 -22.36
CA GLU B 154 8.83 27.24 -21.92
C GLU B 154 9.63 28.48 -22.36
N MET B 155 10.96 28.43 -22.22
CA MET B 155 11.78 29.52 -22.75
C MET B 155 11.64 29.71 -24.24
N ILE B 156 11.73 28.62 -25.00
CA ILE B 156 11.61 28.68 -26.46
C ILE B 156 10.28 29.26 -26.92
N GLU B 157 9.19 28.85 -26.27
CA GLU B 157 7.89 29.46 -26.52
C GLU B 157 7.87 30.96 -26.25
N LYS B 158 8.49 31.40 -25.15
CA LYS B 158 8.68 32.85 -24.95
C LYS B 158 9.54 33.50 -26.03
N ILE B 159 10.65 32.87 -26.40
CA ILE B 159 11.50 33.41 -27.48
C ILE B 159 10.74 33.54 -28.79
N SER B 160 10.11 32.45 -29.24
CA SER B 160 9.36 32.48 -30.49
C SER B 160 8.17 33.45 -30.43
N THR B 161 7.48 33.51 -29.30
CA THR B 161 6.46 34.54 -29.10
C THR B 161 7.03 35.95 -29.20
N ASP B 162 8.16 36.23 -28.56
CA ASP B 162 8.79 37.54 -28.70
C ASP B 162 9.22 37.85 -30.14
N VAL B 163 9.82 36.89 -30.82
CA VAL B 163 10.17 37.06 -32.24
C VAL B 163 8.95 37.29 -33.12
N SER B 164 7.91 36.48 -32.94
CA SER B 164 6.68 36.70 -33.71
C SER B 164 6.04 38.06 -33.44
N ASN B 165 5.99 38.49 -32.18
CA ASN B 165 5.48 39.83 -31.88
C ASN B 165 6.39 40.93 -32.46
N MET B 166 7.70 40.71 -32.43
CA MET B 166 8.65 41.66 -33.02
C MET B 166 8.43 41.85 -34.52
N LEU B 167 8.13 40.78 -35.25
CA LEU B 167 7.79 40.86 -36.68
C LEU B 167 6.44 41.53 -36.95
N ASP B 168 6.48 42.61 -37.74
CA ASP B 168 5.29 43.32 -38.17
C ASP B 168 5.20 43.32 -39.70
N ALA C 3 34.43 -16.58 -42.68
CA ALA C 3 33.99 -15.36 -43.35
C ALA C 3 34.99 -14.90 -44.42
N LYS C 4 34.70 -13.78 -45.08
CA LYS C 4 35.63 -13.20 -46.03
C LYS C 4 35.82 -11.70 -45.80
N HIS C 5 34.81 -11.05 -45.21
CA HIS C 5 34.87 -9.61 -45.03
C HIS C 5 34.15 -9.23 -43.75
N ASP C 6 34.43 -8.01 -43.27
CA ASP C 6 33.83 -7.50 -42.05
C ASP C 6 32.56 -6.69 -42.37
N VAL C 7 32.69 -5.65 -43.19
CA VAL C 7 31.58 -4.73 -43.47
C VAL C 7 31.29 -4.73 -44.97
N PHE C 8 30.00 -4.88 -45.32
CA PHE C 8 29.53 -4.68 -46.69
C PHE C 8 28.71 -3.41 -46.75
N PRO C 9 29.20 -2.35 -47.37
CA PRO C 9 28.36 -1.16 -47.53
C PRO C 9 27.52 -1.21 -48.79
N SER C 10 26.22 -1.02 -48.63
CA SER C 10 25.29 -0.94 -49.74
C SER C 10 24.76 0.49 -49.87
N PHE C 11 25.01 1.11 -51.01
CA PHE C 11 24.85 2.55 -51.15
C PHE C 11 24.71 2.87 -52.63
N HIS C 12 24.16 4.05 -52.92
CA HIS C 12 24.18 4.59 -54.26
C HIS C 12 25.32 5.61 -54.37
N GLY C 13 26.02 5.57 -55.51
CA GLY C 13 27.26 6.31 -55.65
C GLY C 13 27.11 7.81 -55.40
N ALA C 14 25.99 8.39 -55.82
CA ALA C 14 25.82 9.83 -55.72
C ALA C 14 25.69 10.34 -54.29
N ASP C 15 25.40 9.46 -53.34
CA ASP C 15 25.35 9.83 -51.93
C ASP C 15 26.70 9.82 -51.24
N VAL C 16 27.73 9.23 -51.85
CA VAL C 16 28.95 8.89 -51.12
C VAL C 16 29.73 10.13 -50.70
N ARG C 17 29.89 11.10 -51.60
CA ARG C 17 30.56 12.34 -51.22
C ARG C 17 29.57 13.40 -50.73
N ARG C 18 28.31 13.28 -51.15
CA ARG C 18 27.23 14.12 -50.62
C ARG C 18 27.06 13.90 -49.12
N THR C 19 27.11 12.67 -48.67
CA THR C 19 26.87 12.29 -47.29
C THR C 19 28.22 11.99 -46.64
N PHE C 20 28.22 11.26 -45.54
CA PHE C 20 29.42 11.05 -44.73
C PHE C 20 30.10 9.73 -45.04
N LEU C 21 29.55 8.94 -45.97
CA LEU C 21 29.98 7.56 -46.17
C LEU C 21 31.45 7.47 -46.62
N SER C 22 31.89 8.40 -47.45
CA SER C 22 33.29 8.40 -47.89
C SER C 22 34.25 8.53 -46.72
N HIS C 23 33.95 9.45 -45.80
CA HIS C 23 34.69 9.57 -44.54
C HIS C 23 34.50 8.37 -43.61
N ILE C 24 33.30 7.80 -43.55
CA ILE C 24 33.08 6.54 -42.82
C ILE C 24 33.95 5.42 -43.38
N LEU C 25 33.97 5.27 -44.71
CA LEU C 25 34.88 4.30 -45.33
C LEU C 25 36.34 4.63 -45.05
N GLU C 26 36.69 5.92 -45.08
CA GLU C 26 38.03 6.33 -44.66
C GLU C 26 38.32 5.93 -43.22
N SER C 27 37.35 6.13 -42.32
CA SER C 27 37.48 5.68 -40.93
C SER C 27 37.64 4.16 -40.81
N PHE C 28 36.84 3.38 -41.55
CA PHE C 28 37.03 1.93 -41.55
C PHE C 28 38.41 1.52 -42.05
N ARG C 29 38.86 2.12 -43.16
CA ARG C 29 40.21 1.88 -43.67
C ARG C 29 41.28 2.28 -42.67
N ARG C 30 41.13 3.46 -42.07
CA ARG C 30 42.03 3.92 -41.02
C ARG C 30 42.04 3.01 -39.79
N LYS C 31 40.86 2.54 -39.36
CA LYS C 31 40.80 1.60 -38.24
C LYS C 31 41.16 0.17 -38.64
N GLY C 32 41.15 -0.14 -39.94
CA GLY C 32 41.67 -1.40 -40.43
C GLY C 32 40.69 -2.56 -40.46
N ILE C 33 39.37 -2.30 -40.58
CA ILE C 33 38.37 -3.35 -40.75
C ILE C 33 38.16 -3.58 -42.24
N ASP C 34 37.80 -4.81 -42.60
CA ASP C 34 37.79 -5.24 -44.01
C ASP C 34 36.46 -4.88 -44.67
N THR C 35 36.50 -3.95 -45.61
CA THR C 35 35.33 -3.42 -46.29
C THR C 35 35.40 -3.80 -47.77
N PHE C 36 34.39 -4.53 -48.24
CA PHE C 36 34.27 -4.83 -49.66
C PHE C 36 33.46 -3.73 -50.32
N ILE C 37 34.13 -2.85 -51.08
CA ILE C 37 33.44 -1.77 -51.80
C ILE C 37 33.28 -2.16 -53.25
N ASP C 38 32.04 -2.04 -53.75
CA ASP C 38 31.76 -2.07 -55.18
C ASP C 38 30.92 -0.84 -55.47
N ASN C 39 31.37 -0.04 -56.44
CA ASN C 39 30.61 1.13 -56.84
C ASN C 39 29.71 0.88 -58.04
N ASN C 40 29.67 -0.36 -58.54
CA ASN C 40 29.02 -0.72 -59.80
C ASN C 40 29.52 0.15 -60.96
N ILE C 41 30.79 -0.03 -61.30
CA ILE C 41 31.41 0.80 -62.33
C ILE C 41 30.95 0.37 -63.70
N GLU C 42 30.33 -0.81 -63.81
CA GLU C 42 29.91 -1.43 -65.05
C GLU C 42 28.47 -1.08 -65.40
N ARG C 43 27.85 -0.22 -64.59
CA ARG C 43 26.44 0.18 -64.71
C ARG C 43 25.51 -1.03 -64.88
N SER C 44 25.81 -2.09 -64.15
CA SER C 44 24.96 -3.26 -64.16
C SER C 44 23.62 -2.96 -63.51
N LYS C 45 22.57 -3.64 -63.99
CA LYS C 45 21.23 -3.49 -63.40
C LYS C 45 20.85 -4.64 -62.49
N SER C 46 21.67 -5.68 -62.36
CA SER C 46 21.37 -6.80 -61.47
C SER C 46 22.68 -7.39 -60.96
N ILE C 47 22.68 -7.83 -59.70
CA ILE C 47 23.94 -8.21 -59.05
C ILE C 47 24.42 -9.56 -59.59
N GLY C 48 25.75 -9.70 -59.68
CA GLY C 48 26.39 -10.90 -60.18
C GLY C 48 26.57 -11.94 -59.09
N PRO C 49 27.10 -13.12 -59.47
CA PRO C 49 27.19 -14.19 -58.46
C PRO C 49 28.26 -13.95 -57.42
N GLU C 50 29.42 -13.42 -57.82
CA GLU C 50 30.52 -13.21 -56.88
C GLU C 50 30.29 -12.01 -55.97
N LEU C 51 29.44 -11.08 -56.39
CA LEU C 51 28.95 -10.04 -55.49
C LEU C 51 28.11 -10.63 -54.35
N LYS C 52 27.22 -11.56 -54.67
CA LYS C 52 26.49 -12.29 -53.62
C LYS C 52 27.42 -13.03 -52.66
N GLU C 53 28.45 -13.67 -53.18
CA GLU C 53 29.44 -14.31 -52.30
C GLU C 53 30.10 -13.31 -51.34
N ALA C 54 30.43 -12.11 -51.84
CA ALA C 54 30.91 -11.05 -50.95
C ALA C 54 29.88 -10.65 -49.89
N ILE C 55 28.62 -10.48 -50.25
CA ILE C 55 27.58 -10.25 -49.24
C ILE C 55 27.45 -11.42 -48.26
N LYS C 56 27.47 -12.66 -48.75
CA LYS C 56 27.50 -13.83 -47.87
C LYS C 56 28.70 -13.84 -46.95
N GLY C 57 29.86 -13.42 -47.46
CA GLY C 57 31.06 -13.43 -46.66
C GLY C 57 31.16 -12.33 -45.63
N SER C 58 30.24 -11.35 -45.65
CA SER C 58 30.35 -10.16 -44.81
C SER C 58 29.58 -10.29 -43.49
N LYS C 59 30.29 -10.07 -42.38
CA LYS C 59 29.68 -10.15 -41.05
C LYS C 59 28.62 -9.07 -40.87
N ILE C 60 28.92 -7.85 -41.31
CA ILE C 60 28.03 -6.71 -41.18
C ILE C 60 27.72 -6.19 -42.58
N ALA C 61 26.45 -5.82 -42.80
CA ALA C 61 26.05 -5.02 -43.95
C ALA C 61 25.48 -3.68 -43.46
N ILE C 62 25.97 -2.60 -44.04
CA ILE C 62 25.50 -1.25 -43.74
C ILE C 62 24.77 -0.75 -44.97
N VAL C 63 23.48 -0.44 -44.80
CA VAL C 63 22.61 -0.05 -45.91
C VAL C 63 22.31 1.43 -45.80
N LEU C 64 22.80 2.22 -46.76
CA LEU C 64 22.55 3.66 -46.81
C LEU C 64 21.34 3.93 -47.68
N LEU C 65 20.20 4.16 -47.04
CA LEU C 65 18.90 4.21 -47.70
C LEU C 65 18.51 5.64 -48.02
N SER C 66 18.07 5.87 -49.25
CA SER C 66 17.82 7.22 -49.72
C SER C 66 16.93 7.14 -50.95
N ARG C 67 16.45 8.30 -51.37
CA ARG C 67 15.72 8.38 -52.62
C ARG C 67 16.56 7.93 -53.82
N LYS C 68 17.85 8.29 -53.84
CA LYS C 68 18.75 7.74 -54.87
C LYS C 68 18.89 6.22 -54.81
N TYR C 69 18.99 5.64 -53.62
CA TYR C 69 19.06 4.18 -53.48
C TYR C 69 17.87 3.48 -54.16
N ALA C 70 16.68 4.05 -54.08
CA ALA C 70 15.50 3.45 -54.72
C ALA C 70 15.53 3.60 -56.23
N SER C 71 16.41 4.44 -56.78
CA SER C 71 16.47 4.69 -58.22
C SER C 71 17.41 3.73 -58.95
N SER C 72 18.05 2.80 -58.24
CA SER C 72 18.90 1.78 -58.85
C SER C 72 18.33 0.41 -58.54
N SER C 73 18.04 -0.36 -59.58
CA SER C 73 17.67 -1.75 -59.39
C SER C 73 18.82 -2.55 -58.78
N TRP C 74 20.05 -2.21 -59.16
CA TRP C 74 21.23 -2.90 -58.60
C TRP C 74 21.35 -2.76 -57.09
N CYS C 75 21.11 -1.56 -56.55
CA CYS C 75 21.05 -1.41 -55.08
C CYS C 75 19.97 -2.26 -54.44
N LEU C 76 18.77 -2.26 -55.02
CA LEU C 76 17.68 -3.10 -54.51
C LEU C 76 17.99 -4.59 -54.55
N ASP C 77 18.68 -5.07 -55.60
CA ASP C 77 19.20 -6.42 -55.56
C ASP C 77 20.18 -6.67 -54.41
N GLU C 78 21.08 -5.72 -54.12
CA GLU C 78 21.90 -5.86 -52.93
C GLU C 78 21.08 -5.98 -51.65
N LEU C 79 20.05 -5.13 -51.49
CA LEU C 79 19.19 -5.21 -50.30
C LEU C 79 18.51 -6.56 -50.15
N ALA C 80 17.98 -7.10 -51.23
CA ALA C 80 17.36 -8.42 -51.17
C ALA C 80 18.36 -9.50 -50.74
N GLU C 81 19.56 -9.52 -51.31
CA GLU C 81 20.56 -10.47 -50.84
C GLU C 81 20.96 -10.26 -49.39
N ILE C 82 21.15 -9.00 -48.98
CA ILE C 82 21.43 -8.70 -47.58
C ILE C 82 20.33 -9.20 -46.64
N MET C 83 19.07 -8.92 -46.97
CA MET C 83 17.96 -9.39 -46.13
C MET C 83 17.85 -10.92 -46.08
N ILE C 84 18.06 -11.60 -47.20
CA ILE C 84 18.19 -13.06 -47.17
C ILE C 84 19.37 -13.52 -46.30
N CYS C 85 20.54 -12.88 -46.44
CA CYS C 85 21.66 -13.22 -45.55
C CYS C 85 21.38 -12.94 -44.07
N ARG C 86 20.71 -11.83 -43.75
CA ARG C 86 20.31 -11.58 -42.36
C ARG C 86 19.43 -12.69 -41.78
N GLU C 87 18.43 -13.14 -42.55
CA GLU C 87 17.61 -14.29 -42.15
C GLU C 87 18.41 -15.58 -42.02
N VAL C 88 19.23 -15.89 -43.00
CA VAL C 88 19.80 -17.24 -43.11
C VAL C 88 21.17 -17.35 -42.44
N LEU C 89 22.06 -16.40 -42.67
CA LEU C 89 23.46 -16.52 -42.23
C LEU C 89 23.73 -15.80 -40.93
N GLY C 90 22.75 -15.10 -40.38
CA GLY C 90 22.94 -14.34 -39.16
C GLY C 90 23.76 -13.10 -39.41
N GLN C 91 23.73 -12.57 -40.62
CA GLN C 91 24.37 -11.31 -40.92
C GLN C 91 23.72 -10.17 -40.14
N ILE C 92 24.56 -9.29 -39.61
CA ILE C 92 24.11 -8.12 -38.87
C ILE C 92 23.87 -7.01 -39.88
N VAL C 93 22.72 -6.35 -39.81
CA VAL C 93 22.38 -5.29 -40.75
C VAL C 93 22.25 -3.98 -39.98
N MET C 94 22.91 -2.95 -40.49
CA MET C 94 22.80 -1.58 -39.99
C MET C 94 22.12 -0.72 -41.03
N THR C 95 21.21 0.14 -40.58
CA THR C 95 20.44 0.99 -41.47
C THR C 95 20.83 2.44 -41.24
N ILE C 96 21.04 3.17 -42.33
CA ILE C 96 21.16 4.63 -42.30
C ILE C 96 20.07 5.19 -43.18
N PHE C 97 19.10 5.85 -42.57
CA PHE C 97 18.01 6.50 -43.28
C PHE C 97 18.44 7.94 -43.53
N TYR C 98 18.78 8.25 -44.77
CA TYR C 98 19.32 9.56 -45.13
C TYR C 98 18.25 10.37 -45.86
N GLU C 99 17.77 11.42 -45.18
CA GLU C 99 16.69 12.29 -45.64
C GLU C 99 15.50 11.51 -46.20
N VAL C 100 15.13 10.42 -45.52
CA VAL C 100 13.97 9.65 -45.91
C VAL C 100 13.38 9.05 -44.64
N ASP C 101 12.02 8.92 -44.61
CA ASP C 101 11.38 8.37 -43.42
C ASP C 101 11.16 6.87 -43.62
N PRO C 102 11.51 6.04 -42.63
CA PRO C 102 11.16 4.61 -42.69
C PRO C 102 9.72 4.29 -43.08
N THR C 103 8.74 5.10 -42.69
CA THR C 103 7.35 4.84 -43.12
C THR C 103 7.20 4.93 -44.64
N ASP C 104 7.85 5.91 -45.28
CA ASP C 104 7.90 5.99 -46.75
C ASP C 104 8.59 4.77 -47.38
N ILE C 105 9.70 4.30 -46.79
CA ILE C 105 10.32 3.07 -47.26
C ILE C 105 9.40 1.86 -47.08
N LYS C 106 8.80 1.71 -45.90
CA LYS C 106 7.92 0.57 -45.65
C LYS C 106 6.70 0.58 -46.57
N LYS C 107 6.10 1.74 -46.81
CA LYS C 107 4.88 1.83 -47.60
C LYS C 107 5.13 2.25 -49.04
N GLN C 108 6.38 2.53 -49.41
CA GLN C 108 6.75 3.02 -50.75
C GLN C 108 5.98 4.28 -51.14
N THR C 109 6.23 5.35 -50.39
CA THR C 109 5.53 6.61 -50.52
C THR C 109 6.56 7.73 -50.55
N GLY C 110 6.08 8.95 -50.84
CA GLY C 110 6.92 10.11 -51.03
C GLY C 110 7.88 10.00 -52.21
N GLU C 111 8.90 10.86 -52.17
CA GLU C 111 9.91 10.87 -53.23
C GLU C 111 10.60 9.52 -53.36
N PHE C 112 10.82 8.83 -52.24
CA PHE C 112 11.33 7.47 -52.28
C PHE C 112 10.42 6.53 -53.06
N GLY C 113 9.11 6.61 -52.80
CA GLY C 113 8.17 5.83 -53.59
C GLY C 113 8.17 6.12 -55.08
N LYS C 114 8.25 7.41 -55.45
CA LYS C 114 8.37 7.79 -56.86
C LYS C 114 9.63 7.20 -57.52
N ALA C 115 10.76 7.28 -56.84
CA ALA C 115 11.98 6.65 -57.34
C ALA C 115 11.84 5.14 -57.49
N PHE C 116 11.26 4.48 -56.49
CA PHE C 116 11.02 3.03 -56.56
C PHE C 116 10.10 2.61 -57.71
N THR C 117 8.97 3.28 -57.89
CA THR C 117 8.08 2.95 -59.02
C THR C 117 8.73 3.19 -60.38
N LYS C 118 9.51 4.27 -60.52
CA LYS C 118 10.28 4.50 -61.75
C LYS C 118 11.28 3.37 -62.04
N THR C 119 11.98 2.87 -61.02
CA THR C 119 12.84 1.70 -61.17
C THR C 119 12.09 0.44 -61.62
N CYS C 120 10.84 0.25 -61.19
CA CYS C 120 10.10 -0.98 -61.44
C CYS C 120 9.31 -1.00 -62.75
N ARG C 121 9.43 0.03 -63.59
CA ARG C 121 8.54 0.16 -64.75
C ARG C 121 8.57 -1.04 -65.68
N GLY C 122 9.76 -1.54 -66.00
CA GLY C 122 9.86 -2.66 -66.94
C GLY C 122 10.16 -4.01 -66.35
N LYS C 123 10.24 -4.13 -65.04
CA LYS C 123 10.80 -5.25 -64.30
C LYS C 123 9.75 -6.30 -64.00
N PRO C 124 10.12 -7.59 -64.00
CA PRO C 124 9.17 -8.65 -63.67
C PRO C 124 8.60 -8.51 -62.26
N LYS C 125 7.33 -8.91 -62.12
CA LYS C 125 6.59 -8.75 -60.86
C LYS C 125 7.26 -9.48 -59.70
N GLU C 126 7.80 -10.68 -59.93
CA GLU C 126 8.52 -11.42 -58.91
C GLU C 126 9.71 -10.66 -58.34
N GLN C 127 10.54 -10.05 -59.20
CA GLN C 127 11.62 -9.20 -58.72
C GLN C 127 11.14 -7.98 -57.92
N VAL C 128 10.08 -7.31 -58.40
CA VAL C 128 9.47 -6.19 -57.69
C VAL C 128 8.95 -6.60 -56.30
N GLU C 129 8.26 -7.74 -56.24
CA GLU C 129 7.82 -8.26 -54.94
C GLU C 129 8.99 -8.61 -54.02
N ARG C 130 10.04 -9.22 -54.58
CA ARG C 130 11.26 -9.50 -53.84
C ARG C 130 11.91 -8.23 -53.24
N TRP C 131 12.00 -7.16 -54.03
CA TRP C 131 12.40 -5.85 -53.51
C TRP C 131 11.44 -5.31 -52.46
N ARG C 132 10.13 -5.34 -52.73
CA ARG C 132 9.18 -4.79 -51.75
C ARG C 132 9.23 -5.45 -50.38
N LYS C 133 9.26 -6.79 -50.31
CA LYS C 133 9.42 -7.44 -49.01
C LYS C 133 10.72 -7.06 -48.32
N ALA C 134 11.83 -7.00 -49.07
CA ALA C 134 13.08 -6.52 -48.50
C ALA C 134 13.00 -5.08 -47.99
N LEU C 135 12.38 -4.18 -48.76
CA LEU C 135 12.10 -2.83 -48.27
C LEU C 135 11.22 -2.80 -47.02
N GLU C 136 10.15 -3.60 -47.00
CA GLU C 136 9.33 -3.71 -45.80
C GLU C 136 10.12 -4.20 -44.59
N ASP C 137 10.87 -5.28 -44.75
CA ASP C 137 11.69 -5.81 -43.64
C ASP C 137 12.79 -4.84 -43.20
N VAL C 138 13.52 -4.25 -44.14
CA VAL C 138 14.60 -3.33 -43.75
C VAL C 138 14.09 -2.11 -42.98
N ALA C 139 12.89 -1.62 -43.30
CA ALA C 139 12.33 -0.48 -42.56
C ALA C 139 12.07 -0.76 -41.09
N THR C 140 11.90 -2.03 -40.69
CA THR C 140 11.72 -2.40 -39.29
C THR C 140 13.02 -2.38 -38.49
N ILE C 141 14.17 -2.33 -39.17
CA ILE C 141 15.47 -2.33 -38.49
C ILE C 141 15.79 -0.90 -38.07
N ALA C 142 15.82 -0.65 -36.76
CA ALA C 142 16.21 0.65 -36.24
C ALA C 142 17.68 0.96 -36.52
N GLY C 143 17.95 2.23 -36.81
CA GLY C 143 19.28 2.70 -37.14
C GLY C 143 19.37 4.21 -37.13
N TYR C 144 20.27 4.76 -37.95
CA TYR C 144 20.61 6.19 -37.96
C TYR C 144 19.66 6.98 -38.86
N HIS C 145 19.19 8.11 -38.36
CA HIS C 145 18.31 9.03 -39.10
C HIS C 145 19.12 10.29 -39.33
N SER C 146 19.47 10.58 -40.59
CA SER C 146 20.48 11.58 -40.87
C SER C 146 20.05 12.53 -41.98
N HIS C 147 20.71 13.70 -42.01
CA HIS C 147 20.32 14.86 -42.81
C HIS C 147 21.57 15.56 -43.33
N LYS C 148 21.38 16.46 -44.32
CA LYS C 148 22.49 17.17 -44.94
C LYS C 148 23.39 17.86 -43.92
N TRP C 149 22.81 18.51 -42.93
CA TRP C 149 23.53 19.39 -42.02
C TRP C 149 24.10 18.68 -40.80
N CYS C 150 23.93 17.36 -40.69
CA CYS C 150 24.33 16.62 -39.51
C CYS C 150 25.83 16.74 -39.26
N ASP C 151 26.21 16.81 -37.99
CA ASP C 151 27.62 16.91 -37.62
C ASP C 151 28.32 15.61 -38.05
N GLU C 152 29.05 15.68 -39.15
CA GLU C 152 29.70 14.49 -39.73
C GLU C 152 30.70 13.84 -38.77
N ALA C 153 31.54 14.63 -38.10
CA ALA C 153 32.51 14.06 -37.16
C ALA C 153 31.83 13.28 -36.03
N GLU C 154 30.76 13.83 -35.47
CA GLU C 154 29.96 13.11 -34.49
C GLU C 154 29.32 11.84 -35.07
N MET C 155 28.69 11.95 -36.24
CA MET C 155 28.08 10.79 -36.90
C MET C 155 29.06 9.68 -37.25
N ILE C 156 30.21 10.01 -37.86
CA ILE C 156 31.20 8.97 -38.14
C ILE C 156 31.72 8.31 -36.86
N GLU C 157 31.91 9.09 -35.79
CA GLU C 157 32.26 8.52 -34.50
C GLU C 157 31.21 7.54 -33.98
N LYS C 158 29.95 7.94 -34.01
CA LYS C 158 28.86 7.05 -33.59
C LYS C 158 28.76 5.77 -34.41
N ILE C 159 28.76 5.88 -35.74
CA ILE C 159 28.67 4.71 -36.63
C ILE C 159 29.89 3.79 -36.52
N SER C 160 31.11 4.35 -36.55
CA SER C 160 32.31 3.53 -36.42
C SER C 160 32.41 2.78 -35.08
N THR C 161 32.09 3.46 -33.98
CA THR C 161 32.08 2.78 -32.67
C THR C 161 31.02 1.68 -32.60
N ASP C 162 29.82 1.91 -33.12
CA ASP C 162 28.81 0.87 -33.19
C ASP C 162 29.24 -0.33 -34.04
N VAL C 163 29.84 -0.09 -35.22
CA VAL C 163 30.42 -1.18 -36.02
C VAL C 163 31.47 -1.97 -35.25
N SER C 164 32.39 -1.28 -34.57
CA SER C 164 33.42 -1.97 -33.79
C SER C 164 32.83 -2.82 -32.66
N ASN C 165 31.82 -2.32 -31.96
CA ASN C 165 31.10 -3.13 -30.97
C ASN C 165 30.39 -4.33 -31.58
N MET C 166 29.73 -4.14 -32.73
CA MET C 166 29.05 -5.25 -33.40
C MET C 166 29.99 -6.37 -33.86
N LEU C 167 31.16 -6.03 -34.41
CA LEU C 167 32.18 -7.06 -34.64
C LEU C 167 32.59 -7.76 -33.35
N ASP C 168 32.86 -9.07 -33.49
CA ASP C 168 33.15 -9.94 -32.36
C ASP C 168 34.32 -9.42 -31.51
N ALA D 3 -8.16 -50.27 30.56
CA ALA D 3 -9.21 -49.67 29.74
C ALA D 3 -8.64 -48.75 28.64
N LYS D 4 -9.38 -48.60 27.55
CA LYS D 4 -8.92 -47.74 26.45
C LYS D 4 -8.79 -46.27 26.87
N HIS D 5 -9.76 -45.72 27.61
CA HIS D 5 -9.81 -44.28 27.87
C HIS D 5 -10.34 -43.96 29.26
N ASP D 6 -10.11 -42.71 29.69
CA ASP D 6 -10.63 -42.21 30.95
C ASP D 6 -12.02 -41.59 30.82
N VAL D 7 -12.22 -40.74 29.83
CA VAL D 7 -13.46 -40.01 29.68
C VAL D 7 -14.03 -40.21 28.29
N PHE D 8 -15.29 -40.62 28.22
CA PHE D 8 -16.06 -40.51 26.99
C PHE D 8 -17.01 -39.33 27.08
N PRO D 9 -16.86 -38.32 26.27
CA PRO D 9 -17.83 -37.22 26.30
C PRO D 9 -18.99 -37.45 25.34
N SER D 10 -20.21 -37.29 25.82
CA SER D 10 -21.42 -37.33 25.01
C SER D 10 -21.99 -35.92 24.93
N PHE D 11 -22.05 -35.36 23.74
CA PHE D 11 -22.38 -33.95 23.53
C PHE D 11 -23.00 -33.79 22.15
N HIS D 12 -23.88 -32.80 22.02
CA HIS D 12 -24.40 -32.42 20.71
C HIS D 12 -23.53 -31.30 20.14
N GLY D 13 -22.83 -31.60 19.05
CA GLY D 13 -21.77 -30.73 18.55
C GLY D 13 -22.16 -29.28 18.41
N ALA D 14 -23.34 -29.02 17.81
CA ALA D 14 -23.75 -27.66 17.50
C ALA D 14 -23.81 -26.79 18.74
N ASP D 15 -24.33 -27.35 19.83
CA ASP D 15 -24.45 -26.60 21.09
C ASP D 15 -23.10 -26.20 21.67
N VAL D 16 -22.11 -27.11 21.68
CA VAL D 16 -20.98 -26.89 22.59
C VAL D 16 -19.61 -27.08 21.96
N ARG D 17 -19.54 -27.69 20.78
CA ARG D 17 -18.24 -28.05 20.21
C ARG D 17 -17.33 -26.84 19.98
N ARG D 18 -17.85 -25.74 19.40
CA ARG D 18 -17.00 -24.57 19.18
C ARG D 18 -16.51 -23.98 20.50
N THR D 19 -17.37 -23.91 21.51
CA THR D 19 -17.13 -23.05 22.67
C THR D 19 -16.91 -23.91 23.90
N PHE D 20 -17.97 -24.26 24.63
CA PHE D 20 -17.86 -24.84 25.97
C PHE D 20 -17.04 -26.15 26.00
N LEU D 21 -17.29 -27.06 25.05
CA LEU D 21 -16.51 -28.30 25.03
C LEU D 21 -15.01 -28.06 24.80
N SER D 22 -14.64 -27.12 23.92
CA SER D 22 -13.22 -26.87 23.66
C SER D 22 -12.45 -26.46 24.90
N HIS D 23 -13.05 -25.58 25.71
CA HIS D 23 -12.50 -25.27 27.03
C HIS D 23 -12.43 -26.45 27.99
N ILE D 24 -13.46 -27.29 28.04
CA ILE D 24 -13.34 -28.52 28.84
C ILE D 24 -12.19 -29.39 28.35
N LEU D 25 -12.13 -29.63 27.04
CA LEU D 25 -11.04 -30.43 26.47
C LEU D 25 -9.66 -29.82 26.71
N GLU D 26 -9.54 -28.50 26.55
CA GLU D 26 -8.30 -27.81 26.91
C GLU D 26 -7.95 -27.97 28.38
N SER D 27 -8.93 -27.84 29.27
CA SER D 27 -8.70 -28.13 30.68
C SER D 27 -8.27 -29.58 30.95
N PHE D 28 -8.95 -30.55 30.33
CA PHE D 28 -8.53 -31.95 30.44
C PHE D 28 -7.12 -32.20 29.88
N ARG D 29 -6.79 -31.62 28.72
CA ARG D 29 -5.44 -31.69 28.18
C ARG D 29 -4.37 -31.13 29.12
N ARG D 30 -4.63 -29.98 29.75
CA ARG D 30 -3.69 -29.48 30.76
C ARG D 30 -3.53 -30.47 31.92
N LYS D 31 -4.61 -31.10 32.34
CA LYS D 31 -4.62 -31.90 33.55
C LYS D 31 -4.45 -33.37 33.23
N GLY D 32 -4.18 -33.70 31.96
CA GLY D 32 -3.88 -35.06 31.56
C GLY D 32 -5.03 -36.03 31.69
N ILE D 33 -6.23 -35.64 31.30
CA ILE D 33 -7.39 -36.53 31.37
C ILE D 33 -7.62 -37.11 29.99
N ASP D 34 -7.46 -38.42 29.87
CA ASP D 34 -7.43 -39.08 28.57
C ASP D 34 -8.85 -39.22 28.04
N THR D 35 -9.17 -38.44 27.01
CA THR D 35 -10.53 -38.20 26.57
C THR D 35 -10.66 -38.66 25.13
N PHE D 36 -11.63 -39.52 24.86
CA PHE D 36 -11.92 -39.94 23.48
C PHE D 36 -12.45 -38.77 22.64
N ILE D 37 -11.87 -38.56 21.46
CA ILE D 37 -12.31 -37.52 20.54
C ILE D 37 -12.79 -38.17 19.23
N ASP D 38 -13.90 -37.66 18.71
CA ASP D 38 -14.61 -38.22 17.54
C ASP D 38 -13.79 -38.10 16.25
N ASN D 39 -13.40 -39.26 15.69
CA ASN D 39 -12.82 -39.33 14.36
C ASN D 39 -13.64 -40.23 13.45
N ASN D 40 -14.82 -40.68 13.91
CA ASN D 40 -15.74 -41.50 13.11
C ASN D 40 -16.69 -40.58 12.35
N ILE D 41 -16.33 -40.25 11.12
CA ILE D 41 -17.20 -39.48 10.23
C ILE D 41 -17.77 -40.33 9.10
N GLU D 42 -17.28 -41.57 8.91
CA GLU D 42 -17.94 -42.53 8.01
C GLU D 42 -19.38 -42.84 8.44
N ARG D 43 -19.62 -43.08 9.72
CA ARG D 43 -20.94 -43.44 10.21
C ARG D 43 -21.62 -42.27 10.91
N SER D 44 -22.94 -42.16 10.69
CA SER D 44 -23.75 -41.11 11.30
C SER D 44 -25.18 -41.61 11.40
N LYS D 45 -25.97 -40.94 12.25
CA LYS D 45 -27.35 -41.33 12.55
C LYS D 45 -27.50 -42.68 13.24
N SER D 46 -26.58 -43.62 13.00
CA SER D 46 -26.59 -44.92 13.66
C SER D 46 -25.25 -45.17 14.35
N ILE D 47 -25.31 -45.58 15.62
CA ILE D 47 -24.17 -45.52 16.52
C ILE D 47 -23.02 -46.40 16.04
N GLY D 48 -23.31 -47.62 15.56
CA GLY D 48 -22.26 -48.49 15.06
C GLY D 48 -21.28 -49.01 16.10
N PRO D 49 -20.41 -49.96 15.68
CA PRO D 49 -19.73 -50.87 16.61
C PRO D 49 -18.57 -50.28 17.41
N GLU D 50 -17.63 -49.59 16.75
CA GLU D 50 -16.41 -49.20 17.44
C GLU D 50 -16.60 -47.99 18.34
N LEU D 51 -17.64 -47.19 18.09
CA LEU D 51 -18.05 -46.15 19.02
C LEU D 51 -18.54 -46.71 20.35
N LYS D 52 -19.43 -47.71 20.31
CA LYS D 52 -19.91 -48.29 21.56
C LYS D 52 -18.86 -49.13 22.30
N GLU D 53 -17.92 -49.74 21.59
CA GLU D 53 -16.72 -50.26 22.27
C GLU D 53 -15.91 -49.17 22.96
N ALA D 54 -15.78 -47.99 22.33
CA ALA D 54 -15.14 -46.85 23.00
C ALA D 54 -15.87 -46.40 24.27
N ILE D 55 -17.21 -46.38 24.25
CA ILE D 55 -17.96 -46.14 25.48
C ILE D 55 -17.67 -47.21 26.53
N LYS D 56 -17.69 -48.49 26.13
CA LYS D 56 -17.35 -49.56 27.07
C LYS D 56 -15.94 -49.41 27.64
N GLY D 57 -14.98 -49.04 26.81
CA GLY D 57 -13.64 -48.86 27.31
C GLY D 57 -13.36 -47.60 28.11
N SER D 58 -14.37 -46.88 28.59
CA SER D 58 -14.14 -45.62 29.29
C SER D 58 -14.62 -45.70 30.74
N LYS D 59 -13.71 -45.38 31.67
CA LYS D 59 -14.03 -45.42 33.10
C LYS D 59 -15.13 -44.41 33.46
N ILE D 60 -15.05 -43.19 32.93
CA ILE D 60 -16.08 -42.18 33.15
C ILE D 60 -16.72 -41.80 31.81
N ALA D 61 -18.05 -41.65 31.82
CA ALA D 61 -18.77 -41.03 30.71
C ALA D 61 -19.40 -39.73 31.20
N ILE D 62 -19.11 -38.63 30.49
CA ILE D 62 -19.61 -37.31 30.82
C ILE D 62 -20.66 -36.94 29.79
N VAL D 63 -21.89 -36.74 30.25
CA VAL D 63 -23.01 -36.40 29.39
C VAL D 63 -23.25 -34.91 29.53
N LEU D 64 -23.01 -34.16 28.45
CA LEU D 64 -23.26 -32.71 28.40
C LEU D 64 -24.65 -32.52 27.86
N LEU D 65 -25.60 -32.43 28.78
CA LEU D 65 -27.00 -32.26 28.41
C LEU D 65 -27.25 -30.82 28.01
N SER D 66 -27.70 -30.61 26.78
CA SER D 66 -27.81 -29.27 26.21
C SER D 66 -29.14 -29.14 25.48
N ARG D 67 -29.46 -27.92 25.07
CA ARG D 67 -30.79 -27.59 24.56
C ARG D 67 -31.21 -28.46 23.38
N LYS D 68 -30.31 -28.71 22.43
CA LYS D 68 -30.66 -29.49 21.25
C LYS D 68 -30.03 -30.87 21.26
N TYR D 69 -29.61 -31.35 22.45
CA TYR D 69 -29.06 -32.69 22.59
C TYR D 69 -30.04 -33.76 22.12
N ALA D 70 -31.33 -33.55 22.36
CA ALA D 70 -32.30 -34.53 21.92
C ALA D 70 -32.75 -34.33 20.49
N SER D 71 -32.09 -33.46 19.73
CA SER D 71 -32.34 -33.37 18.29
C SER D 71 -31.43 -34.30 17.50
N SER D 72 -30.60 -35.08 18.17
CA SER D 72 -29.72 -36.05 17.52
C SER D 72 -30.03 -37.43 18.05
N SER D 73 -30.45 -38.31 17.14
CA SER D 73 -30.62 -39.73 17.47
C SER D 73 -29.31 -40.35 17.89
N TRP D 74 -28.22 -39.94 17.23
CA TRP D 74 -26.88 -40.39 17.58
C TRP D 74 -26.52 -40.08 19.04
N CYS D 75 -26.80 -38.87 19.50
CA CYS D 75 -26.58 -38.57 20.93
C CYS D 75 -27.44 -39.41 21.85
N LEU D 76 -28.72 -39.58 21.54
CA LEU D 76 -29.59 -40.46 22.32
C LEU D 76 -29.12 -41.92 22.33
N ASP D 77 -28.65 -42.43 21.19
CA ASP D 77 -28.02 -43.76 21.19
C ASP D 77 -26.77 -43.85 22.06
N GLU D 78 -25.90 -42.82 22.06
CA GLU D 78 -24.80 -42.78 23.03
C GLU D 78 -25.27 -42.86 24.47
N LEU D 79 -26.32 -42.10 24.83
CA LEU D 79 -26.86 -42.15 26.19
C LEU D 79 -27.34 -43.53 26.60
N ALA D 80 -28.08 -44.22 25.72
CA ALA D 80 -28.55 -45.57 26.01
C ALA D 80 -27.41 -46.56 26.28
N GLU D 81 -26.34 -46.54 25.48
CA GLU D 81 -25.17 -47.35 25.79
C GLU D 81 -24.52 -46.99 27.12
N ILE D 82 -24.35 -45.69 27.37
CA ILE D 82 -23.75 -45.23 28.63
C ILE D 82 -24.58 -45.68 29.84
N MET D 83 -25.89 -45.58 29.76
CA MET D 83 -26.74 -46.13 30.83
C MET D 83 -26.58 -47.64 31.00
N ILE D 84 -26.52 -48.41 29.91
CA ILE D 84 -26.22 -49.84 30.01
C ILE D 84 -24.84 -50.10 30.61
N CYS D 85 -23.83 -49.38 30.16
CA CYS D 85 -22.50 -49.51 30.78
C CYS D 85 -22.51 -49.17 32.26
N ARG D 86 -23.27 -48.16 32.66
CA ARG D 86 -23.41 -47.88 34.09
C ARG D 86 -24.00 -49.04 34.86
N GLU D 87 -25.08 -49.64 34.35
CA GLU D 87 -25.72 -50.79 35.01
C GLU D 87 -24.82 -52.03 35.05
N VAL D 88 -24.18 -52.37 33.93
CA VAL D 88 -23.47 -53.65 33.81
C VAL D 88 -22.00 -53.53 34.18
N LEU D 89 -21.29 -52.57 33.60
CA LEU D 89 -19.84 -52.49 33.77
C LEU D 89 -19.44 -51.59 34.94
N GLY D 90 -20.37 -50.85 35.51
CA GLY D 90 -20.05 -49.97 36.62
C GLY D 90 -19.34 -48.74 36.15
N GLN D 91 -19.60 -48.32 34.92
CA GLN D 91 -19.09 -47.05 34.42
C GLN D 91 -19.63 -45.90 35.26
N ILE D 92 -18.77 -44.93 35.56
CA ILE D 92 -19.16 -43.74 36.34
C ILE D 92 -19.75 -42.71 35.37
N VAL D 93 -20.91 -42.16 35.73
CA VAL D 93 -21.59 -41.22 34.84
C VAL D 93 -21.68 -39.86 35.50
N MET D 94 -21.19 -38.84 34.82
CA MET D 94 -21.25 -37.47 35.29
C MET D 94 -22.14 -36.64 34.36
N THR D 95 -22.96 -35.80 34.95
CA THR D 95 -23.88 -34.98 34.16
C THR D 95 -23.46 -33.52 34.22
N ILE D 96 -23.40 -32.88 33.06
CA ILE D 96 -23.34 -31.43 32.97
C ILE D 96 -24.66 -30.96 32.37
N PHE D 97 -25.42 -30.21 33.17
CA PHE D 97 -26.67 -29.60 32.74
C PHE D 97 -26.37 -28.20 32.21
N TYR D 98 -26.17 -28.11 30.90
CA TYR D 98 -25.72 -26.88 30.26
C TYR D 98 -26.95 -26.17 29.68
N GLU D 99 -27.43 -25.15 30.42
CA GLU D 99 -28.58 -24.32 30.00
C GLU D 99 -29.89 -25.12 29.87
N VAL D 100 -30.05 -26.20 30.62
CA VAL D 100 -31.30 -26.95 30.56
C VAL D 100 -31.58 -27.49 31.95
N ASP D 101 -32.87 -27.39 32.35
CA ASP D 101 -33.32 -27.91 33.64
C ASP D 101 -33.32 -29.44 33.61
N PRO D 102 -32.70 -30.12 34.63
CA PRO D 102 -32.96 -31.55 34.86
C PRO D 102 -34.41 -32.02 34.70
N THR D 103 -35.37 -31.23 35.21
CA THR D 103 -36.78 -31.61 35.14
C THR D 103 -37.26 -31.73 33.69
N ASP D 104 -36.81 -30.83 32.82
CA ASP D 104 -37.10 -30.94 31.39
C ASP D 104 -36.50 -32.22 30.78
N ILE D 105 -35.28 -32.59 31.17
CA ILE D 105 -34.72 -33.88 30.79
C ILE D 105 -35.57 -35.04 31.34
N LYS D 106 -35.91 -34.97 32.63
CA LYS D 106 -36.64 -36.05 33.28
C LYS D 106 -38.02 -36.28 32.67
N LYS D 107 -38.75 -35.22 32.35
CA LYS D 107 -40.13 -35.36 31.91
C LYS D 107 -40.30 -35.09 30.42
N GLN D 108 -39.22 -34.79 29.71
CA GLN D 108 -39.20 -34.52 28.27
C GLN D 108 -40.12 -33.34 27.91
N THR D 109 -39.84 -32.19 28.52
CA THR D 109 -40.69 -31.02 28.49
C THR D 109 -39.90 -29.82 27.98
N GLY D 110 -40.62 -28.74 27.68
CA GLY D 110 -40.10 -27.53 27.08
C GLY D 110 -39.42 -27.74 25.74
N GLU D 111 -38.51 -26.83 25.41
CA GLU D 111 -37.77 -26.87 24.15
C GLU D 111 -37.00 -28.17 23.96
N PHE D 112 -36.42 -28.70 25.04
CA PHE D 112 -35.79 -30.01 24.99
C PHE D 112 -36.77 -31.12 24.63
N GLY D 113 -37.95 -31.12 25.26
CA GLY D 113 -38.98 -32.07 24.87
C GLY D 113 -39.45 -31.94 23.43
N LYS D 114 -39.58 -30.71 22.94
CA LYS D 114 -39.93 -30.50 21.54
C LYS D 114 -38.89 -31.11 20.58
N ALA D 115 -37.61 -30.89 20.86
CA ALA D 115 -36.56 -31.55 20.09
C ALA D 115 -36.65 -33.06 20.16
N PHE D 116 -36.91 -33.61 21.37
CA PHE D 116 -37.11 -35.05 21.53
C PHE D 116 -38.28 -35.57 20.70
N THR D 117 -39.41 -34.87 20.69
CA THR D 117 -40.55 -35.27 19.87
C THR D 117 -40.23 -35.28 18.38
N LYS D 118 -39.47 -34.29 17.92
CA LYS D 118 -39.03 -34.17 16.53
C LYS D 118 -38.04 -35.28 16.12
N THR D 119 -37.40 -35.98 17.05
CA THR D 119 -36.49 -37.07 16.67
C THR D 119 -37.12 -38.45 16.82
N CYS D 120 -38.32 -38.55 17.36
CA CYS D 120 -39.10 -39.78 17.43
C CYS D 120 -39.86 -40.00 16.12
N ARG D 121 -39.51 -39.18 15.13
CA ARG D 121 -39.92 -39.25 13.74
C ARG D 121 -39.52 -40.54 13.04
N GLY D 122 -40.50 -41.41 12.76
CA GLY D 122 -40.20 -42.65 12.06
C GLY D 122 -39.37 -43.66 12.84
N LYS D 123 -39.56 -43.73 14.15
CA LYS D 123 -38.72 -44.56 15.02
C LYS D 123 -39.54 -45.64 15.72
N PRO D 124 -39.00 -46.88 15.83
CA PRO D 124 -39.61 -47.92 16.69
C PRO D 124 -40.09 -47.44 18.04
N LYS D 125 -41.27 -47.94 18.44
CA LYS D 125 -41.84 -47.64 19.76
C LYS D 125 -40.92 -48.09 20.91
N GLU D 126 -40.31 -49.26 20.79
CA GLU D 126 -39.28 -49.70 21.73
C GLU D 126 -38.05 -48.79 21.77
N GLN D 127 -37.56 -48.32 20.62
CA GLN D 127 -36.44 -47.38 20.63
C GLN D 127 -36.75 -46.04 21.30
N VAL D 128 -37.91 -45.43 21.00
CA VAL D 128 -38.26 -44.19 21.70
C VAL D 128 -38.47 -44.41 23.19
N GLU D 129 -39.07 -45.53 23.57
CA GLU D 129 -39.12 -45.91 24.98
C GLU D 129 -37.72 -46.06 25.60
N ARG D 130 -36.80 -46.70 24.88
CA ARG D 130 -35.41 -46.82 25.33
C ARG D 130 -34.73 -45.46 25.52
N TRP D 131 -34.87 -44.57 24.54
CA TRP D 131 -34.38 -43.21 24.71
C TRP D 131 -35.03 -42.45 25.86
N ARG D 132 -36.37 -42.51 25.94
CA ARG D 132 -37.09 -41.86 27.04
C ARG D 132 -36.69 -42.40 28.41
N LYS D 133 -36.51 -43.72 28.54
CA LYS D 133 -35.98 -44.27 29.79
C LYS D 133 -34.56 -43.78 30.12
N ALA D 134 -33.66 -43.77 29.13
CA ALA D 134 -32.29 -43.25 29.36
C ALA D 134 -32.27 -41.78 29.77
N LEU D 135 -33.04 -40.93 29.10
CA LEU D 135 -33.18 -39.54 29.51
C LEU D 135 -33.74 -39.38 30.93
N GLU D 136 -34.77 -40.16 31.25
CA GLU D 136 -35.30 -40.18 32.62
C GLU D 136 -34.25 -40.61 33.66
N ASP D 137 -33.45 -41.63 33.34
CA ASP D 137 -32.37 -42.03 34.24
C ASP D 137 -31.30 -40.96 34.48
N VAL D 138 -30.81 -40.26 33.44
CA VAL D 138 -29.73 -39.30 33.70
C VAL D 138 -30.17 -38.03 34.40
N ALA D 139 -31.44 -37.65 34.29
CA ALA D 139 -31.88 -36.45 34.99
C ALA D 139 -31.81 -36.57 36.51
N THR D 140 -31.73 -37.79 37.04
CA THR D 140 -31.63 -37.99 38.49
C THR D 140 -30.18 -38.16 38.95
N ILE D 141 -29.22 -38.09 38.02
CA ILE D 141 -27.80 -38.13 38.37
C ILE D 141 -27.34 -36.72 38.71
N ALA D 142 -26.93 -36.53 39.96
CA ALA D 142 -26.49 -35.23 40.43
C ALA D 142 -25.24 -34.76 39.68
N GLY D 143 -25.23 -33.48 39.35
CA GLY D 143 -24.17 -32.95 38.53
C GLY D 143 -24.11 -31.43 38.53
N TYR D 144 -23.58 -30.88 37.44
CA TYR D 144 -23.17 -29.48 37.37
C TYR D 144 -24.10 -28.69 36.45
N HIS D 145 -24.49 -27.49 36.89
CA HIS D 145 -25.46 -26.70 36.14
C HIS D 145 -24.76 -25.41 35.69
N SER D 146 -24.60 -25.25 34.38
CA SER D 146 -23.84 -24.14 33.86
C SER D 146 -24.46 -22.80 34.25
N HIS D 147 -25.79 -22.73 34.36
CA HIS D 147 -26.48 -21.49 34.68
C HIS D 147 -26.30 -21.06 36.15
N LYS D 148 -25.85 -21.96 37.02
CA LYS D 148 -25.68 -21.63 38.42
C LYS D 148 -24.24 -21.23 38.77
N TRP D 149 -23.33 -21.25 37.80
CA TRP D 149 -21.97 -20.79 38.00
C TRP D 149 -21.76 -19.56 37.14
N CYS D 150 -21.43 -18.43 37.75
CA CYS D 150 -21.31 -17.18 37.00
C CYS D 150 -19.87 -16.91 36.59
N ASP D 151 -18.97 -17.85 36.84
CA ASP D 151 -17.68 -17.91 36.18
C ASP D 151 -17.61 -19.30 35.55
N GLU D 152 -17.72 -19.33 34.22
CA GLU D 152 -17.69 -20.60 33.49
C GLU D 152 -16.31 -21.27 33.57
N ALA D 153 -15.24 -20.50 33.48
CA ALA D 153 -13.90 -21.06 33.64
C ALA D 153 -13.70 -21.71 34.99
N GLU D 154 -14.17 -21.07 36.07
CA GLU D 154 -14.15 -21.67 37.39
C GLU D 154 -14.93 -22.97 37.47
N MET D 155 -16.11 -23.03 36.85
CA MET D 155 -16.85 -24.29 36.83
C MET D 155 -16.09 -25.42 36.13
N ILE D 156 -15.52 -25.13 34.96
CA ILE D 156 -14.75 -26.15 34.24
C ILE D 156 -13.58 -26.66 35.07
N GLU D 157 -12.89 -25.75 35.75
CA GLU D 157 -11.86 -26.14 36.70
C GLU D 157 -12.39 -27.06 37.80
N LYS D 158 -13.57 -26.78 38.32
CA LYS D 158 -14.24 -27.73 39.22
C LYS D 158 -14.57 -29.06 38.56
N ILE D 159 -15.06 -29.06 37.30
CA ILE D 159 -15.28 -30.34 36.61
C ILE D 159 -13.98 -31.15 36.52
N SER D 160 -12.92 -30.54 36.00
CA SER D 160 -11.69 -31.28 35.80
C SER D 160 -11.05 -31.77 37.10
N THR D 161 -11.09 -30.97 38.18
CA THR D 161 -10.64 -31.48 39.48
C THR D 161 -11.46 -32.67 39.97
N ASP D 162 -12.78 -32.60 39.89
CA ASP D 162 -13.61 -33.74 40.26
C ASP D 162 -13.35 -34.96 39.39
N VAL D 163 -13.23 -34.77 38.08
CA VAL D 163 -12.85 -35.87 37.19
C VAL D 163 -11.49 -36.46 37.54
N SER D 164 -10.48 -35.61 37.75
CA SER D 164 -9.15 -36.10 38.13
C SER D 164 -9.13 -36.88 39.45
N ASN D 165 -9.87 -36.41 40.47
CA ASN D 165 -9.97 -37.16 41.71
C ASN D 165 -10.50 -38.58 41.53
N MET D 166 -11.47 -38.77 40.62
CA MET D 166 -12.01 -40.11 40.44
C MET D 166 -11.14 -41.02 39.59
N LEU D 167 -10.15 -40.49 38.89
CA LEU D 167 -9.22 -41.32 38.12
C LEU D 167 -7.98 -41.72 38.91
N ASP D 168 -7.83 -41.24 40.13
CA ASP D 168 -6.69 -41.60 40.96
C ASP D 168 -6.94 -42.94 41.67
N ALA E 3 5.26 1.24 33.86
CA ALA E 3 3.83 1.04 33.79
C ALA E 3 3.34 0.02 34.84
N LYS E 4 2.23 0.36 35.51
CA LYS E 4 1.66 -0.52 36.53
C LYS E 4 1.23 -1.88 35.99
N HIS E 5 0.62 -1.92 34.79
CA HIS E 5 0.03 -3.18 34.32
C HIS E 5 0.43 -3.50 32.88
N ASP E 6 0.31 -4.79 32.54
CA ASP E 6 0.55 -5.24 31.16
C ASP E 6 -0.68 -5.04 30.29
N VAL E 7 -1.84 -5.50 30.76
CA VAL E 7 -3.06 -5.49 29.96
C VAL E 7 -4.18 -4.77 30.71
N PHE E 8 -4.83 -3.80 30.04
CA PHE E 8 -6.11 -3.28 30.47
C PHE E 8 -7.20 -3.87 29.58
N PRO E 9 -8.13 -4.65 30.12
CA PRO E 9 -9.24 -5.16 29.30
C PRO E 9 -10.44 -4.23 29.32
N SER E 10 -10.92 -3.83 28.15
CA SER E 10 -12.20 -3.12 28.02
C SER E 10 -13.22 -4.04 27.40
N PHE E 11 -14.33 -4.24 28.10
CA PHE E 11 -15.30 -5.28 27.77
C PHE E 11 -16.62 -4.87 28.38
N HIS E 12 -17.70 -5.46 27.87
CA HIS E 12 -19.02 -5.23 28.43
C HIS E 12 -19.46 -6.49 29.16
N GLY E 13 -19.58 -6.38 30.49
CA GLY E 13 -19.68 -7.55 31.35
C GLY E 13 -20.84 -8.47 31.04
N ALA E 14 -21.99 -7.91 30.68
CA ALA E 14 -23.16 -8.73 30.38
C ALA E 14 -22.90 -9.69 29.23
N ASP E 15 -22.23 -9.22 28.17
CA ASP E 15 -21.89 -10.05 27.02
C ASP E 15 -20.86 -11.14 27.35
N VAL E 16 -19.80 -10.83 28.09
CA VAL E 16 -18.68 -11.77 28.06
C VAL E 16 -18.13 -12.21 29.41
N ARG E 17 -18.50 -11.53 30.50
CA ARG E 17 -17.80 -11.77 31.76
C ARG E 17 -18.00 -13.19 32.31
N ARG E 18 -19.23 -13.71 32.27
CA ARG E 18 -19.44 -15.09 32.69
C ARG E 18 -18.72 -16.10 31.79
N THR E 19 -18.76 -15.90 30.48
CA THR E 19 -18.25 -16.91 29.54
C THR E 19 -16.87 -16.57 29.00
N PHE E 20 -16.84 -15.92 27.84
CA PHE E 20 -15.62 -15.78 27.05
C PHE E 20 -14.48 -15.10 27.80
N LEU E 21 -14.76 -13.99 28.51
CA LEU E 21 -13.69 -13.30 29.21
C LEU E 21 -13.04 -14.16 30.30
N SER E 22 -13.83 -14.93 31.05
CA SER E 22 -13.27 -15.72 32.15
C SER E 22 -12.21 -16.70 31.67
N HIS E 23 -12.45 -17.35 30.54
CA HIS E 23 -11.42 -18.17 29.88
C HIS E 23 -10.17 -17.40 29.47
N ILE E 24 -10.31 -16.18 28.95
CA ILE E 24 -9.12 -15.37 28.66
C ILE E 24 -8.29 -15.10 29.93
N LEU E 25 -8.94 -14.67 31.01
CA LEU E 25 -8.22 -14.37 32.25
C LEU E 25 -7.50 -15.58 32.86
N GLU E 26 -8.13 -16.76 32.84
CA GLU E 26 -7.41 -17.98 33.19
C GLU E 26 -6.20 -18.20 32.29
N SER E 27 -6.36 -18.06 30.98
CA SER E 27 -5.22 -18.24 30.10
C SER E 27 -4.12 -17.20 30.31
N PHE E 28 -4.51 -15.94 30.54
CA PHE E 28 -3.54 -14.90 30.89
C PHE E 28 -2.75 -15.18 32.17
N ARG E 29 -3.42 -15.66 33.22
CA ARG E 29 -2.66 -15.92 34.43
C ARG E 29 -1.80 -17.19 34.36
N ARG E 30 -2.14 -18.15 33.50
CA ARG E 30 -1.21 -19.26 33.21
C ARG E 30 0.09 -18.75 32.61
N LYS E 31 0.03 -17.76 31.73
CA LYS E 31 1.22 -17.17 31.12
C LYS E 31 1.74 -15.96 31.89
N GLY E 32 1.18 -15.69 33.07
CA GLY E 32 1.64 -14.64 33.95
C GLY E 32 1.49 -13.23 33.43
N ILE E 33 0.43 -12.98 32.66
CA ILE E 33 0.17 -11.65 32.10
C ILE E 33 -0.58 -10.82 33.15
N ASP E 34 0.03 -9.71 33.58
CA ASP E 34 -0.53 -8.86 34.63
C ASP E 34 -1.68 -8.02 34.07
N THR E 35 -2.90 -8.40 34.43
CA THR E 35 -4.11 -7.85 33.82
C THR E 35 -4.90 -7.12 34.88
N PHE E 36 -5.20 -5.85 34.63
CA PHE E 36 -6.05 -5.07 35.50
C PHE E 36 -7.45 -5.68 35.55
N ILE E 37 -7.99 -5.86 36.75
CA ILE E 37 -9.28 -6.52 36.92
C ILE E 37 -10.27 -5.49 37.45
N ASP E 38 -11.26 -5.17 36.62
CA ASP E 38 -12.30 -4.19 36.92
C ASP E 38 -13.43 -4.82 37.75
N ASN E 39 -13.11 -5.13 39.01
CA ASN E 39 -14.01 -5.82 39.91
C ASN E 39 -14.44 -4.93 41.07
N ASN E 40 -14.10 -3.65 41.01
CA ASN E 40 -14.66 -2.62 41.89
C ASN E 40 -15.74 -1.86 41.12
N ILE E 41 -16.78 -2.62 40.75
CA ILE E 41 -17.83 -2.12 39.87
C ILE E 41 -18.66 -1.06 40.57
N GLU E 42 -18.70 0.15 40.00
CA GLU E 42 -19.47 1.27 40.49
C GLU E 42 -20.07 2.03 39.32
N ARG E 43 -21.31 2.50 39.48
CA ARG E 43 -22.06 3.06 38.36
C ARG E 43 -22.54 4.48 38.69
N SER E 44 -22.10 5.03 39.82
CA SER E 44 -22.44 6.40 40.22
C SER E 44 -21.95 7.45 39.22
N LYS E 45 -20.71 7.32 38.75
CA LYS E 45 -20.13 8.28 37.81
C LYS E 45 -19.19 7.54 36.86
N SER E 46 -19.22 7.95 35.60
CA SER E 46 -18.46 7.25 34.59
C SER E 46 -16.97 7.59 34.70
N ILE E 47 -16.14 6.59 34.41
CA ILE E 47 -14.68 6.54 34.56
C ILE E 47 -14.08 7.62 35.46
N GLY E 48 -13.75 7.23 36.70
CA GLY E 48 -13.07 8.11 37.61
C GLY E 48 -11.64 8.37 37.16
N PRO E 49 -10.93 9.21 37.91
CA PRO E 49 -9.51 9.42 37.60
C PRO E 49 -8.67 8.18 37.85
N GLU E 50 -9.02 7.39 38.87
CA GLU E 50 -8.31 6.16 39.16
C GLU E 50 -8.32 5.21 37.97
N LEU E 51 -9.48 5.05 37.32
CA LEU E 51 -9.59 4.20 36.14
C LEU E 51 -8.75 4.70 34.97
N LYS E 52 -8.80 6.01 34.71
CA LYS E 52 -7.94 6.60 33.68
C LYS E 52 -6.46 6.39 33.95
N GLU E 53 -6.02 6.55 35.19
CA GLU E 53 -4.65 6.21 35.55
C GLU E 53 -4.30 4.75 35.27
N ALA E 54 -5.22 3.83 35.56
CA ALA E 54 -5.02 2.43 35.19
C ALA E 54 -4.86 2.21 33.68
N ILE E 55 -5.71 2.85 32.86
CA ILE E 55 -5.51 2.79 31.41
C ILE E 55 -4.16 3.38 31.00
N LYS E 56 -3.81 4.55 31.54
CA LYS E 56 -2.51 5.15 31.24
C LYS E 56 -1.35 4.22 31.60
N GLY E 57 -1.42 3.57 32.75
CA GLY E 57 -0.38 2.66 33.21
C GLY E 57 -0.40 1.23 32.69
N SER E 58 -1.01 1.00 31.54
CA SER E 58 -1.06 -0.34 30.96
C SER E 58 -0.37 -0.36 29.61
N LYS E 59 0.55 -1.31 29.44
CA LYS E 59 1.33 -1.41 28.21
C LYS E 59 0.41 -1.70 27.02
N ILE E 60 -0.50 -2.64 27.16
CA ILE E 60 -1.46 -3.04 26.13
C ILE E 60 -2.87 -2.81 26.65
N ALA E 61 -3.72 -2.23 25.80
CA ALA E 61 -5.17 -2.22 26.03
C ALA E 61 -5.84 -3.18 25.06
N ILE E 62 -6.64 -4.09 25.60
CA ILE E 62 -7.31 -5.09 24.79
C ILE E 62 -8.81 -4.81 24.83
N VAL E 63 -9.41 -4.55 23.67
CA VAL E 63 -10.79 -4.12 23.57
C VAL E 63 -11.60 -5.31 23.07
N LEU E 64 -12.50 -5.82 23.92
CA LEU E 64 -13.44 -6.86 23.54
C LEU E 64 -14.70 -6.20 23.00
N LEU E 65 -14.71 -6.01 21.69
CA LEU E 65 -15.84 -5.43 21.00
C LEU E 65 -16.94 -6.48 20.85
N SER E 66 -18.12 -6.14 21.36
CA SER E 66 -19.20 -7.08 21.61
C SER E 66 -20.49 -6.44 21.09
N ARG E 67 -21.51 -7.27 20.90
CA ARG E 67 -22.75 -6.80 20.30
C ARG E 67 -23.40 -5.66 21.10
N LYS E 68 -23.39 -5.75 22.44
CA LYS E 68 -24.00 -4.73 23.27
C LYS E 68 -22.96 -3.90 24.02
N TYR E 69 -21.72 -3.92 23.56
CA TYR E 69 -20.67 -3.08 24.12
C TYR E 69 -21.02 -1.59 24.02
N ALA E 70 -21.65 -1.19 22.92
CA ALA E 70 -22.11 0.19 22.74
C ALA E 70 -23.28 0.54 23.65
N SER E 71 -23.89 -0.41 24.35
CA SER E 71 -24.99 -0.07 25.22
C SER E 71 -24.53 0.35 26.62
N SER E 72 -23.23 0.53 26.84
CA SER E 72 -22.70 1.04 28.09
C SER E 72 -21.90 2.31 27.82
N SER E 73 -22.36 3.42 28.39
CA SER E 73 -21.57 4.65 28.35
C SER E 73 -20.21 4.47 29.01
N TRP E 74 -20.15 3.67 30.08
CA TRP E 74 -18.88 3.34 30.73
C TRP E 74 -17.88 2.71 29.77
N CYS E 75 -18.29 1.69 29.01
CA CYS E 75 -17.36 1.09 28.04
C CYS E 75 -16.92 2.08 26.96
N LEU E 76 -17.86 2.86 26.41
CA LEU E 76 -17.52 3.89 25.43
C LEU E 76 -16.55 4.95 25.95
N ASP E 77 -16.71 5.38 27.21
CA ASP E 77 -15.69 6.23 27.85
C ASP E 77 -14.33 5.54 28.00
N GLU E 78 -14.29 4.26 28.38
CA GLU E 78 -13.02 3.52 28.35
C GLU E 78 -12.39 3.51 26.98
N LEU E 79 -13.19 3.26 25.94
CA LEU E 79 -12.67 3.27 24.57
C LEU E 79 -12.04 4.60 24.19
N ALA E 80 -12.72 5.71 24.50
CA ALA E 80 -12.17 7.02 24.20
C ALA E 80 -10.84 7.29 24.91
N GLU E 81 -10.74 6.95 26.19
CA GLU E 81 -9.44 6.99 26.89
C GLU E 81 -8.37 6.11 26.26
N ILE E 82 -8.72 4.87 25.90
CA ILE E 82 -7.75 4.00 25.22
C ILE E 82 -7.24 4.60 23.92
N MET E 83 -8.14 5.13 23.08
CA MET E 83 -7.73 5.74 21.82
C MET E 83 -6.83 6.98 22.02
N ILE E 84 -7.15 7.83 22.99
CA ILE E 84 -6.25 8.93 23.33
C ILE E 84 -4.89 8.44 23.81
N CYS E 85 -4.86 7.44 24.68
CA CYS E 85 -3.58 6.86 25.12
C CYS E 85 -2.74 6.28 23.98
N ARG E 86 -3.35 5.65 22.98
CA ARG E 86 -2.56 5.24 21.82
C ARG E 86 -1.88 6.40 21.10
N GLU E 87 -2.60 7.50 20.86
CA GLU E 87 -1.97 8.68 20.24
C GLU E 87 -0.89 9.31 21.11
N VAL E 88 -1.17 9.50 22.39
CA VAL E 88 -0.27 10.27 23.25
C VAL E 88 0.84 9.42 23.83
N LEU E 89 0.49 8.29 24.45
CA LEU E 89 1.47 7.46 25.17
C LEU E 89 2.01 6.30 24.36
N GLY E 90 1.49 6.07 23.15
CA GLY E 90 1.97 5.03 22.27
C GLY E 90 1.47 3.66 22.66
N GLN E 91 0.40 3.60 23.45
CA GLN E 91 -0.15 2.37 23.97
C GLN E 91 -0.59 1.42 22.85
N ILE E 92 -0.22 0.15 23.00
CA ILE E 92 -0.62 -0.89 22.05
C ILE E 92 -2.09 -1.20 22.25
N VAL E 93 -2.85 -1.24 21.17
CA VAL E 93 -4.27 -1.59 21.26
C VAL E 93 -4.51 -2.87 20.49
N MET E 94 -5.11 -3.85 21.15
CA MET E 94 -5.53 -5.08 20.52
C MET E 94 -7.05 -5.17 20.47
N THR E 95 -7.58 -5.74 19.39
CA THR E 95 -9.02 -5.79 19.19
C THR E 95 -9.47 -7.23 19.09
N ILE E 96 -10.48 -7.57 19.90
CA ILE E 96 -11.20 -8.83 19.76
C ILE E 96 -12.61 -8.49 19.33
N PHE E 97 -12.99 -8.97 18.15
CA PHE E 97 -14.34 -8.81 17.62
C PHE E 97 -15.16 -10.05 17.98
N TYR E 98 -15.96 -9.95 19.03
CA TYR E 98 -16.68 -11.10 19.56
C TYR E 98 -18.13 -11.06 19.11
N GLU E 99 -18.44 -11.91 18.11
CA GLU E 99 -19.76 -12.00 17.50
C GLU E 99 -20.22 -10.70 16.83
N VAL E 100 -19.27 -9.89 16.38
CA VAL E 100 -19.55 -8.61 15.73
C VAL E 100 -18.67 -8.49 14.50
N ASP E 101 -19.07 -7.61 13.61
CA ASP E 101 -18.36 -7.41 12.37
C ASP E 101 -17.80 -5.99 12.40
N PRO E 102 -16.50 -5.82 12.11
CA PRO E 102 -15.91 -4.47 12.09
C PRO E 102 -16.70 -3.36 11.41
N THR E 103 -17.31 -3.64 10.26
CA THR E 103 -18.09 -2.59 9.58
C THR E 103 -19.24 -2.06 10.43
N ASP E 104 -19.93 -2.93 11.16
CA ASP E 104 -20.94 -2.47 12.12
C ASP E 104 -20.36 -1.59 13.22
N ILE E 105 -19.19 -1.92 13.76
CA ILE E 105 -18.48 -1.02 14.67
C ILE E 105 -18.09 0.29 13.98
N LYS E 106 -17.52 0.18 12.77
CA LYS E 106 -17.06 1.35 12.02
C LYS E 106 -18.19 2.33 11.70
N LYS E 107 -19.34 1.82 11.26
CA LYS E 107 -20.42 2.68 10.79
C LYS E 107 -21.57 2.80 11.78
N GLN E 108 -21.49 2.11 12.92
CA GLN E 108 -22.53 2.06 13.94
C GLN E 108 -23.85 1.54 13.36
N THR E 109 -23.81 0.28 12.94
CA THR E 109 -24.91 -0.33 12.21
C THR E 109 -25.21 -1.67 12.88
N GLY E 110 -26.33 -2.26 12.49
CA GLY E 110 -26.87 -3.47 13.09
C GLY E 110 -27.24 -3.30 14.55
N GLU E 111 -27.24 -4.42 15.28
CA GLU E 111 -27.52 -4.39 16.71
C GLU E 111 -26.59 -3.46 17.46
N PHE E 112 -25.32 -3.44 17.09
CA PHE E 112 -24.35 -2.52 17.67
C PHE E 112 -24.73 -1.06 17.46
N GLY E 113 -25.13 -0.69 16.25
CA GLY E 113 -25.60 0.68 16.03
C GLY E 113 -26.84 1.05 16.81
N LYS E 114 -27.80 0.15 16.87
CA LYS E 114 -29.01 0.36 17.66
C LYS E 114 -28.71 0.54 19.16
N ALA E 115 -27.81 -0.28 19.70
CA ALA E 115 -27.33 -0.07 21.06
C ALA E 115 -26.64 1.29 21.24
N PHE E 116 -25.79 1.68 20.29
CA PHE E 116 -25.11 2.98 20.35
C PHE E 116 -26.07 4.17 20.33
N THR E 117 -27.03 4.19 19.41
CA THR E 117 -28.00 5.30 19.39
C THR E 117 -28.82 5.37 20.68
N LYS E 118 -29.21 4.22 21.24
CA LYS E 118 -29.91 4.18 22.52
C LYS E 118 -29.12 4.84 23.66
N THR E 119 -27.80 4.61 23.72
CA THR E 119 -27.00 5.32 24.72
C THR E 119 -26.72 6.78 24.37
N CYS E 120 -26.72 7.14 23.10
CA CYS E 120 -26.52 8.55 22.74
C CYS E 120 -27.73 9.44 23.01
N ARG E 121 -28.92 8.87 23.20
CA ARG E 121 -30.08 9.63 23.67
C ARG E 121 -29.81 10.43 24.95
N GLY E 122 -29.93 11.76 24.83
CA GLY E 122 -29.74 12.68 25.94
C GLY E 122 -28.33 12.98 26.36
N LYS E 123 -27.33 12.66 25.51
CA LYS E 123 -25.94 13.01 25.76
C LYS E 123 -25.54 14.25 24.96
N PRO E 124 -24.63 15.09 25.52
CA PRO E 124 -23.88 16.04 24.70
C PRO E 124 -23.42 15.51 23.35
N LYS E 125 -23.69 16.29 22.30
CA LYS E 125 -23.23 15.96 20.94
C LYS E 125 -21.71 15.86 20.82
N GLU E 126 -20.96 16.70 21.53
CA GLU E 126 -19.50 16.58 21.59
C GLU E 126 -19.02 15.25 22.19
N GLN E 127 -19.64 14.78 23.26
CA GLN E 127 -19.33 13.45 23.77
C GLN E 127 -19.68 12.34 22.77
N VAL E 128 -20.87 12.42 22.17
CA VAL E 128 -21.30 11.44 21.17
C VAL E 128 -20.34 11.32 19.99
N GLU E 129 -19.89 12.46 19.46
CA GLU E 129 -18.85 12.43 18.43
C GLU E 129 -17.50 11.88 18.92
N ARG E 130 -17.08 12.19 20.13
CA ARG E 130 -15.88 11.53 20.66
C ARG E 130 -16.00 10.01 20.75
N TRP E 131 -17.13 9.50 21.24
CA TRP E 131 -17.39 8.07 21.18
C TRP E 131 -17.42 7.51 19.76
N ARG E 132 -18.14 8.17 18.86
CA ARG E 132 -18.19 7.75 17.46
C ARG E 132 -16.83 7.73 16.77
N LYS E 133 -16.01 8.76 16.97
CA LYS E 133 -14.66 8.75 16.41
C LYS E 133 -13.79 7.61 16.96
N ALA E 134 -13.86 7.36 18.27
CA ALA E 134 -13.17 6.20 18.83
C ALA E 134 -13.65 4.87 18.26
N LEU E 135 -14.97 4.69 18.13
CA LEU E 135 -15.51 3.49 17.46
C LEU E 135 -15.05 3.34 16.01
N GLU E 136 -15.06 4.43 15.25
CA GLU E 136 -14.52 4.41 13.89
C GLU E 136 -13.05 4.03 13.85
N ASP E 137 -12.24 4.60 14.74
CA ASP E 137 -10.82 4.25 14.81
C ASP E 137 -10.53 2.79 15.26
N VAL E 138 -11.22 2.25 16.27
CA VAL E 138 -10.94 0.85 16.63
C VAL E 138 -11.31 -0.13 15.55
N ALA E 139 -12.35 0.16 14.77
CA ALA E 139 -12.77 -0.80 13.76
C ALA E 139 -11.72 -1.02 12.68
N THR E 140 -10.77 -0.09 12.51
CA THR E 140 -9.72 -0.27 11.52
C THR E 140 -8.44 -0.90 12.09
N ILE E 141 -8.45 -1.28 13.36
CA ILE E 141 -7.36 -2.07 13.95
C ILE E 141 -7.58 -3.55 13.66
N ALA E 142 -6.61 -4.18 13.00
CA ALA E 142 -6.67 -5.61 12.72
C ALA E 142 -6.67 -6.42 14.00
N GLY E 143 -7.57 -7.39 14.08
CA GLY E 143 -7.78 -8.10 15.33
C GLY E 143 -8.36 -9.49 15.13
N TYR E 144 -8.79 -10.08 16.25
CA TYR E 144 -9.26 -11.45 16.35
C TYR E 144 -10.78 -11.52 16.19
N HIS E 145 -11.26 -12.47 15.38
CA HIS E 145 -12.68 -12.56 15.05
C HIS E 145 -13.24 -13.89 15.53
N SER E 146 -14.19 -13.83 16.46
CA SER E 146 -14.73 -15.06 17.06
C SER E 146 -15.40 -15.96 16.01
N HIS E 147 -16.08 -15.36 15.01
CA HIS E 147 -16.72 -16.13 13.94
C HIS E 147 -15.73 -17.05 13.23
N LYS E 148 -14.50 -16.59 13.04
CA LYS E 148 -13.59 -17.22 12.12
C LYS E 148 -12.69 -18.27 12.78
N TRP E 149 -12.97 -18.65 14.03
CA TRP E 149 -12.22 -19.73 14.65
C TRP E 149 -13.13 -20.91 14.95
N CYS E 150 -12.70 -22.07 14.45
CA CYS E 150 -13.41 -23.32 14.70
C CYS E 150 -13.43 -23.69 16.17
N ASP E 151 -12.32 -23.42 16.88
CA ASP E 151 -12.14 -23.77 18.29
C ASP E 151 -11.81 -22.50 19.07
N GLU E 152 -12.75 -22.11 19.96
CA GLU E 152 -12.60 -20.90 20.77
C GLU E 152 -11.40 -20.95 21.70
N ALA E 153 -11.17 -22.10 22.34
CA ALA E 153 -9.98 -22.26 23.17
C ALA E 153 -8.68 -22.07 22.40
N GLU E 154 -8.62 -22.58 21.17
CA GLU E 154 -7.46 -22.33 20.32
C GLU E 154 -7.22 -20.85 20.06
N MET E 155 -8.28 -20.11 19.78
CA MET E 155 -8.15 -18.67 19.61
C MET E 155 -7.63 -17.96 20.86
N ILE E 156 -8.16 -18.29 22.04
CA ILE E 156 -7.65 -17.69 23.28
C ILE E 156 -6.18 -17.99 23.50
N GLU E 157 -5.74 -19.22 23.24
CA GLU E 157 -4.31 -19.52 23.28
C GLU E 157 -3.50 -18.69 22.30
N LYS E 158 -4.02 -18.48 21.10
CA LYS E 158 -3.37 -17.58 20.15
C LYS E 158 -3.29 -16.14 20.67
N ILE E 159 -4.38 -15.62 21.24
CA ILE E 159 -4.35 -14.31 21.89
C ILE E 159 -3.35 -14.25 23.04
N SER E 160 -3.39 -15.23 23.94
CA SER E 160 -2.44 -15.26 25.05
C SER E 160 -0.98 -15.30 24.57
N THR E 161 -0.66 -16.13 23.59
CA THR E 161 0.69 -16.09 23.02
C THR E 161 1.05 -14.75 22.37
N ASP E 162 0.14 -14.17 21.57
CA ASP E 162 0.42 -12.86 20.99
C ASP E 162 0.61 -11.75 22.02
N VAL E 163 -0.22 -11.73 23.07
CA VAL E 163 -0.03 -10.78 24.17
C VAL E 163 1.33 -10.96 24.84
N SER E 164 1.71 -12.19 25.12
CA SER E 164 3.02 -12.44 25.71
C SER E 164 4.16 -11.94 24.82
N ASN E 165 4.06 -12.12 23.50
CA ASN E 165 5.11 -11.70 22.58
C ASN E 165 5.31 -10.19 22.49
N MET E 166 4.32 -9.39 22.88
CA MET E 166 4.48 -7.95 22.79
C MET E 166 4.89 -7.31 24.10
N LEU E 167 5.09 -8.11 25.16
CA LEU E 167 5.58 -7.56 26.40
C LEU E 167 7.11 -7.63 26.50
N ASP E 168 7.63 -8.45 27.42
CA ASP E 168 9.07 -8.68 27.57
C ASP E 168 9.88 -7.42 27.95
N ALA F 3 30.56 47.41 3.02
CA ALA F 3 29.25 46.78 3.16
C ALA F 3 29.17 45.96 4.45
N LYS F 4 28.00 45.37 4.71
CA LYS F 4 27.76 44.57 5.91
C LYS F 4 27.48 43.12 5.60
N HIS F 5 26.68 42.82 4.55
CA HIS F 5 26.23 41.46 4.25
C HIS F 5 26.36 41.19 2.76
N ASP F 6 26.35 39.90 2.41
CA ASP F 6 26.45 39.50 1.00
C ASP F 6 25.07 39.42 0.34
N VAL F 7 24.17 38.65 0.93
CA VAL F 7 22.87 38.38 0.33
C VAL F 7 21.77 38.81 1.31
N PHE F 8 20.79 39.57 0.80
CA PHE F 8 19.54 39.80 1.49
C PHE F 8 18.44 39.09 0.71
N PRO F 9 17.85 38.03 1.23
CA PRO F 9 16.72 37.40 0.53
C PRO F 9 15.41 38.05 0.91
N SER F 10 14.60 38.40 -0.09
CA SER F 10 13.26 38.93 0.12
C SER F 10 12.23 37.90 -0.33
N PHE F 11 11.44 37.41 0.61
CA PHE F 11 10.61 36.25 0.39
C PHE F 11 9.44 36.31 1.37
N HIS F 12 8.37 35.60 1.02
CA HIS F 12 7.29 35.39 1.97
C HIS F 12 7.55 34.10 2.74
N GLY F 13 7.33 34.17 4.05
CA GLY F 13 7.72 33.08 4.92
C GLY F 13 7.13 31.74 4.57
N ALA F 14 5.94 31.73 3.95
CA ALA F 14 5.31 30.47 3.56
C ALA F 14 6.00 29.77 2.40
N ASP F 15 6.87 30.46 1.67
CA ASP F 15 7.58 29.87 0.55
C ASP F 15 8.91 29.22 0.94
N VAL F 16 9.32 29.33 2.20
CA VAL F 16 10.57 28.74 2.69
C VAL F 16 10.58 27.21 2.53
N ARG F 17 9.49 26.55 2.93
CA ARG F 17 9.46 25.09 2.88
C ARG F 17 8.66 24.51 1.72
N ARG F 18 7.82 25.30 1.07
CA ARG F 18 7.00 24.76 0.00
C ARG F 18 7.60 25.09 -1.36
N THR F 19 8.72 25.82 -1.35
CA THR F 19 9.58 26.03 -2.51
C THR F 19 10.98 25.57 -2.14
N PHE F 20 11.93 25.74 -3.05
CA PHE F 20 13.35 25.41 -2.86
C PHE F 20 14.11 26.30 -1.88
N LEU F 21 13.54 27.45 -1.48
CA LEU F 21 14.31 28.51 -0.82
C LEU F 21 15.07 28.07 0.44
N SER F 22 14.46 27.24 1.29
CA SER F 22 15.18 26.73 2.46
C SER F 22 16.48 26.00 2.08
N HIS F 23 16.47 25.17 1.03
CA HIS F 23 17.68 24.55 0.52
C HIS F 23 18.67 25.55 -0.08
N ILE F 24 18.18 26.56 -0.79
CA ILE F 24 19.06 27.62 -1.30
C ILE F 24 19.81 28.33 -0.17
N LEU F 25 19.10 28.68 0.90
CA LEU F 25 19.74 29.29 2.07
C LEU F 25 20.76 28.37 2.75
N GLU F 26 20.44 27.08 2.89
CA GLU F 26 21.42 26.11 3.37
C GLU F 26 22.62 25.99 2.44
N SER F 27 22.38 26.02 1.13
CA SER F 27 23.49 26.06 0.19
C SER F 27 24.39 27.28 0.39
N PHE F 28 23.80 28.48 0.58
CA PHE F 28 24.60 29.66 0.92
C PHE F 28 25.40 29.50 2.21
N ARG F 29 24.80 28.93 3.26
CA ARG F 29 25.55 28.62 4.48
C ARG F 29 26.69 27.63 4.24
N ARG F 30 26.43 26.56 3.49
CA ARG F 30 27.49 25.63 3.12
C ARG F 30 28.64 26.32 2.38
N LYS F 31 28.33 27.31 1.56
CA LYS F 31 29.35 28.05 0.84
C LYS F 31 29.85 29.26 1.60
N GLY F 32 29.35 29.48 2.81
CA GLY F 32 29.83 30.53 3.69
C GLY F 32 29.47 31.93 3.24
N ILE F 33 28.41 32.07 2.46
CA ILE F 33 27.88 33.36 2.02
C ILE F 33 27.13 34.01 3.17
N ASP F 34 27.50 35.23 3.51
CA ASP F 34 26.85 35.94 4.60
C ASP F 34 25.43 36.37 4.18
N THR F 35 24.41 35.70 4.73
CA THR F 35 23.01 35.92 4.40
C THR F 35 22.29 36.53 5.61
N PHE F 36 21.66 37.69 5.41
CA PHE F 36 20.86 38.31 6.47
C PHE F 36 19.42 37.85 6.35
N ILE F 37 19.02 36.89 7.19
CA ILE F 37 17.68 36.30 7.10
C ILE F 37 16.81 36.93 8.18
N ASP F 38 15.69 37.50 7.76
CA ASP F 38 14.65 37.97 8.67
C ASP F 38 13.33 37.33 8.27
N ASN F 39 12.72 36.57 9.17
CA ASN F 39 11.50 35.84 8.84
C ASN F 39 10.24 36.63 9.19
N ASN F 40 10.40 37.81 9.77
CA ASN F 40 9.29 38.65 10.24
C ASN F 40 8.49 37.93 11.32
N ILE F 41 9.19 37.56 12.39
CA ILE F 41 8.52 36.76 13.42
C ILE F 41 7.67 37.64 14.30
N GLU F 42 7.96 38.95 14.33
CA GLU F 42 7.09 39.92 14.98
C GLU F 42 5.83 40.21 14.18
N ARG F 43 5.81 39.86 12.89
CA ARG F 43 4.63 39.90 12.04
C ARG F 43 4.23 41.33 11.70
N SER F 44 5.15 42.27 11.89
CA SER F 44 4.92 43.68 11.57
C SER F 44 4.60 43.89 10.10
N LYS F 45 3.76 44.89 9.83
CA LYS F 45 3.21 45.18 8.52
C LYS F 45 4.02 46.23 7.77
N SER F 46 5.09 46.75 8.38
CA SER F 46 5.94 47.74 7.71
C SER F 46 7.39 47.57 8.14
N ILE F 47 8.27 47.98 7.23
CA ILE F 47 9.69 47.58 7.26
C ILE F 47 10.40 48.05 8.53
N GLY F 48 10.27 49.33 8.90
CA GLY F 48 11.03 49.90 10.01
C GLY F 48 12.53 50.02 9.75
N PRO F 49 13.21 50.88 10.53
CA PRO F 49 14.54 51.37 10.09
C PRO F 49 15.68 50.37 10.17
N GLU F 50 15.75 49.53 11.20
CA GLU F 50 16.86 48.60 11.33
C GLU F 50 16.92 47.58 10.19
N LEU F 51 15.76 47.12 9.74
CA LEU F 51 15.72 46.18 8.61
C LEU F 51 16.26 46.78 7.33
N LYS F 52 15.86 48.01 7.00
CA LYS F 52 16.33 48.63 5.75
C LYS F 52 17.82 49.00 5.80
N GLU F 53 18.37 49.30 6.97
CA GLU F 53 19.83 49.36 7.10
C GLU F 53 20.52 48.06 6.72
N ALA F 54 19.94 46.92 7.12
CA ALA F 54 20.42 45.63 6.62
C ALA F 54 20.29 45.47 5.10
N ILE F 55 19.16 45.91 4.53
CA ILE F 55 19.05 45.94 3.08
C ILE F 55 20.09 46.83 2.45
N LYS F 56 20.29 48.04 3.00
CA LYS F 56 21.32 48.96 2.48
C LYS F 56 22.71 48.33 2.50
N GLY F 57 23.03 47.58 3.55
CA GLY F 57 24.32 46.96 3.70
C GLY F 57 24.54 45.68 2.93
N SER F 58 23.59 45.22 2.13
CA SER F 58 23.70 43.94 1.43
C SER F 58 24.08 44.13 -0.04
N LYS F 59 25.14 43.44 -0.47
CA LYS F 59 25.62 43.54 -1.84
C LYS F 59 24.57 43.07 -2.84
N ILE F 60 23.93 41.92 -2.54
CA ILE F 60 22.93 41.32 -3.40
C ILE F 60 21.61 41.22 -2.65
N ALA F 61 20.51 41.57 -3.33
CA ALA F 61 19.16 41.26 -2.87
C ALA F 61 18.54 40.24 -3.82
N ILE F 62 17.99 39.14 -3.26
CA ILE F 62 17.33 38.10 -4.04
C ILE F 62 15.84 38.16 -3.73
N VAL F 63 15.03 38.48 -4.73
CA VAL F 63 13.59 38.65 -4.53
C VAL F 63 12.86 37.41 -5.04
N LEU F 64 12.19 36.69 -4.14
CA LEU F 64 11.39 35.53 -4.54
C LEU F 64 9.97 35.99 -4.87
N LEU F 65 9.71 36.26 -6.15
CA LEU F 65 8.40 36.76 -6.53
C LEU F 65 7.41 35.62 -6.72
N SER F 66 6.29 35.71 -6.00
CA SER F 66 5.30 34.64 -5.98
C SER F 66 3.95 35.28 -5.70
N ARG F 67 2.90 34.49 -5.93
CA ARG F 67 1.54 34.90 -5.60
C ARG F 67 1.41 35.30 -4.14
N LYS F 68 2.16 34.67 -3.25
CA LYS F 68 1.98 34.93 -1.83
C LYS F 68 2.95 35.97 -1.31
N TYR F 69 3.91 36.39 -2.13
CA TYR F 69 4.69 37.60 -1.88
C TYR F 69 3.81 38.85 -1.94
N ALA F 70 2.89 38.89 -2.90
CA ALA F 70 2.06 40.06 -3.12
C ALA F 70 1.03 40.26 -2.02
N SER F 71 0.79 39.24 -1.20
CA SER F 71 -0.16 39.31 -0.10
C SER F 71 0.45 39.84 1.19
N SER F 72 1.71 40.30 1.18
CA SER F 72 2.37 40.78 2.39
C SER F 72 2.91 42.18 2.16
N SER F 73 2.42 43.14 2.95
CA SER F 73 2.93 44.51 2.92
C SER F 73 4.38 44.58 3.37
N TRP F 74 4.76 43.73 4.33
CA TRP F 74 6.16 43.62 4.72
C TRP F 74 7.05 43.29 3.54
N CYS F 75 6.66 42.29 2.74
CA CYS F 75 7.45 41.96 1.55
C CYS F 75 7.51 43.10 0.55
N LEU F 76 6.36 43.70 0.23
CA LEU F 76 6.33 44.85 -0.66
C LEU F 76 7.14 46.04 -0.14
N ASP F 77 7.10 46.32 1.16
CA ASP F 77 8.03 47.30 1.70
C ASP F 77 9.49 46.92 1.51
N GLU F 78 9.84 45.65 1.70
CA GLU F 78 11.20 45.22 1.36
C GLU F 78 11.53 45.45 -0.11
N LEU F 79 10.62 45.10 -1.02
CA LEU F 79 10.85 45.33 -2.45
C LEU F 79 11.09 46.78 -2.78
N ALA F 80 10.28 47.68 -2.24
CA ALA F 80 10.48 49.11 -2.45
C ALA F 80 11.84 49.60 -1.96
N GLU F 81 12.27 49.17 -0.78
CA GLU F 81 13.62 49.52 -0.32
C GLU F 81 14.71 48.93 -1.21
N ILE F 82 14.55 47.67 -1.61
CA ILE F 82 15.51 47.03 -2.51
C ILE F 82 15.64 47.76 -3.84
N MET F 83 14.52 48.17 -4.45
CA MET F 83 14.61 48.96 -5.68
C MET F 83 15.29 50.31 -5.50
N ILE F 84 15.03 51.01 -4.39
CA ILE F 84 15.78 52.24 -4.08
C ILE F 84 17.27 51.98 -3.93
N CYS F 85 17.64 50.93 -3.18
CA CYS F 85 19.04 50.55 -3.06
C CYS F 85 19.68 50.17 -4.40
N ARG F 86 18.91 49.54 -5.29
CA ARG F 86 19.43 49.22 -6.62
C ARG F 86 19.93 50.44 -7.37
N GLU F 87 19.18 51.54 -7.36
CA GLU F 87 19.70 52.78 -7.98
C GLU F 87 20.74 53.52 -7.15
N VAL F 88 20.42 53.88 -5.91
CA VAL F 88 21.27 54.82 -5.19
C VAL F 88 22.50 54.17 -4.57
N LEU F 89 22.46 52.85 -4.29
CA LEU F 89 23.61 52.18 -3.70
C LEU F 89 24.25 51.16 -4.64
N GLY F 90 23.65 50.91 -5.80
CA GLY F 90 24.20 49.99 -6.78
C GLY F 90 24.08 48.55 -6.35
N GLN F 91 23.07 48.26 -5.54
CA GLN F 91 22.81 46.90 -5.12
C GLN F 91 22.45 46.02 -6.30
N ILE F 92 22.96 44.79 -6.29
CA ILE F 92 22.65 43.79 -7.30
C ILE F 92 21.33 43.14 -6.93
N VAL F 93 20.38 43.09 -7.86
CA VAL F 93 19.08 42.49 -7.59
C VAL F 93 18.89 41.27 -8.49
N MET F 94 18.78 40.10 -7.86
CA MET F 94 18.34 38.86 -8.52
C MET F 94 16.84 38.66 -8.32
N THR F 95 16.17 38.18 -9.37
CA THR F 95 14.73 37.95 -9.31
C THR F 95 14.43 36.48 -9.55
N ILE F 96 13.60 35.89 -8.68
CA ILE F 96 13.05 34.55 -8.90
C ILE F 96 11.57 34.74 -9.24
N PHE F 97 11.18 34.37 -10.45
CA PHE F 97 9.78 34.37 -10.85
C PHE F 97 9.23 32.97 -10.62
N TYR F 98 8.57 32.78 -9.48
CA TYR F 98 8.11 31.45 -9.09
C TYR F 98 6.62 31.31 -9.48
N GLU F 99 6.40 30.72 -10.66
CA GLU F 99 5.07 30.40 -11.16
C GLU F 99 4.24 31.63 -11.49
N VAL F 100 4.89 32.78 -11.67
CA VAL F 100 4.22 34.03 -11.99
C VAL F 100 4.87 34.61 -13.23
N ASP F 101 4.04 35.00 -14.19
CA ASP F 101 4.55 35.73 -15.35
C ASP F 101 5.05 37.11 -14.91
N PRO F 102 6.25 37.53 -15.31
CA PRO F 102 6.65 38.95 -15.20
C PRO F 102 5.64 40.02 -15.61
N THR F 103 4.85 39.81 -16.67
CA THR F 103 3.85 40.81 -17.06
C THR F 103 2.81 41.04 -15.95
N ASP F 104 2.36 39.95 -15.32
CA ASP F 104 1.44 40.06 -14.18
C ASP F 104 2.06 40.85 -13.02
N ILE F 105 3.34 40.65 -12.73
CA ILE F 105 4.06 41.55 -11.82
C ILE F 105 4.15 42.97 -12.38
N LYS F 106 4.51 43.11 -13.67
CA LYS F 106 4.64 44.44 -14.27
C LYS F 106 3.34 45.23 -14.23
N LYS F 107 2.22 44.60 -14.56
CA LYS F 107 0.96 45.30 -14.74
C LYS F 107 -0.02 45.07 -13.60
N GLN F 108 0.36 44.22 -12.62
CA GLN F 108 -0.42 43.99 -11.41
C GLN F 108 -1.70 43.19 -11.73
N THR F 109 -1.56 42.21 -12.62
CA THR F 109 -2.65 41.47 -13.22
C THR F 109 -2.61 40.01 -12.79
N GLY F 110 -3.65 39.28 -13.15
CA GLY F 110 -3.86 37.90 -12.76
C GLY F 110 -3.93 37.65 -11.26
N GLU F 111 -3.60 36.40 -10.91
CA GLU F 111 -3.71 35.95 -9.52
C GLU F 111 -2.75 36.69 -8.60
N PHE F 112 -1.56 37.02 -9.10
CA PHE F 112 -0.66 37.93 -8.40
C PHE F 112 -1.29 39.31 -8.18
N GLY F 113 -1.91 39.86 -9.24
CA GLY F 113 -2.61 41.12 -9.10
C GLY F 113 -3.73 41.12 -8.09
N LYS F 114 -4.53 40.05 -8.06
CA LYS F 114 -5.55 39.92 -7.02
C LYS F 114 -4.96 39.91 -5.61
N ALA F 115 -3.89 39.15 -5.40
CA ALA F 115 -3.20 39.18 -4.11
C ALA F 115 -2.68 40.56 -3.75
N PHE F 116 -2.06 41.25 -4.71
CA PHE F 116 -1.64 42.64 -4.53
C PHE F 116 -2.80 43.57 -4.19
N THR F 117 -3.91 43.46 -4.93
CA THR F 117 -5.08 44.29 -4.68
C THR F 117 -5.65 44.12 -3.26
N LYS F 118 -5.73 42.88 -2.78
CA LYS F 118 -6.15 42.63 -1.40
C LYS F 118 -5.24 43.29 -0.36
N THR F 119 -3.93 43.24 -0.54
CA THR F 119 -3.02 43.91 0.39
C THR F 119 -3.25 45.42 0.45
N CYS F 120 -3.52 46.05 -0.69
CA CYS F 120 -3.64 47.50 -0.75
C CYS F 120 -4.90 48.05 -0.10
N ARG F 121 -5.89 47.21 0.19
CA ARG F 121 -7.09 47.63 0.91
C ARG F 121 -6.78 48.28 2.25
N GLY F 122 -7.10 49.57 2.35
CA GLY F 122 -6.93 50.34 3.58
C GLY F 122 -5.54 50.88 3.82
N LYS F 123 -4.73 51.04 2.76
CA LYS F 123 -3.34 51.49 2.79
C LYS F 123 -3.20 52.86 2.12
N PRO F 124 -2.38 53.75 2.67
CA PRO F 124 -2.20 55.07 2.04
C PRO F 124 -1.77 54.99 0.57
N LYS F 125 -2.37 55.87 -0.24
CA LYS F 125 -2.18 55.84 -1.69
C LYS F 125 -0.72 56.00 -2.12
N GLU F 126 0.04 56.87 -1.44
CA GLU F 126 1.48 56.97 -1.71
C GLU F 126 2.25 55.68 -1.46
N GLN F 127 1.98 54.98 -0.37
CA GLN F 127 2.59 53.66 -0.16
C GLN F 127 2.16 52.64 -1.22
N VAL F 128 0.87 52.63 -1.59
CA VAL F 128 0.38 51.73 -2.63
C VAL F 128 1.06 51.99 -3.98
N GLU F 129 1.20 53.25 -4.36
CA GLU F 129 1.95 53.59 -5.56
C GLU F 129 3.44 53.23 -5.44
N ARG F 130 4.03 53.46 -4.27
CA ARG F 130 5.43 53.07 -4.07
C ARG F 130 5.66 51.57 -4.26
N TRP F 131 4.78 50.71 -3.72
CA TRP F 131 4.81 49.30 -4.09
C TRP F 131 4.57 49.06 -5.57
N ARG F 132 3.55 49.71 -6.14
CA ARG F 132 3.22 49.48 -7.55
C ARG F 132 4.35 49.85 -8.49
N LYS F 133 4.99 51.00 -8.27
CA LYS F 133 6.18 51.34 -9.05
C LYS F 133 7.32 50.35 -8.86
N ALA F 134 7.59 49.90 -7.62
CA ALA F 134 8.61 48.87 -7.41
C ALA F 134 8.29 47.56 -8.12
N LEU F 135 7.05 47.10 -8.06
CA LEU F 135 6.65 45.94 -8.87
C LEU F 135 6.81 46.19 -10.36
N GLU F 136 6.40 47.36 -10.84
CA GLU F 136 6.60 47.72 -12.23
C GLU F 136 8.08 47.73 -12.65
N ASP F 137 8.94 48.32 -11.82
CA ASP F 137 10.38 48.24 -12.05
C ASP F 137 10.94 46.81 -11.98
N VAL F 138 10.55 46.04 -10.97
CA VAL F 138 11.21 44.75 -10.76
C VAL F 138 10.89 43.71 -11.83
N ALA F 139 9.76 43.87 -12.52
CA ALA F 139 9.44 43.03 -13.66
C ALA F 139 10.50 43.08 -14.77
N THR F 140 11.12 44.25 -14.99
CA THR F 140 12.04 44.35 -16.12
C THR F 140 13.40 43.70 -15.85
N ILE F 141 13.71 43.37 -14.60
CA ILE F 141 14.92 42.62 -14.26
C ILE F 141 14.80 41.18 -14.75
N ALA F 142 15.67 40.81 -15.69
CA ALA F 142 15.77 39.41 -16.12
C ALA F 142 16.26 38.52 -14.99
N GLY F 143 15.60 37.38 -14.79
CA GLY F 143 15.91 36.51 -13.68
C GLY F 143 15.44 35.09 -13.90
N TYR F 144 15.28 34.36 -12.80
CA TYR F 144 14.95 32.94 -12.85
C TYR F 144 13.45 32.71 -13.05
N HIS F 145 13.12 31.73 -13.87
CA HIS F 145 11.74 31.29 -14.09
C HIS F 145 11.60 29.86 -13.58
N SER F 146 10.82 29.67 -12.53
CA SER F 146 10.91 28.49 -11.69
C SER F 146 9.53 27.93 -11.40
N HIS F 147 9.47 26.62 -11.17
CA HIS F 147 8.19 25.96 -10.92
C HIS F 147 8.40 24.82 -9.92
N LYS F 148 7.29 24.41 -9.30
CA LYS F 148 7.31 23.27 -8.40
C LYS F 148 7.73 21.98 -9.12
N TRP F 149 7.27 21.78 -10.37
CA TRP F 149 7.56 20.51 -11.05
C TRP F 149 9.02 20.41 -11.51
N CYS F 150 9.68 21.55 -11.73
CA CYS F 150 11.08 21.54 -12.14
C CYS F 150 11.99 20.86 -11.11
N ASP F 151 13.12 20.32 -11.59
CA ASP F 151 14.15 19.73 -10.74
C ASP F 151 14.71 20.74 -9.74
N GLU F 152 14.35 20.58 -8.47
CA GLU F 152 14.76 21.49 -7.40
C GLU F 152 16.28 21.56 -7.22
N ALA F 153 16.96 20.41 -7.23
CA ALA F 153 18.41 20.36 -7.01
C ALA F 153 19.22 21.15 -8.05
N GLU F 154 18.87 20.99 -9.33
CA GLU F 154 19.52 21.77 -10.38
C GLU F 154 19.30 23.28 -10.22
N MET F 155 18.07 23.70 -9.86
CA MET F 155 17.82 25.12 -9.60
C MET F 155 18.67 25.68 -8.46
N ILE F 156 18.80 24.95 -7.36
CA ILE F 156 19.67 25.40 -6.28
C ILE F 156 21.13 25.56 -6.75
N GLU F 157 21.63 24.59 -7.51
CA GLU F 157 23.00 24.67 -8.02
C GLU F 157 23.25 25.89 -8.90
N LYS F 158 22.33 26.19 -9.83
CA LYS F 158 22.45 27.39 -10.65
C LYS F 158 22.37 28.68 -9.84
N ILE F 159 21.42 28.76 -8.91
CA ILE F 159 21.28 29.95 -8.06
C ILE F 159 22.52 30.22 -7.24
N SER F 160 23.01 29.21 -6.53
CA SER F 160 24.22 29.38 -5.75
C SER F 160 25.43 29.75 -6.59
N THR F 161 25.58 29.12 -7.75
CA THR F 161 26.66 29.48 -8.66
C THR F 161 26.57 30.93 -9.10
N ASP F 162 25.39 31.38 -9.50
CA ASP F 162 25.21 32.76 -9.91
C ASP F 162 25.53 33.75 -8.78
N VAL F 163 25.03 33.47 -7.57
CA VAL F 163 25.38 34.32 -6.42
C VAL F 163 26.87 34.34 -6.13
N SER F 164 27.53 33.17 -6.12
CA SER F 164 28.98 33.15 -5.89
C SER F 164 29.76 33.95 -6.94
N ASN F 165 29.39 33.84 -8.22
CA ASN F 165 30.14 34.53 -9.27
C ASN F 165 29.93 36.05 -9.28
N MET F 166 28.91 36.55 -8.60
CA MET F 166 28.72 37.99 -8.47
C MET F 166 29.31 38.56 -7.18
N LEU F 167 29.83 37.71 -6.29
CA LEU F 167 30.51 38.17 -5.09
C LEU F 167 32.03 38.18 -5.29
N ASP F 168 32.62 37.01 -5.54
CA ASP F 168 34.08 36.80 -5.49
C ASP F 168 34.66 37.18 -4.13
N LYS G 4 -48.00 -21.31 54.32
CA LYS G 4 -48.07 -19.85 54.29
C LYS G 4 -47.16 -19.23 53.20
N HIS G 5 -46.09 -18.57 53.64
CA HIS G 5 -45.16 -17.87 52.76
C HIS G 5 -44.47 -18.79 51.74
N ASP G 6 -44.14 -18.20 50.58
CA ASP G 6 -43.48 -18.92 49.49
C ASP G 6 -41.96 -18.99 49.68
N VAL G 7 -41.33 -17.86 50.04
CA VAL G 7 -39.87 -17.79 50.14
C VAL G 7 -39.47 -17.23 51.49
N PHE G 8 -38.55 -17.93 52.16
CA PHE G 8 -37.85 -17.40 53.33
C PHE G 8 -36.41 -17.07 52.94
N PRO G 9 -36.02 -15.79 52.90
CA PRO G 9 -34.62 -15.45 52.59
C PRO G 9 -33.75 -15.40 53.83
N SER G 10 -32.70 -16.20 53.85
CA SER G 10 -31.72 -16.22 54.94
C SER G 10 -30.39 -15.63 54.47
N PHE G 11 -30.03 -14.48 55.05
CA PHE G 11 -28.93 -13.68 54.53
C PHE G 11 -28.44 -12.78 55.65
N HIS G 12 -27.19 -12.36 55.53
CA HIS G 12 -26.67 -11.33 56.41
C HIS G 12 -26.94 -9.96 55.81
N GLY G 13 -27.28 -9.00 56.67
CA GLY G 13 -27.74 -7.71 56.19
C GLY G 13 -26.73 -6.97 55.33
N ALA G 14 -25.43 -7.18 55.57
CA ALA G 14 -24.42 -6.40 54.87
C ALA G 14 -23.95 -7.03 53.55
N ASP G 15 -24.63 -8.06 53.05
CA ASP G 15 -24.37 -8.58 51.69
C ASP G 15 -25.36 -8.02 50.64
N SER G 22 -30.81 -6.76 47.53
CA SER G 22 -31.82 -5.74 47.26
C SER G 22 -32.81 -6.17 46.17
N HIS G 23 -32.33 -6.18 44.92
CA HIS G 23 -33.22 -6.24 43.76
C HIS G 23 -33.77 -7.63 43.46
N ILE G 24 -33.13 -8.69 43.96
CA ILE G 24 -33.72 -10.02 43.86
C ILE G 24 -35.07 -10.06 44.58
N LEU G 25 -35.13 -9.50 45.79
CA LEU G 25 -36.39 -9.39 46.52
C LEU G 25 -37.40 -8.50 45.82
N GLU G 26 -36.94 -7.39 45.24
CA GLU G 26 -37.79 -6.59 44.37
C GLU G 26 -38.27 -7.37 43.14
N SER G 27 -37.38 -8.16 42.52
CA SER G 27 -37.80 -9.05 41.43
C SER G 27 -38.84 -10.08 41.88
N PHE G 28 -38.65 -10.70 43.06
CA PHE G 28 -39.69 -11.58 43.63
C PHE G 28 -41.03 -10.88 43.82
N ARG G 29 -41.02 -9.65 44.32
CA ARG G 29 -42.24 -8.85 44.37
C ARG G 29 -42.88 -8.61 43.01
N ARG G 30 -42.08 -8.28 41.98
CA ARG G 30 -42.62 -8.22 40.61
C ARG G 30 -43.18 -9.55 40.14
N LYS G 31 -42.51 -10.66 40.44
CA LYS G 31 -43.08 -11.98 40.18
C LYS G 31 -44.38 -12.18 40.95
N GLY G 32 -44.45 -11.70 42.18
CA GLY G 32 -45.66 -11.72 42.97
C GLY G 32 -45.70 -12.81 44.02
N ILE G 33 -44.57 -13.36 44.37
CA ILE G 33 -44.42 -14.45 45.32
C ILE G 33 -44.15 -13.90 46.71
N ASP G 34 -44.61 -14.61 47.74
CA ASP G 34 -44.67 -14.07 49.09
C ASP G 34 -43.36 -14.31 49.83
N THR G 35 -42.52 -13.27 49.89
CA THR G 35 -41.27 -13.25 50.62
C THR G 35 -41.50 -12.81 52.07
N PHE G 36 -41.16 -13.68 53.02
CA PHE G 36 -41.21 -13.29 54.43
C PHE G 36 -39.88 -12.65 54.82
N ILE G 37 -39.82 -11.32 54.75
CA ILE G 37 -38.60 -10.59 55.05
C ILE G 37 -38.68 -10.10 56.47
N ASP G 38 -37.91 -10.72 57.37
CA ASP G 38 -37.74 -10.24 58.75
C ASP G 38 -36.28 -9.93 58.97
N ASN G 39 -35.96 -8.64 59.09
CA ASN G 39 -34.62 -8.20 59.42
C ASN G 39 -34.46 -8.20 60.94
N ASN G 40 -33.25 -8.52 61.39
CA ASN G 40 -32.98 -8.65 62.82
C ASN G 40 -32.70 -7.29 63.45
N ILE G 41 -33.70 -6.40 63.36
CA ILE G 41 -33.51 -5.01 63.78
C ILE G 41 -33.47 -4.89 65.30
N GLU G 42 -33.99 -5.89 66.00
CA GLU G 42 -33.91 -5.97 67.44
C GLU G 42 -32.55 -6.47 67.92
N ARG G 43 -31.73 -7.00 67.01
CA ARG G 43 -30.35 -7.44 67.29
C ARG G 43 -30.31 -8.67 68.21
N SER G 44 -31.35 -9.50 68.13
CA SER G 44 -31.39 -10.74 68.89
C SER G 44 -30.25 -11.67 68.50
N LYS G 45 -29.61 -12.26 69.51
CA LYS G 45 -28.43 -13.10 69.28
C LYS G 45 -28.83 -14.52 68.85
N SER G 46 -30.08 -14.92 69.05
CA SER G 46 -30.54 -16.26 68.74
C SER G 46 -31.97 -16.19 68.21
N ILE G 47 -32.33 -17.20 67.40
CA ILE G 47 -33.66 -17.27 66.81
C ILE G 47 -34.74 -17.38 67.88
N GLY G 48 -35.83 -16.64 67.68
CA GLY G 48 -36.97 -16.68 68.57
C GLY G 48 -38.05 -17.62 68.09
N PRO G 49 -39.06 -17.86 68.93
CA PRO G 49 -40.06 -18.89 68.59
C PRO G 49 -41.02 -18.47 67.49
N GLU G 50 -41.36 -17.18 67.42
CA GLU G 50 -42.22 -16.66 66.36
C GLU G 50 -41.60 -16.82 64.97
N LEU G 51 -40.30 -16.51 64.86
CA LEU G 51 -39.62 -16.59 63.56
C LEU G 51 -39.55 -18.02 62.99
N LYS G 52 -39.22 -19.01 63.82
CA LYS G 52 -39.13 -20.39 63.34
C LYS G 52 -40.47 -20.95 62.83
N GLU G 53 -41.61 -20.50 63.37
CA GLU G 53 -42.88 -20.77 62.72
C GLU G 53 -42.95 -20.22 61.29
N ALA G 54 -42.46 -19.01 61.07
CA ALA G 54 -42.39 -18.47 59.71
C ALA G 54 -41.49 -19.30 58.77
N ILE G 55 -40.31 -19.72 59.26
CA ILE G 55 -39.48 -20.68 58.52
C ILE G 55 -40.21 -22.00 58.25
N LYS G 56 -40.89 -22.56 59.27
CA LYS G 56 -41.72 -23.75 59.06
C LYS G 56 -42.78 -23.55 57.99
N GLY G 57 -43.43 -22.39 57.98
CA GLY G 57 -44.48 -22.12 57.00
C GLY G 57 -43.98 -21.87 55.59
N SER G 58 -42.67 -21.63 55.40
CA SER G 58 -42.14 -21.22 54.11
C SER G 58 -41.82 -22.41 53.22
N LYS G 59 -42.40 -22.40 52.01
CA LYS G 59 -42.21 -23.47 51.05
C LYS G 59 -40.75 -23.58 50.62
N ILE G 60 -40.12 -22.45 50.32
CA ILE G 60 -38.74 -22.40 49.85
C ILE G 60 -37.94 -21.53 50.80
N ALA G 61 -36.73 -21.99 51.12
CA ALA G 61 -35.73 -21.18 51.79
C ALA G 61 -34.55 -20.93 50.88
N ILE G 62 -34.05 -19.69 50.88
CA ILE G 62 -32.88 -19.29 50.10
C ILE G 62 -31.82 -18.84 51.10
N VAL G 63 -30.66 -19.49 51.07
CA VAL G 63 -29.59 -19.23 52.04
C VAL G 63 -28.41 -18.60 51.32
N LEU G 64 -28.10 -17.35 51.67
CA LEU G 64 -26.95 -16.63 51.10
C LEU G 64 -25.72 -16.83 51.99
N LEU G 65 -24.86 -17.78 51.60
CA LEU G 65 -23.72 -18.20 52.44
C LEU G 65 -22.48 -17.40 52.09
N SER G 66 -21.86 -16.81 53.11
CA SER G 66 -20.79 -15.84 52.94
C SER G 66 -20.00 -15.79 54.23
N ARG G 67 -18.88 -15.06 54.19
CA ARG G 67 -18.11 -14.80 55.41
C ARG G 67 -18.94 -14.10 56.48
N LYS G 68 -19.80 -13.16 56.09
CA LYS G 68 -20.59 -12.44 57.09
C LYS G 68 -21.74 -13.26 57.64
N TYR G 69 -22.23 -14.24 56.87
CA TYR G 69 -23.18 -15.20 57.41
C TYR G 69 -22.59 -16.01 58.56
N ALA G 70 -21.34 -16.45 58.41
CA ALA G 70 -20.65 -17.18 59.47
C ALA G 70 -20.50 -16.34 60.74
N SER G 71 -20.26 -15.04 60.60
CA SER G 71 -20.09 -14.17 61.75
C SER G 71 -21.40 -13.66 62.34
N SER G 72 -22.52 -14.32 62.10
CA SER G 72 -23.77 -13.97 62.76
C SER G 72 -24.38 -15.25 63.35
N SER G 73 -24.50 -15.27 64.68
CA SER G 73 -25.16 -16.36 65.37
C SER G 73 -26.63 -16.47 65.01
N TRP G 74 -27.29 -15.33 64.78
CA TRP G 74 -28.66 -15.32 64.28
C TRP G 74 -28.82 -16.03 62.95
N CYS G 75 -27.91 -15.77 62.01
CA CYS G 75 -27.96 -16.48 60.72
C CYS G 75 -27.77 -17.97 60.87
N LEU G 76 -26.77 -18.39 61.65
CA LEU G 76 -26.55 -19.81 61.91
C LEU G 76 -27.75 -20.48 62.59
N ASP G 77 -28.40 -19.81 63.53
CA ASP G 77 -29.69 -20.31 64.03
C ASP G 77 -30.75 -20.42 62.94
N GLU G 78 -30.85 -19.46 62.02
CA GLU G 78 -31.73 -19.67 60.87
C GLU G 78 -31.35 -20.90 60.07
N LEU G 79 -30.06 -21.11 59.81
CA LEU G 79 -29.62 -22.27 59.05
C LEU G 79 -30.03 -23.59 59.69
N ALA G 80 -29.83 -23.71 61.00
CA ALA G 80 -30.25 -24.91 61.71
C ALA G 80 -31.75 -25.19 61.59
N GLU G 81 -32.59 -24.18 61.80
CA GLU G 81 -34.02 -24.37 61.62
C GLU G 81 -34.43 -24.70 60.19
N ILE G 82 -33.83 -24.03 59.21
CA ILE G 82 -34.09 -24.35 57.81
C ILE G 82 -33.74 -25.80 57.48
N MET G 83 -32.57 -26.26 57.92
CA MET G 83 -32.21 -27.65 57.69
C MET G 83 -33.10 -28.66 58.41
N ILE G 84 -33.53 -28.36 59.63
CA ILE G 84 -34.58 -29.17 60.27
C ILE G 84 -35.87 -29.16 59.44
N CYS G 85 -36.29 -27.98 58.96
CA CYS G 85 -37.44 -27.93 58.05
C CYS G 85 -37.22 -28.67 56.74
N ARG G 86 -36.02 -28.58 56.17
CA ARG G 86 -35.72 -29.37 54.98
C ARG G 86 -35.86 -30.86 55.23
N GLU G 87 -35.41 -31.33 56.38
CA GLU G 87 -35.60 -32.73 56.75
C GLU G 87 -37.05 -33.08 57.09
N VAL G 88 -37.59 -32.49 58.17
CA VAL G 88 -38.92 -32.84 58.65
C VAL G 88 -40.01 -32.52 57.63
N LEU G 89 -39.92 -31.37 56.98
CA LEU G 89 -41.00 -30.93 56.12
C LEU G 89 -40.54 -30.93 54.67
N GLY G 90 -41.34 -30.33 53.81
CA GLY G 90 -41.09 -30.38 52.39
C GLY G 90 -40.28 -29.20 51.92
N GLN G 91 -39.75 -28.41 52.85
CA GLN G 91 -39.10 -27.17 52.50
C GLN G 91 -37.91 -27.39 51.56
N ILE G 92 -37.91 -26.63 50.45
CA ILE G 92 -36.84 -26.67 49.45
C ILE G 92 -35.83 -25.62 49.84
N VAL G 93 -34.55 -25.97 49.77
CA VAL G 93 -33.47 -25.07 50.16
C VAL G 93 -32.62 -24.77 48.94
N MET G 94 -32.59 -23.49 48.56
CA MET G 94 -31.63 -22.98 47.59
C MET G 94 -30.40 -22.45 48.32
N THR G 95 -29.24 -22.77 47.78
CA THR G 95 -27.98 -22.32 48.33
C THR G 95 -27.32 -21.36 47.35
N ILE G 96 -26.86 -20.23 47.88
CA ILE G 96 -26.01 -19.32 47.12
C ILE G 96 -24.66 -19.24 47.83
N PHE G 97 -23.63 -19.77 47.19
CA PHE G 97 -22.26 -19.73 47.73
C PHE G 97 -21.58 -18.47 47.21
N TYR G 98 -21.62 -17.41 48.02
CA TYR G 98 -21.12 -16.10 47.59
C TYR G 98 -19.70 -15.89 48.10
N GLU G 99 -18.76 -15.88 47.16
CA GLU G 99 -17.34 -15.61 47.43
C GLU G 99 -16.75 -16.65 48.38
N VAL G 100 -17.28 -17.88 48.36
CA VAL G 100 -16.93 -18.89 49.35
C VAL G 100 -16.98 -20.28 48.70
N ASP G 101 -16.03 -21.14 49.10
CA ASP G 101 -15.90 -22.50 48.56
C ASP G 101 -16.70 -23.44 49.46
N PRO G 102 -17.48 -24.38 48.89
CA PRO G 102 -18.31 -25.22 49.75
C PRO G 102 -17.54 -26.16 50.67
N THR G 103 -16.35 -26.64 50.28
CA THR G 103 -15.55 -27.44 51.21
C THR G 103 -15.16 -26.65 52.48
N ASP G 104 -14.87 -25.36 52.34
CA ASP G 104 -14.67 -24.51 53.51
C ASP G 104 -15.89 -24.47 54.43
N ILE G 105 -17.09 -24.35 53.86
CA ILE G 105 -18.32 -24.52 54.64
C ILE G 105 -18.45 -25.93 55.20
N LYS G 106 -18.20 -26.95 54.38
CA LYS G 106 -18.33 -28.34 54.82
C LYS G 106 -17.40 -28.67 55.97
N LYS G 107 -16.15 -28.22 55.89
CA LYS G 107 -15.15 -28.60 56.87
C LYS G 107 -14.91 -27.53 57.94
N GLN G 108 -15.54 -26.35 57.79
CA GLN G 108 -15.42 -25.25 58.74
C GLN G 108 -14.04 -24.60 58.71
N THR G 109 -13.47 -24.52 57.51
CA THR G 109 -12.07 -24.16 57.31
C THR G 109 -11.99 -22.89 56.46
N GLY G 110 -10.77 -22.46 56.17
CA GLY G 110 -10.52 -21.23 55.42
C GLY G 110 -10.99 -19.95 56.09
N GLU G 111 -11.05 -18.88 55.28
CA GLU G 111 -11.45 -17.58 55.79
C GLU G 111 -12.87 -17.60 56.35
N PHE G 112 -13.76 -18.37 55.74
CA PHE G 112 -15.07 -18.65 56.33
C PHE G 112 -14.95 -19.34 57.69
N GLY G 113 -14.08 -20.35 57.78
CA GLY G 113 -13.83 -21.00 59.05
C GLY G 113 -13.25 -20.09 60.13
N LYS G 114 -12.37 -19.18 59.74
CA LYS G 114 -11.91 -18.15 60.66
C LYS G 114 -13.04 -17.20 61.08
N ALA G 115 -13.94 -16.86 60.16
CA ALA G 115 -15.12 -16.07 60.53
C ALA G 115 -16.06 -16.81 61.47
N PHE G 116 -16.30 -18.10 61.21
CA PHE G 116 -16.88 -19.04 62.16
C PHE G 116 -15.95 -19.20 63.38
N THR G 117 -16.46 -19.87 64.42
CA THR G 117 -15.74 -20.16 65.67
C THR G 117 -15.42 -18.91 66.49
N LYS G 118 -15.22 -17.77 65.83
CA LYS G 118 -15.28 -16.48 66.51
C LYS G 118 -16.67 -16.22 67.10
N THR G 119 -17.72 -16.56 66.35
CA THR G 119 -19.08 -16.60 66.87
C THR G 119 -19.25 -17.61 67.99
N CYS G 120 -18.53 -18.73 67.94
CA CYS G 120 -18.71 -19.83 68.88
C CYS G 120 -17.89 -19.66 70.16
N ARG G 121 -17.26 -18.49 70.34
CA ARG G 121 -16.50 -18.22 71.54
C ARG G 121 -17.43 -17.93 72.72
N GLY G 122 -18.68 -17.57 72.46
CA GLY G 122 -19.69 -17.50 73.50
C GLY G 122 -19.90 -18.81 74.28
N LYS G 123 -20.70 -18.65 75.33
CA LYS G 123 -20.99 -19.74 76.27
C LYS G 123 -21.66 -21.00 75.71
N PRO G 124 -22.68 -20.92 74.83
CA PRO G 124 -23.32 -22.16 74.34
C PRO G 124 -22.33 -23.16 73.74
N LYS G 125 -22.70 -24.45 73.85
CA LYS G 125 -21.86 -25.55 73.38
C LYS G 125 -22.62 -26.50 72.46
N GLU G 126 -23.83 -26.90 72.87
CA GLU G 126 -24.69 -27.74 72.04
C GLU G 126 -25.12 -27.01 70.78
N GLN G 127 -25.43 -25.72 70.91
CA GLN G 127 -25.74 -24.86 69.78
C GLN G 127 -24.61 -24.75 68.77
N VAL G 128 -23.36 -24.69 69.24
CA VAL G 128 -22.21 -24.68 68.33
C VAL G 128 -22.15 -25.95 67.48
N GLU G 129 -22.37 -27.11 68.10
CA GLU G 129 -22.46 -28.35 67.33
C GLU G 129 -23.67 -28.37 66.40
N ARG G 130 -24.80 -27.84 66.84
CA ARG G 130 -25.98 -27.71 65.99
C ARG G 130 -25.71 -26.87 64.73
N TRP G 131 -25.03 -25.73 64.89
CA TRP G 131 -24.52 -24.97 63.73
C TRP G 131 -23.54 -25.76 62.86
N ARG G 132 -22.59 -26.45 63.49
CA ARG G 132 -21.60 -27.20 62.74
C ARG G 132 -22.21 -28.30 61.88
N LYS G 133 -23.17 -29.05 62.42
CA LYS G 133 -23.90 -30.02 61.60
C LYS G 133 -24.68 -29.38 60.45
N ALA G 134 -25.38 -28.28 60.72
CA ALA G 134 -26.09 -27.56 59.66
C ALA G 134 -25.17 -27.04 58.55
N LEU G 135 -24.04 -26.44 58.91
CA LEU G 135 -23.04 -26.05 57.91
C LEU G 135 -22.53 -27.24 57.10
N GLU G 136 -22.19 -28.34 57.78
CA GLU G 136 -21.75 -29.56 57.11
C GLU G 136 -22.81 -30.14 56.18
N ASP G 137 -24.07 -30.23 56.64
CA ASP G 137 -25.16 -30.65 55.77
C ASP G 137 -25.45 -29.68 54.61
N VAL G 138 -25.45 -28.37 54.87
CA VAL G 138 -25.78 -27.41 53.82
C VAL G 138 -24.79 -27.48 52.64
N ALA G 139 -23.53 -27.73 52.92
CA ALA G 139 -22.51 -27.72 51.86
C ALA G 139 -22.70 -28.80 50.79
N THR G 140 -23.51 -29.83 51.05
CA THR G 140 -23.79 -30.87 50.05
C THR G 140 -25.03 -30.59 49.23
N ILE G 141 -25.66 -29.43 49.41
CA ILE G 141 -26.76 -28.97 48.56
C ILE G 141 -26.16 -28.14 47.43
N ALA G 142 -26.18 -28.67 46.21
CA ALA G 142 -25.69 -27.95 45.05
C ALA G 142 -26.51 -26.68 44.81
N GLY G 143 -25.85 -25.62 44.36
CA GLY G 143 -26.50 -24.34 44.29
C GLY G 143 -25.74 -23.32 43.43
N TYR G 144 -26.00 -22.05 43.69
CA TYR G 144 -25.38 -20.96 42.95
C TYR G 144 -24.00 -20.63 43.49
N HIS G 145 -23.02 -20.47 42.58
CA HIS G 145 -21.67 -20.06 42.92
C HIS G 145 -21.45 -18.67 42.37
N SER G 146 -21.30 -17.68 43.25
CA SER G 146 -21.51 -16.28 42.92
C SER G 146 -20.33 -15.42 43.40
N HIS G 147 -20.07 -14.35 42.66
CA HIS G 147 -18.99 -13.44 43.01
C HIS G 147 -19.46 -12.01 42.89
N LYS G 148 -18.69 -11.10 43.51
CA LYS G 148 -18.96 -9.67 43.42
C LYS G 148 -18.99 -9.17 41.98
N TRP G 149 -18.09 -9.68 41.13
CA TRP G 149 -18.00 -9.20 39.76
C TRP G 149 -19.11 -9.69 38.83
N CYS G 150 -19.77 -10.79 39.14
CA CYS G 150 -20.76 -11.36 38.25
C CYS G 150 -21.93 -10.42 37.95
N ASP G 151 -22.46 -10.54 36.73
CA ASP G 151 -23.50 -9.66 36.21
C ASP G 151 -24.78 -9.83 37.00
N GLU G 152 -25.13 -8.80 37.79
CA GLU G 152 -26.21 -8.90 38.76
C GLU G 152 -27.58 -9.13 38.11
N ALA G 153 -27.88 -8.45 37.01
CA ALA G 153 -29.14 -8.66 36.30
C ALA G 153 -29.32 -10.09 35.79
N GLU G 154 -28.25 -10.68 35.25
CA GLU G 154 -28.31 -12.09 34.84
C GLU G 154 -28.57 -13.05 35.99
N MET G 155 -27.88 -12.85 37.12
CA MET G 155 -28.15 -13.62 38.34
C MET G 155 -29.57 -13.44 38.89
N ILE G 156 -30.06 -12.21 38.93
CA ILE G 156 -31.45 -11.96 39.36
C ILE G 156 -32.46 -12.74 38.51
N GLU G 157 -32.30 -12.70 37.18
CA GLU G 157 -33.23 -13.42 36.32
C GLU G 157 -33.22 -14.93 36.53
N LYS G 158 -32.03 -15.53 36.60
CA LYS G 158 -31.91 -16.98 36.81
C LYS G 158 -32.49 -17.46 38.14
N ILE G 159 -32.17 -16.78 39.24
CA ILE G 159 -32.76 -17.11 40.55
C ILE G 159 -34.27 -16.95 40.58
N SER G 160 -34.78 -15.82 40.08
CA SER G 160 -36.23 -15.63 39.98
C SER G 160 -36.91 -16.68 39.12
N THR G 161 -36.28 -17.05 38.00
CA THR G 161 -36.78 -18.17 37.20
C THR G 161 -36.84 -19.48 37.97
N ASP G 162 -35.75 -19.86 38.66
CA ASP G 162 -35.76 -21.07 39.47
C ASP G 162 -36.79 -21.07 40.60
N VAL G 163 -36.89 -19.97 41.36
CA VAL G 163 -37.88 -19.90 42.44
C VAL G 163 -39.30 -20.05 41.92
N SER G 164 -39.65 -19.30 40.86
CA SER G 164 -40.99 -19.40 40.27
C SER G 164 -41.27 -20.79 39.70
N ASN G 165 -40.27 -21.40 39.04
CA ASN G 165 -40.39 -22.77 38.56
C ASN G 165 -40.61 -23.78 39.68
N MET G 166 -39.90 -23.64 40.80
CA MET G 166 -40.13 -24.52 41.96
C MET G 166 -41.50 -24.33 42.60
N LEU G 167 -42.17 -23.20 42.38
CA LEU G 167 -43.51 -22.98 42.90
C LEU G 167 -44.61 -23.47 41.97
N ASP G 168 -44.28 -24.21 40.93
CA ASP G 168 -45.27 -24.93 40.15
C ASP G 168 -45.82 -26.12 40.94
N ALA H 3 -15.61 -8.17 -15.74
CA ALA H 3 -15.04 -9.43 -15.26
C ALA H 3 -15.74 -10.65 -15.88
N LYS H 4 -15.35 -11.85 -15.44
CA LYS H 4 -15.91 -13.09 -15.94
C LYS H 4 -16.58 -13.92 -14.86
N HIS H 5 -16.02 -13.96 -13.65
CA HIS H 5 -16.52 -14.84 -12.60
C HIS H 5 -16.46 -14.13 -11.25
N ASP H 6 -17.19 -14.67 -10.28
CA ASP H 6 -17.32 -14.07 -8.96
C ASP H 6 -16.33 -14.67 -7.96
N VAL H 7 -16.37 -15.98 -7.79
CA VAL H 7 -15.53 -16.68 -6.83
C VAL H 7 -14.62 -17.64 -7.56
N PHE H 8 -13.33 -17.60 -7.22
CA PHE H 8 -12.36 -18.58 -7.68
C PHE H 8 -11.85 -19.36 -6.48
N PRO H 9 -12.20 -20.63 -6.35
CA PRO H 9 -11.68 -21.42 -5.23
C PRO H 9 -10.37 -22.10 -5.58
N SER H 10 -9.36 -21.92 -4.74
CA SER H 10 -8.07 -22.58 -4.90
C SER H 10 -7.88 -23.59 -3.78
N PHE H 11 -7.78 -24.86 -4.14
CA PHE H 11 -7.85 -25.94 -3.17
C PHE H 11 -7.18 -27.16 -3.77
N HIS H 12 -6.80 -28.09 -2.89
CA HIS H 12 -6.37 -29.42 -3.31
C HIS H 12 -7.58 -30.35 -3.32
N GLY H 13 -7.68 -31.17 -4.36
CA GLY H 13 -8.90 -31.92 -4.61
C GLY H 13 -9.29 -32.87 -3.50
N ALA H 14 -8.31 -33.32 -2.70
CA ALA H 14 -8.60 -34.23 -1.60
C ALA H 14 -9.26 -33.57 -0.40
N ASP H 15 -9.24 -32.24 -0.30
CA ASP H 15 -9.89 -31.55 0.83
C ASP H 15 -11.36 -31.18 0.56
N SER H 22 -17.09 -28.72 -2.29
CA SER H 22 -18.30 -29.51 -2.45
C SER H 22 -19.52 -28.73 -1.96
N HIS H 23 -19.85 -28.95 -0.68
CA HIS H 23 -21.07 -28.39 -0.10
C HIS H 23 -21.11 -26.87 -0.14
N ILE H 24 -19.96 -26.22 0.11
CA ILE H 24 -19.89 -24.76 -0.01
C ILE H 24 -20.22 -24.31 -1.44
N LEU H 25 -19.66 -24.99 -2.45
CA LEU H 25 -19.87 -24.58 -3.84
C LEU H 25 -21.26 -24.91 -4.35
N GLU H 26 -21.89 -25.95 -3.80
CA GLU H 26 -23.32 -26.16 -4.01
C GLU H 26 -24.17 -24.99 -3.52
N SER H 27 -23.85 -24.43 -2.36
CA SER H 27 -24.49 -23.21 -1.89
C SER H 27 -24.27 -22.01 -2.82
N PHE H 28 -23.04 -21.82 -3.31
CA PHE H 28 -22.75 -20.67 -4.18
C PHE H 28 -23.63 -20.63 -5.43
N ARG H 29 -23.72 -21.74 -6.18
CA ARG H 29 -24.52 -21.74 -7.41
C ARG H 29 -26.01 -21.53 -7.14
N ARG H 30 -26.55 -22.12 -6.07
CA ARG H 30 -27.92 -21.81 -5.65
C ARG H 30 -28.10 -20.34 -5.27
N LYS H 31 -27.16 -19.79 -4.51
CA LYS H 31 -27.30 -18.43 -4.01
C LYS H 31 -27.02 -17.39 -5.09
N GLY H 32 -26.39 -17.79 -6.19
CA GLY H 32 -26.30 -16.99 -7.39
C GLY H 32 -24.89 -16.53 -7.71
N ILE H 33 -23.88 -17.25 -7.22
CA ILE H 33 -22.49 -16.83 -7.25
C ILE H 33 -21.76 -17.60 -8.33
N ASP H 34 -21.30 -16.89 -9.36
CA ASP H 34 -20.71 -17.51 -10.54
C ASP H 34 -19.29 -17.99 -10.20
N THR H 35 -19.09 -19.30 -10.22
CA THR H 35 -17.89 -19.92 -9.66
C THR H 35 -17.16 -20.69 -10.75
N PHE H 36 -15.88 -20.37 -10.95
CA PHE H 36 -15.06 -21.09 -11.90
C PHE H 36 -14.31 -22.21 -11.17
N ILE H 37 -14.54 -23.46 -11.57
CA ILE H 37 -13.93 -24.60 -10.91
C ILE H 37 -13.06 -25.33 -11.91
N ASP H 38 -11.79 -25.53 -11.55
CA ASP H 38 -10.89 -26.39 -12.30
C ASP H 38 -10.31 -27.40 -11.31
N ASN H 39 -10.47 -28.68 -11.61
CA ASN H 39 -10.04 -29.76 -10.73
C ASN H 39 -8.67 -30.31 -11.07
N ASN H 40 -8.01 -29.71 -12.08
CA ASN H 40 -6.66 -30.12 -12.52
C ASN H 40 -6.75 -31.46 -13.26
N ILE H 41 -7.73 -31.58 -14.16
CA ILE H 41 -8.06 -32.88 -14.75
C ILE H 41 -6.98 -33.37 -15.69
N GLU H 42 -6.10 -32.49 -16.17
CA GLU H 42 -4.98 -32.88 -17.02
C GLU H 42 -3.72 -33.13 -16.19
N ARG H 43 -3.81 -32.91 -14.87
CA ARG H 43 -2.79 -33.17 -13.85
C ARG H 43 -1.50 -32.39 -14.13
N SER H 44 -1.67 -31.29 -14.85
CA SER H 44 -0.60 -30.37 -15.21
C SER H 44 0.04 -29.76 -13.96
N LYS H 45 1.32 -29.45 -14.07
CA LYS H 45 2.12 -28.95 -12.96
C LYS H 45 2.29 -27.44 -12.97
N SER H 46 1.66 -26.73 -13.90
CA SER H 46 1.77 -25.27 -13.99
C SER H 46 0.53 -24.71 -14.69
N ILE H 47 0.28 -23.42 -14.43
CA ILE H 47 -1.05 -22.83 -14.62
C ILE H 47 -1.50 -22.92 -16.08
N GLY H 48 -0.67 -22.47 -17.00
CA GLY H 48 -1.09 -22.19 -18.36
C GLY H 48 -1.91 -20.91 -18.41
N PRO H 49 -1.89 -20.22 -19.56
CA PRO H 49 -2.37 -18.82 -19.56
C PRO H 49 -3.88 -18.68 -19.44
N GLU H 50 -4.64 -19.60 -20.03
CA GLU H 50 -6.09 -19.53 -20.01
C GLU H 50 -6.66 -19.61 -18.59
N LEU H 51 -6.06 -20.47 -17.75
CA LEU H 51 -6.40 -20.51 -16.33
C LEU H 51 -6.02 -19.23 -15.59
N LYS H 52 -4.89 -18.60 -15.93
CA LYS H 52 -4.55 -17.30 -15.35
C LYS H 52 -5.61 -16.24 -15.62
N GLU H 53 -6.12 -16.18 -16.85
CA GLU H 53 -7.23 -15.27 -17.17
C GLU H 53 -8.46 -15.52 -16.30
N ALA H 54 -8.79 -16.78 -16.03
CA ALA H 54 -9.86 -17.08 -15.09
C ALA H 54 -9.60 -16.51 -13.69
N ILE H 55 -8.38 -16.66 -13.18
CA ILE H 55 -8.03 -16.00 -11.91
C ILE H 55 -8.13 -14.48 -12.00
N LYS H 56 -7.60 -13.87 -13.06
CA LYS H 56 -7.71 -12.42 -13.24
C LYS H 56 -9.16 -11.95 -13.27
N GLY H 57 -10.03 -12.65 -13.97
CA GLY H 57 -11.40 -12.23 -14.12
C GLY H 57 -12.33 -12.52 -12.96
N SER H 58 -11.80 -12.85 -11.78
CA SER H 58 -12.62 -13.23 -10.64
C SER H 58 -12.52 -12.18 -9.54
N LYS H 59 -13.67 -11.67 -9.10
CA LYS H 59 -13.68 -10.66 -8.03
C LYS H 59 -13.10 -11.23 -6.75
N ILE H 60 -13.44 -12.46 -6.40
CA ILE H 60 -13.05 -13.06 -5.12
C ILE H 60 -12.27 -14.33 -5.41
N ALA H 61 -11.16 -14.52 -4.69
CA ALA H 61 -10.45 -15.80 -4.63
C ALA H 61 -10.49 -16.35 -3.20
N ILE H 62 -10.78 -17.64 -3.08
CA ILE H 62 -10.83 -18.34 -1.80
C ILE H 62 -9.73 -19.39 -1.83
N VAL H 63 -8.79 -19.30 -0.89
CA VAL H 63 -7.62 -20.18 -0.87
C VAL H 63 -7.71 -21.10 0.35
N LEU H 64 -7.86 -22.41 0.10
CA LEU H 64 -7.92 -23.41 1.17
C LEU H 64 -6.53 -23.96 1.44
N LEU H 65 -5.86 -23.40 2.45
CA LEU H 65 -4.47 -23.73 2.73
C LEU H 65 -4.35 -24.91 3.68
N SER H 66 -3.49 -25.87 3.34
CA SER H 66 -3.36 -27.12 4.06
C SER H 66 -2.01 -27.72 3.69
N ARG H 67 -1.60 -28.76 4.44
CA ARG H 67 -0.39 -29.48 4.06
C ARG H 67 -0.51 -30.14 2.68
N LYS H 68 -1.69 -30.66 2.35
CA LYS H 68 -1.94 -31.12 0.99
C LYS H 68 -1.85 -30.02 -0.07
N TYR H 69 -2.27 -28.79 0.28
CA TYR H 69 -2.07 -27.67 -0.65
C TYR H 69 -0.59 -27.47 -0.98
N ALA H 70 0.30 -27.61 0.01
CA ALA H 70 1.72 -27.40 -0.19
C ALA H 70 2.41 -28.49 -1.01
N SER H 71 1.77 -29.65 -1.20
CA SER H 71 2.37 -30.73 -1.98
C SER H 71 2.04 -30.67 -3.48
N SER H 72 1.34 -29.64 -3.92
CA SER H 72 0.98 -29.48 -5.33
C SER H 72 1.62 -28.20 -5.87
N SER H 73 2.48 -28.36 -6.86
CA SER H 73 3.05 -27.22 -7.57
C SER H 73 1.97 -26.38 -8.24
N TRP H 74 0.98 -27.05 -8.83
CA TRP H 74 -0.15 -26.36 -9.46
C TRP H 74 -0.95 -25.51 -8.47
N CYS H 75 -1.24 -26.02 -7.27
CA CYS H 75 -1.86 -25.17 -6.25
C CYS H 75 -0.99 -23.97 -5.87
N LEU H 76 0.29 -24.20 -5.63
CA LEU H 76 1.19 -23.09 -5.31
C LEU H 76 1.29 -22.05 -6.42
N ASP H 77 1.34 -22.48 -7.67
CA ASP H 77 1.25 -21.53 -8.78
C ASP H 77 -0.05 -20.71 -8.77
N GLU H 78 -1.19 -21.36 -8.50
CA GLU H 78 -2.43 -20.61 -8.33
C GLU H 78 -2.35 -19.53 -7.25
N LEU H 79 -1.77 -19.86 -6.09
CA LEU H 79 -1.60 -18.87 -5.03
C LEU H 79 -0.80 -17.66 -5.49
N ALA H 80 0.32 -17.90 -6.17
CA ALA H 80 1.14 -16.80 -6.67
C ALA H 80 0.37 -15.87 -7.61
N GLU H 81 -0.39 -16.44 -8.55
CA GLU H 81 -1.23 -15.61 -9.42
C GLU H 81 -2.32 -14.85 -8.64
N ILE H 82 -2.98 -15.51 -7.70
CA ILE H 82 -3.95 -14.84 -6.83
C ILE H 82 -3.33 -13.69 -6.05
N MET H 83 -2.16 -13.91 -5.44
CA MET H 83 -1.52 -12.84 -4.66
C MET H 83 -1.15 -11.62 -5.48
N ILE H 84 -0.63 -11.79 -6.70
CA ILE H 84 -0.44 -10.61 -7.54
C ILE H 84 -1.76 -10.02 -8.07
N CYS H 85 -2.78 -10.85 -8.34
CA CYS H 85 -4.09 -10.26 -8.69
C CYS H 85 -4.65 -9.38 -7.59
N ARG H 86 -4.48 -9.78 -6.33
CA ARG H 86 -4.87 -8.89 -5.23
C ARG H 86 -4.13 -7.56 -5.30
N GLU H 87 -2.81 -7.61 -5.53
CA GLU H 87 -2.01 -6.39 -5.65
C GLU H 87 -2.32 -5.58 -6.91
N VAL H 88 -2.29 -6.21 -8.09
CA VAL H 88 -2.41 -5.46 -9.34
C VAL H 88 -3.86 -5.16 -9.75
N LEU H 89 -4.80 -6.06 -9.46
CA LEU H 89 -6.20 -5.85 -9.81
C LEU H 89 -6.94 -5.34 -8.58
N GLY H 90 -8.04 -5.95 -8.16
CA GLY H 90 -8.76 -5.52 -6.97
C GLY H 90 -9.31 -6.74 -6.29
N GLN H 91 -8.73 -7.89 -6.61
CA GLN H 91 -9.27 -9.16 -6.15
C GLN H 91 -9.20 -9.29 -4.63
N ILE H 92 -10.31 -9.73 -4.06
CA ILE H 92 -10.43 -9.94 -2.62
C ILE H 92 -10.02 -11.38 -2.35
N VAL H 93 -9.11 -11.59 -1.40
CA VAL H 93 -8.59 -12.91 -1.12
C VAL H 93 -9.03 -13.36 0.27
N MET H 94 -9.82 -14.43 0.32
CA MET H 94 -10.16 -15.11 1.56
C MET H 94 -9.22 -16.29 1.81
N THR H 95 -8.80 -16.44 3.05
CA THR H 95 -7.98 -17.55 3.49
C THR H 95 -8.80 -18.48 4.37
N ILE H 96 -8.62 -19.77 4.14
CA ILE H 96 -9.05 -20.80 5.08
C ILE H 96 -7.83 -21.61 5.47
N PHE H 97 -7.46 -21.56 6.74
CA PHE H 97 -6.30 -22.30 7.26
C PHE H 97 -6.83 -23.60 7.87
N TYR H 98 -6.64 -24.72 7.15
CA TYR H 98 -7.19 -26.01 7.56
C TYR H 98 -6.07 -26.88 8.14
N GLU H 99 -6.18 -27.18 9.43
CA GLU H 99 -5.18 -27.94 10.17
C GLU H 99 -3.76 -27.44 9.93
N VAL H 100 -3.59 -26.12 9.95
CA VAL H 100 -2.28 -25.52 9.76
C VAL H 100 -2.28 -24.17 10.45
N ASP H 101 -1.11 -23.75 10.91
CA ASP H 101 -0.97 -22.53 11.68
C ASP H 101 -0.29 -21.50 10.80
N PRO H 102 -0.80 -20.27 10.70
CA PRO H 102 -0.26 -19.35 9.67
C PRO H 102 1.19 -18.96 9.87
N THR H 103 1.73 -19.03 11.07
CA THR H 103 3.17 -18.83 11.23
C THR H 103 3.99 -19.87 10.45
N ASP H 104 3.55 -21.13 10.46
CA ASP H 104 4.14 -22.17 9.60
C ASP H 104 4.01 -21.85 8.10
N ILE H 105 2.86 -21.36 7.66
CA ILE H 105 2.72 -20.87 6.29
C ILE H 105 3.64 -19.68 6.02
N LYS H 106 3.70 -18.72 6.96
CA LYS H 106 4.48 -17.50 6.75
C LYS H 106 5.96 -17.78 6.55
N LYS H 107 6.55 -18.65 7.36
CA LYS H 107 7.98 -18.91 7.25
C LYS H 107 8.31 -20.36 6.87
N GLN H 108 7.31 -21.11 6.38
CA GLN H 108 7.50 -22.42 5.75
C GLN H 108 8.16 -23.43 6.69
N THR H 109 7.45 -23.72 7.79
CA THR H 109 7.97 -24.58 8.85
C THR H 109 6.94 -25.68 9.12
N GLY H 110 7.33 -26.63 9.96
CA GLY H 110 6.56 -27.82 10.29
C GLY H 110 6.20 -28.68 9.09
N GLU H 111 5.11 -29.43 9.25
CA GLU H 111 4.64 -30.34 8.21
C GLU H 111 4.32 -29.61 6.91
N PHE H 112 3.71 -28.42 7.01
CA PHE H 112 3.51 -27.59 5.83
C PHE H 112 4.83 -27.21 5.17
N GLY H 113 5.82 -26.80 5.97
CA GLY H 113 7.15 -26.55 5.44
C GLY H 113 7.83 -27.77 4.83
N LYS H 114 7.67 -28.94 5.46
CA LYS H 114 8.16 -30.19 4.90
C LYS H 114 7.51 -30.52 3.56
N ALA H 115 6.19 -30.39 3.46
CA ALA H 115 5.51 -30.57 2.18
C ALA H 115 5.96 -29.57 1.11
N PHE H 116 6.07 -28.30 1.47
CA PHE H 116 6.60 -27.28 0.56
C PHE H 116 8.03 -27.58 0.11
N THR H 117 8.91 -27.92 1.05
CA THR H 117 10.31 -28.21 0.69
C THR H 117 10.44 -29.39 -0.25
N LYS H 118 9.66 -30.46 -0.02
CA LYS H 118 9.61 -31.55 -0.99
C LYS H 118 9.09 -31.14 -2.36
N THR H 119 8.02 -30.34 -2.42
CA THR H 119 7.51 -29.84 -3.71
C THR H 119 8.55 -29.00 -4.47
N CYS H 120 9.37 -28.22 -3.76
CA CYS H 120 10.43 -27.41 -4.36
C CYS H 120 11.61 -28.20 -4.93
N ARG H 121 11.68 -29.51 -4.71
CA ARG H 121 12.85 -30.28 -5.16
C ARG H 121 13.14 -30.16 -6.66
N GLY H 122 12.13 -30.29 -7.51
CA GLY H 122 12.42 -30.27 -8.94
C GLY H 122 12.55 -28.90 -9.58
N LYS H 123 11.94 -27.83 -8.95
CA LYS H 123 11.61 -26.58 -9.63
C LYS H 123 12.74 -25.54 -9.58
N PRO H 124 12.85 -24.73 -10.65
CA PRO H 124 13.78 -23.59 -10.63
C PRO H 124 13.49 -22.59 -9.50
N LYS H 125 14.56 -21.98 -8.99
CA LYS H 125 14.47 -21.10 -7.83
C LYS H 125 13.57 -19.89 -8.05
N GLU H 126 13.50 -19.35 -9.28
CA GLU H 126 12.57 -18.26 -9.56
C GLU H 126 11.11 -18.65 -9.32
N GLN H 127 10.70 -19.85 -9.74
CA GLN H 127 9.38 -20.35 -9.37
C GLN H 127 9.24 -20.57 -7.86
N VAL H 128 10.26 -21.15 -7.23
CA VAL H 128 10.27 -21.30 -5.77
C VAL H 128 10.14 -19.96 -5.06
N GLU H 129 10.85 -18.94 -5.55
CA GLU H 129 10.71 -17.60 -4.98
C GLU H 129 9.29 -17.05 -5.09
N ARG H 130 8.64 -17.24 -6.24
CA ARG H 130 7.23 -16.86 -6.36
C ARG H 130 6.35 -17.54 -5.32
N TRP H 131 6.52 -18.86 -5.14
CA TRP H 131 5.79 -19.57 -4.10
C TRP H 131 6.09 -19.08 -2.69
N ARG H 132 7.37 -18.92 -2.33
CA ARG H 132 7.68 -18.52 -0.96
C ARG H 132 7.16 -17.13 -0.62
N LYS H 133 7.32 -16.15 -1.51
CA LYS H 133 6.75 -14.82 -1.27
C LYS H 133 5.23 -14.86 -1.18
N ALA H 134 4.57 -15.57 -2.10
CA ALA H 134 3.12 -15.70 -2.03
C ALA H 134 2.64 -16.34 -0.73
N LEU H 135 3.29 -17.42 -0.29
CA LEU H 135 3.01 -17.99 1.03
C LEU H 135 3.29 -17.01 2.16
N GLU H 136 4.43 -16.34 2.11
CA GLU H 136 4.76 -15.32 3.10
C GLU H 136 3.76 -14.18 3.12
N ASP H 137 3.37 -13.67 1.95
CA ASP H 137 2.30 -12.67 1.87
C ASP H 137 0.93 -13.20 2.32
N VAL H 138 0.54 -14.41 1.90
CA VAL H 138 -0.84 -14.82 2.16
C VAL H 138 -1.09 -15.15 3.63
N ALA H 139 -0.06 -15.51 4.39
CA ALA H 139 -0.23 -15.89 5.78
C ALA H 139 -0.67 -14.75 6.69
N THR H 140 -0.55 -13.51 6.25
CA THR H 140 -0.97 -12.37 7.04
C THR H 140 -2.37 -11.88 6.70
N ILE H 141 -3.09 -12.55 5.80
CA ILE H 141 -4.49 -12.27 5.57
C ILE H 141 -5.30 -13.02 6.63
N ALA H 142 -5.98 -12.28 7.49
CA ALA H 142 -6.90 -12.90 8.46
C ALA H 142 -8.03 -13.63 7.76
N GLY H 143 -8.35 -14.81 8.26
CA GLY H 143 -9.41 -15.62 7.67
C GLY H 143 -9.84 -16.71 8.64
N TYR H 144 -10.37 -17.80 8.08
CA TYR H 144 -10.96 -18.88 8.87
C TYR H 144 -9.90 -19.87 9.34
N HIS H 145 -9.94 -20.20 10.63
CA HIS H 145 -9.09 -21.21 11.21
C HIS H 145 -9.92 -22.46 11.45
N SER H 146 -9.69 -23.50 10.65
CA SER H 146 -10.66 -24.55 10.46
C SER H 146 -10.05 -25.92 10.78
N HIS H 147 -10.93 -26.86 11.15
CA HIS H 147 -10.54 -28.18 11.61
C HIS H 147 -11.55 -29.21 11.11
N LYS H 148 -11.20 -30.49 11.27
CA LYS H 148 -12.05 -31.58 10.83
C LYS H 148 -13.38 -31.66 11.58
N TRP H 149 -13.46 -31.13 12.80
CA TRP H 149 -14.68 -31.24 13.59
C TRP H 149 -15.66 -30.07 13.37
N CYS H 150 -15.33 -29.09 12.54
CA CYS H 150 -16.21 -27.96 12.29
C CYS H 150 -17.52 -28.41 11.65
N ASP H 151 -18.63 -27.82 12.08
CA ASP H 151 -19.91 -28.04 11.41
C ASP H 151 -19.89 -27.49 9.98
N GLU H 152 -20.37 -28.30 9.03
CA GLU H 152 -20.56 -27.82 7.66
C GLU H 152 -21.51 -26.63 7.60
N ALA H 153 -22.63 -26.72 8.32
CA ALA H 153 -23.64 -25.65 8.30
C ALA H 153 -23.06 -24.32 8.79
N GLU H 154 -22.28 -24.33 9.86
CA GLU H 154 -21.63 -23.12 10.33
C GLU H 154 -20.68 -22.53 9.29
N MET H 155 -19.79 -23.36 8.75
CA MET H 155 -18.82 -22.90 7.76
C MET H 155 -19.47 -22.43 6.46
N ILE H 156 -20.41 -23.20 5.92
CA ILE H 156 -21.11 -22.79 4.70
C ILE H 156 -21.85 -21.47 4.89
N GLU H 157 -22.58 -21.32 5.99
CA GLU H 157 -23.27 -20.06 6.27
C GLU H 157 -22.32 -18.87 6.40
N LYS H 158 -21.27 -19.01 7.20
CA LYS H 158 -20.31 -17.93 7.38
C LYS H 158 -19.54 -17.56 6.11
N ILE H 159 -18.99 -18.57 5.43
CA ILE H 159 -18.26 -18.32 4.18
C ILE H 159 -19.15 -17.75 3.08
N SER H 160 -20.34 -18.32 2.87
CA SER H 160 -21.25 -17.78 1.87
C SER H 160 -21.74 -16.36 2.18
N THR H 161 -22.06 -16.08 3.45
CA THR H 161 -22.42 -14.71 3.83
C THR H 161 -21.30 -13.71 3.60
N ASP H 162 -20.05 -14.09 3.88
CA ASP H 162 -18.92 -13.26 3.50
C ASP H 162 -18.85 -13.00 1.99
N VAL H 163 -19.01 -14.05 1.18
CA VAL H 163 -19.01 -13.88 -0.28
C VAL H 163 -20.12 -12.95 -0.74
N SER H 164 -21.35 -13.17 -0.26
CA SER H 164 -22.47 -12.29 -0.60
C SER H 164 -22.26 -10.85 -0.14
N ASN H 165 -21.70 -10.66 1.05
CA ASN H 165 -21.30 -9.31 1.47
C ASN H 165 -20.24 -8.71 0.55
N MET H 166 -19.19 -9.48 0.24
CA MET H 166 -18.10 -8.97 -0.61
C MET H 166 -18.55 -8.64 -2.03
N LEU H 167 -19.36 -9.48 -2.65
CA LEU H 167 -19.97 -9.14 -3.93
C LEU H 167 -20.96 -7.99 -3.82
N ASP H 168 -20.78 -6.99 -4.68
CA ASP H 168 -21.64 -5.81 -4.74
C ASP H 168 -22.74 -6.02 -5.78
#